data_2KNJ
#
_entry.id   2KNJ
#
_entity_poly.entity_id   1
_entity_poly.type   'polypeptide(L)'
_entity_poly.pdbx_seq_one_letter_code
;HHQELCTKGDDALVTELECIRLRISPETNAAFDNAVQQLNCLNRACAYRKMCATNNLEQAMSVYFTNEQIKEIHDAATAC
DPEAHHEHDH
;
_entity_poly.pdbx_strand_id   A
#
# COMPACT_ATOMS: atom_id res chain seq x y z
N HIS A 1 13.75 -8.16 -9.12
CA HIS A 1 14.19 -9.47 -9.65
C HIS A 1 13.38 -9.84 -10.89
N HIS A 2 12.15 -10.30 -10.66
CA HIS A 2 11.25 -10.73 -11.71
C HIS A 2 10.04 -11.42 -11.09
N GLN A 3 10.27 -12.60 -10.54
CA GLN A 3 9.23 -13.33 -9.82
C GLN A 3 9.12 -12.80 -8.39
N GLU A 4 9.15 -11.50 -8.27
CA GLU A 4 9.17 -10.83 -6.98
C GLU A 4 8.11 -9.73 -6.97
N LEU A 5 7.09 -9.91 -7.81
CA LEU A 5 5.99 -8.96 -7.91
C LEU A 5 4.95 -9.31 -6.85
N CYS A 6 5.40 -9.35 -5.61
CA CYS A 6 4.63 -9.89 -4.50
C CYS A 6 4.47 -11.39 -4.66
N THR A 7 5.49 -12.12 -4.23
CA THR A 7 5.57 -13.56 -4.46
C THR A 7 4.67 -14.31 -3.48
N LYS A 8 4.00 -13.58 -2.59
CA LYS A 8 2.97 -14.18 -1.74
C LYS A 8 1.68 -14.35 -2.55
N GLY A 9 1.82 -14.15 -3.85
CA GLY A 9 0.79 -14.46 -4.79
C GLY A 9 -0.35 -13.48 -4.76
N ASP A 10 -1.27 -13.64 -5.69
CA ASP A 10 -2.45 -12.81 -5.75
C ASP A 10 -3.30 -13.09 -4.53
N ASP A 11 -3.15 -14.29 -3.98
CA ASP A 11 -3.94 -14.72 -2.84
C ASP A 11 -3.64 -13.86 -1.61
N ALA A 12 -2.37 -13.75 -1.24
CA ALA A 12 -2.01 -12.93 -0.09
C ALA A 12 -2.10 -11.46 -0.43
N LEU A 13 -1.97 -11.15 -1.73
CA LEU A 13 -2.19 -9.78 -2.20
C LEU A 13 -3.66 -9.40 -2.02
N VAL A 14 -4.53 -10.39 -2.13
CA VAL A 14 -5.95 -10.23 -1.86
C VAL A 14 -6.22 -10.14 -0.36
N THR A 15 -5.41 -10.82 0.43
CA THR A 15 -5.45 -10.63 1.87
C THR A 15 -5.12 -9.18 2.18
N GLU A 16 -3.99 -8.72 1.64
CA GLU A 16 -3.61 -7.33 1.74
C GLU A 16 -4.66 -6.45 1.08
N LEU A 17 -5.30 -6.94 0.03
CA LEU A 17 -6.39 -6.24 -0.64
C LEU A 17 -7.43 -5.77 0.38
N GLU A 18 -7.90 -6.71 1.19
CA GLU A 18 -8.88 -6.41 2.22
C GLU A 18 -8.26 -5.56 3.32
N CYS A 19 -6.95 -5.68 3.49
CA CYS A 19 -6.23 -4.91 4.49
C CYS A 19 -5.82 -3.56 3.92
N ILE A 20 -6.13 -3.35 2.65
CA ILE A 20 -6.06 -2.04 2.03
C ILE A 20 -7.46 -1.39 2.03
N ARG A 21 -8.49 -2.24 1.94
CA ARG A 21 -9.86 -1.78 1.81
C ARG A 21 -10.45 -1.39 3.16
N LEU A 22 -9.74 -1.71 4.22
CA LEU A 22 -10.20 -1.43 5.57
C LEU A 22 -10.21 0.07 5.87
N ARG A 23 -10.05 0.88 4.81
CA ARG A 23 -9.97 2.35 4.90
C ARG A 23 -8.69 2.80 5.60
N ILE A 24 -8.02 1.84 6.22
CA ILE A 24 -6.74 2.04 6.90
C ILE A 24 -6.88 3.10 8.00
N SER A 25 -6.00 4.08 8.01
CA SER A 25 -6.04 5.13 9.02
C SER A 25 -5.20 6.34 8.61
N PRO A 26 -3.90 6.12 8.25
CA PRO A 26 -2.99 7.17 7.73
C PRO A 26 -3.55 8.02 6.57
N GLU A 27 -2.66 8.76 5.91
CA GLU A 27 -3.01 9.53 4.70
C GLU A 27 -3.42 8.61 3.55
N THR A 28 -3.40 7.32 3.84
CA THR A 28 -3.79 6.27 2.89
C THR A 28 -4.84 6.72 1.87
N ASN A 29 -5.93 7.31 2.32
CA ASN A 29 -7.01 7.63 1.41
C ASN A 29 -6.61 8.76 0.49
N ALA A 30 -6.22 9.89 1.04
CA ALA A 30 -5.80 11.03 0.23
C ALA A 30 -4.63 10.63 -0.69
N ALA A 31 -3.60 10.09 -0.06
CA ALA A 31 -2.35 9.76 -0.74
C ALA A 31 -2.55 8.75 -1.85
N PHE A 32 -2.93 7.52 -1.51
CA PHE A 32 -3.13 6.51 -2.53
C PHE A 32 -4.21 6.92 -3.52
N ASP A 33 -5.19 7.72 -3.10
CA ASP A 33 -6.31 8.02 -3.99
C ASP A 33 -5.79 8.77 -5.18
N ASN A 34 -5.01 9.82 -4.96
CA ASN A 34 -4.39 10.54 -6.08
C ASN A 34 -3.19 9.77 -6.64
N ALA A 35 -2.70 8.82 -5.88
CA ALA A 35 -1.61 7.96 -6.34
C ALA A 35 -2.09 6.94 -7.38
N VAL A 36 -3.01 6.08 -6.98
CA VAL A 36 -3.61 5.13 -7.88
C VAL A 36 -4.58 5.86 -8.82
N GLN A 37 -4.76 7.14 -8.55
CA GLN A 37 -5.30 8.08 -9.54
C GLN A 37 -4.35 8.21 -10.71
N GLN A 38 -3.07 8.45 -10.42
CA GLN A 38 -2.00 8.49 -11.43
C GLN A 38 -2.07 7.25 -12.30
N LEU A 39 -1.87 6.11 -11.65
CA LEU A 39 -1.83 4.82 -12.35
C LEU A 39 -3.19 4.52 -12.92
N ASN A 40 -4.18 5.10 -12.24
CA ASN A 40 -5.58 5.00 -12.61
C ASN A 40 -6.03 3.56 -12.66
N CYS A 41 -5.47 2.78 -11.74
CA CYS A 41 -5.87 1.40 -11.56
C CYS A 41 -7.24 1.34 -10.90
N LEU A 42 -7.62 2.47 -10.28
CA LEU A 42 -8.82 2.57 -9.44
C LEU A 42 -8.63 1.75 -8.16
N ASN A 43 -8.33 0.48 -8.35
CA ASN A 43 -8.02 -0.42 -7.27
C ASN A 43 -6.63 -0.12 -6.70
N ARG A 44 -6.60 0.13 -5.39
CA ARG A 44 -5.40 0.58 -4.72
C ARG A 44 -4.40 -0.55 -4.55
N ALA A 45 -4.87 -1.78 -4.74
CA ALA A 45 -3.99 -2.94 -4.66
C ALA A 45 -3.09 -3.02 -5.88
N CYS A 46 -3.61 -2.56 -7.02
CA CYS A 46 -2.82 -2.45 -8.25
C CYS A 46 -1.66 -1.51 -7.99
N ALA A 47 -2.00 -0.43 -7.32
CA ALA A 47 -1.05 0.57 -6.90
C ALA A 47 0.02 -0.03 -6.01
N TYR A 48 -0.41 -0.52 -4.85
CA TYR A 48 0.48 -1.10 -3.84
C TYR A 48 1.33 -2.22 -4.42
N ARG A 49 0.71 -3.09 -5.21
CA ARG A 49 1.42 -4.24 -5.75
C ARG A 49 2.38 -3.85 -6.88
N LYS A 50 2.13 -2.73 -7.54
CA LYS A 50 3.01 -2.32 -8.61
C LYS A 50 4.24 -1.66 -8.02
N MET A 51 4.09 -1.01 -6.87
CA MET A 51 5.25 -0.57 -6.10
C MET A 51 6.04 -1.79 -5.64
N CYS A 52 5.30 -2.79 -5.19
CA CYS A 52 5.86 -4.08 -4.81
C CYS A 52 6.60 -4.71 -6.00
N ALA A 53 6.12 -4.42 -7.20
CA ALA A 53 6.74 -4.90 -8.42
C ALA A 53 7.95 -4.06 -8.80
N THR A 54 7.72 -2.78 -9.07
CA THR A 54 8.77 -1.88 -9.50
C THR A 54 8.31 -0.42 -9.41
N ASN A 55 7.56 -0.11 -8.35
CA ASN A 55 7.03 1.23 -8.07
C ASN A 55 5.94 1.62 -9.08
N ASN A 56 5.19 2.67 -8.73
CA ASN A 56 4.03 3.08 -9.52
C ASN A 56 3.25 4.15 -8.78
N LEU A 57 2.59 3.73 -7.71
CA LEU A 57 1.68 4.60 -6.97
C LEU A 57 2.43 5.59 -6.11
N GLU A 58 3.66 5.22 -5.77
CA GLU A 58 4.44 5.95 -4.79
C GLU A 58 4.67 7.41 -5.17
N GLN A 59 4.42 7.76 -6.41
CA GLN A 59 4.61 9.12 -6.88
C GLN A 59 3.79 10.14 -6.05
N ALA A 60 2.47 10.11 -6.21
CA ALA A 60 1.61 11.09 -5.57
C ALA A 60 1.45 10.83 -4.08
N MET A 61 1.12 9.59 -3.75
CA MET A 61 1.05 9.18 -2.35
C MET A 61 2.27 9.66 -1.55
N SER A 62 3.50 9.47 -2.07
CA SER A 62 4.70 9.88 -1.34
C SER A 62 4.87 11.40 -1.34
N VAL A 63 4.27 12.08 -2.33
CA VAL A 63 4.19 13.54 -2.30
C VAL A 63 3.33 14.00 -1.12
N TYR A 64 2.24 13.29 -0.89
CA TYR A 64 1.30 13.62 0.17
C TYR A 64 1.80 13.21 1.55
N PHE A 65 2.01 11.91 1.74
CA PHE A 65 2.45 11.41 3.03
C PHE A 65 3.98 11.40 3.12
N THR A 66 4.50 11.25 4.31
CA THR A 66 5.94 11.17 4.50
C THR A 66 6.39 9.71 4.56
N ASN A 67 7.70 9.47 4.57
CA ASN A 67 8.22 8.11 4.65
C ASN A 67 7.72 7.41 5.91
N GLU A 68 7.72 8.13 7.02
CA GLU A 68 7.22 7.60 8.28
C GLU A 68 5.73 7.29 8.18
N GLN A 69 5.01 8.18 7.51
CA GLN A 69 3.58 8.02 7.29
C GLN A 69 3.30 6.71 6.54
N ILE A 70 4.10 6.43 5.53
CA ILE A 70 3.89 5.24 4.73
C ILE A 70 4.54 4.00 5.37
N LYS A 71 5.35 4.22 6.39
CA LYS A 71 5.72 3.12 7.27
C LYS A 71 4.46 2.62 7.95
N GLU A 72 3.69 3.57 8.47
CA GLU A 72 2.41 3.27 9.09
C GLU A 72 1.51 2.52 8.13
N ILE A 73 1.24 3.12 6.96
CA ILE A 73 0.35 2.50 5.97
C ILE A 73 0.95 1.23 5.40
N HIS A 74 2.26 1.05 5.55
CA HIS A 74 2.92 -0.19 5.16
C HIS A 74 2.38 -1.34 6.00
N ASP A 75 2.59 -1.25 7.31
CA ASP A 75 2.13 -2.31 8.20
C ASP A 75 0.62 -2.21 8.36
N ALA A 76 0.09 -1.04 8.08
CA ALA A 76 -1.34 -0.82 8.05
C ALA A 76 -2.00 -1.65 6.96
N ALA A 77 -1.50 -1.55 5.76
CA ALA A 77 -2.17 -2.16 4.62
C ALA A 77 -1.76 -3.62 4.44
N THR A 78 -0.62 -4.01 4.99
CA THR A 78 -0.19 -5.41 4.93
C THR A 78 -0.72 -6.19 6.14
N ALA A 79 -0.63 -5.58 7.33
CA ALA A 79 -1.10 -6.24 8.54
C ALA A 79 -2.52 -5.85 8.88
N CYS A 80 -3.07 -4.92 8.08
CA CYS A 80 -4.37 -4.32 8.34
C CYS A 80 -4.34 -3.70 9.74
N ASP A 81 -3.27 -2.95 9.98
CA ASP A 81 -2.91 -2.48 11.31
C ASP A 81 -2.28 -1.08 11.23
N PRO A 82 -3.10 -0.02 11.05
CA PRO A 82 -2.63 1.32 10.75
C PRO A 82 -2.49 2.20 11.98
N GLU A 83 -2.82 1.62 13.11
CA GLU A 83 -2.88 2.39 14.34
C GLU A 83 -2.02 1.76 15.41
N ALA A 84 -2.00 0.44 15.44
CA ALA A 84 -1.29 -0.28 16.47
C ALA A 84 0.20 0.00 16.40
N HIS A 85 0.76 -0.13 15.20
CA HIS A 85 2.18 0.00 15.00
C HIS A 85 2.47 0.88 13.78
N HIS A 86 3.49 1.71 13.90
CA HIS A 86 4.01 2.44 12.75
C HIS A 86 4.83 1.48 11.92
N GLU A 87 5.46 0.53 12.62
CA GLU A 87 6.17 -0.54 11.99
C GLU A 87 6.07 -1.78 12.88
N HIS A 88 5.51 -2.86 12.35
CA HIS A 88 5.47 -4.12 13.07
C HIS A 88 6.83 -4.79 12.92
N ASP A 89 7.33 -4.77 11.68
CA ASP A 89 8.70 -5.18 11.35
C ASP A 89 8.96 -6.67 11.53
N HIS A 90 8.84 -7.14 12.76
CA HIS A 90 9.16 -8.53 13.09
C HIS A 90 7.94 -9.24 13.63
N HIS A 1 7.48 -15.87 -8.37
CA HIS A 1 6.01 -15.79 -8.49
C HIS A 1 5.62 -14.59 -9.37
N HIS A 2 5.91 -14.72 -10.66
CA HIS A 2 5.48 -13.76 -11.67
C HIS A 2 6.02 -12.35 -11.38
N GLN A 3 7.35 -12.24 -11.32
CA GLN A 3 8.04 -10.96 -11.09
C GLN A 3 7.60 -10.35 -9.76
N GLU A 4 7.45 -11.22 -8.77
CA GLU A 4 7.23 -10.85 -7.37
C GLU A 4 6.31 -9.66 -7.22
N LEU A 5 5.03 -9.87 -7.52
CA LEU A 5 4.00 -8.85 -7.38
C LEU A 5 4.07 -8.18 -6.01
N CYS A 6 4.44 -8.95 -5.00
CA CYS A 6 4.67 -8.41 -3.66
C CYS A 6 5.29 -9.47 -2.76
N THR A 7 6.08 -10.36 -3.37
CA THR A 7 6.80 -11.42 -2.67
C THR A 7 5.85 -12.52 -2.16
N LYS A 8 4.81 -12.11 -1.44
CA LYS A 8 3.90 -13.02 -0.77
C LYS A 8 2.79 -13.51 -1.72
N GLY A 9 3.12 -13.56 -3.00
CA GLY A 9 2.20 -14.05 -3.99
C GLY A 9 0.99 -13.18 -4.18
N ASP A 10 0.20 -13.49 -5.19
CA ASP A 10 -1.06 -12.79 -5.43
C ASP A 10 -2.07 -13.19 -4.37
N ASP A 11 -1.83 -14.34 -3.74
CA ASP A 11 -2.66 -14.82 -2.65
C ASP A 11 -2.66 -13.82 -1.49
N ALA A 12 -1.49 -13.52 -0.96
CA ALA A 12 -1.42 -12.62 0.18
C ALA A 12 -1.54 -11.17 -0.28
N LEU A 13 -1.30 -10.93 -1.56
CA LEU A 13 -1.57 -9.62 -2.15
C LEU A 13 -3.07 -9.33 -2.06
N VAL A 14 -3.88 -10.35 -2.36
CA VAL A 14 -5.32 -10.32 -2.17
C VAL A 14 -5.66 -10.05 -0.71
N THR A 15 -4.97 -10.74 0.20
CA THR A 15 -5.13 -10.46 1.62
C THR A 15 -4.83 -8.99 1.91
N GLU A 16 -3.66 -8.55 1.47
CA GLU A 16 -3.29 -7.15 1.60
C GLU A 16 -4.31 -6.27 0.90
N LEU A 17 -4.88 -6.76 -0.20
CA LEU A 17 -5.81 -6.00 -0.99
C LEU A 17 -7.00 -5.58 -0.11
N GLU A 18 -7.53 -6.54 0.63
CA GLU A 18 -8.61 -6.29 1.58
C GLU A 18 -8.14 -5.36 2.69
N CYS A 19 -6.86 -5.47 3.03
CA CYS A 19 -6.28 -4.69 4.11
C CYS A 19 -5.77 -3.35 3.58
N ILE A 20 -5.92 -3.14 2.29
CA ILE A 20 -5.72 -1.84 1.67
C ILE A 20 -7.05 -1.09 1.66
N ARG A 21 -8.12 -1.84 1.44
CA ARG A 21 -9.48 -1.29 1.36
C ARG A 21 -10.12 -1.18 2.74
N LEU A 22 -9.43 -1.64 3.76
CA LEU A 22 -9.97 -1.71 5.13
C LEU A 22 -10.32 -0.34 5.73
N ARG A 23 -10.35 0.69 4.87
CA ARG A 23 -10.46 2.08 5.31
C ARG A 23 -9.32 2.40 6.26
N ILE A 24 -8.14 2.56 5.70
CA ILE A 24 -6.94 2.78 6.49
C ILE A 24 -7.00 4.14 7.18
N SER A 25 -6.07 4.36 8.09
CA SER A 25 -6.15 5.48 9.02
C SER A 25 -5.15 6.62 8.67
N PRO A 26 -3.86 6.29 8.36
CA PRO A 26 -2.87 7.28 7.87
C PRO A 26 -3.34 8.18 6.71
N GLU A 27 -2.39 8.85 6.06
CA GLU A 27 -2.67 9.68 4.87
C GLU A 27 -3.20 8.85 3.72
N THR A 28 -3.32 7.54 3.96
CA THR A 28 -3.80 6.57 3.00
C THR A 28 -4.83 7.13 2.01
N ASN A 29 -5.90 7.73 2.49
CA ASN A 29 -6.99 8.13 1.61
C ASN A 29 -6.56 9.30 0.74
N ALA A 30 -5.95 10.30 1.34
CA ALA A 30 -5.46 11.45 0.59
C ALA A 30 -4.40 11.00 -0.43
N ALA A 31 -3.37 10.36 0.10
CA ALA A 31 -2.23 9.97 -0.72
C ALA A 31 -2.60 8.94 -1.77
N PHE A 32 -2.98 7.74 -1.35
CA PHE A 32 -3.31 6.67 -2.29
C PHE A 32 -4.42 7.07 -3.25
N ASP A 33 -5.42 7.82 -2.82
CA ASP A 33 -6.52 8.13 -3.72
C ASP A 33 -6.01 8.98 -4.85
N ASN A 34 -5.20 9.98 -4.51
CA ASN A 34 -4.53 10.82 -5.50
C ASN A 34 -3.50 10.00 -6.29
N ALA A 35 -2.88 9.06 -5.61
CA ALA A 35 -1.82 8.27 -6.19
C ALA A 35 -2.34 7.19 -7.13
N VAL A 36 -3.21 6.36 -6.61
CA VAL A 36 -3.85 5.33 -7.40
C VAL A 36 -4.63 5.99 -8.52
N GLN A 37 -5.06 7.22 -8.27
CA GLN A 37 -5.60 8.10 -9.28
C GLN A 37 -4.63 8.25 -10.46
N GLN A 38 -3.36 8.58 -10.17
CA GLN A 38 -2.33 8.70 -11.20
C GLN A 38 -2.22 7.44 -12.03
N LEU A 39 -1.78 6.38 -11.36
CA LEU A 39 -1.48 5.12 -12.03
C LEU A 39 -2.73 4.55 -12.66
N ASN A 40 -3.84 4.68 -11.94
CA ASN A 40 -5.11 4.08 -12.34
C ASN A 40 -4.90 2.67 -12.86
N CYS A 41 -4.16 1.91 -12.05
CA CYS A 41 -3.80 0.53 -12.36
C CYS A 41 -5.05 -0.30 -12.64
N LEU A 42 -6.06 -0.07 -11.81
CA LEU A 42 -7.32 -0.80 -11.84
C LEU A 42 -8.09 -0.48 -10.57
N ASN A 43 -7.34 -0.34 -9.49
CA ASN A 43 -7.89 -0.04 -8.18
C ASN A 43 -6.76 0.18 -7.20
N ARG A 44 -7.07 0.46 -5.95
CA ARG A 44 -6.04 0.73 -4.95
C ARG A 44 -5.16 -0.50 -4.76
N ALA A 45 -5.72 -1.67 -5.01
CA ALA A 45 -4.99 -2.92 -4.85
C ALA A 45 -3.92 -3.06 -5.91
N CYS A 46 -4.28 -2.80 -7.17
CA CYS A 46 -3.36 -2.89 -8.29
C CYS A 46 -2.25 -1.87 -8.11
N ALA A 47 -2.60 -0.78 -7.45
CA ALA A 47 -1.68 0.28 -7.15
C ALA A 47 -0.58 -0.20 -6.22
N TYR A 48 -0.99 -0.72 -5.07
CA TYR A 48 -0.06 -1.22 -4.07
C TYR A 48 0.69 -2.43 -4.64
N ARG A 49 -0.02 -3.19 -5.48
CA ARG A 49 0.56 -4.31 -6.19
C ARG A 49 1.78 -3.87 -7.02
N LYS A 50 1.64 -2.79 -7.76
CA LYS A 50 2.70 -2.38 -8.66
C LYS A 50 3.75 -1.65 -7.85
N MET A 51 3.31 -1.00 -6.77
CA MET A 51 4.22 -0.33 -5.86
C MET A 51 5.13 -1.34 -5.19
N CYS A 52 4.56 -2.49 -4.82
CA CYS A 52 5.29 -3.54 -4.15
C CYS A 52 6.14 -4.32 -5.16
N ALA A 53 5.74 -4.28 -6.43
CA ALA A 53 6.48 -4.92 -7.49
C ALA A 53 7.63 -4.03 -7.99
N THR A 54 7.29 -2.96 -8.70
CA THR A 54 8.30 -2.08 -9.28
C THR A 54 7.98 -0.61 -8.99
N ASN A 55 7.20 -0.39 -7.93
CA ASN A 55 6.72 0.94 -7.57
C ASN A 55 5.70 1.45 -8.59
N ASN A 56 4.94 2.47 -8.21
CA ASN A 56 3.80 2.94 -8.99
C ASN A 56 2.98 3.90 -8.15
N LEU A 57 2.32 3.34 -7.14
CA LEU A 57 1.49 4.09 -6.19
C LEU A 57 2.26 5.28 -5.62
N GLU A 58 3.56 5.06 -5.43
CA GLU A 58 4.38 5.98 -4.66
C GLU A 58 4.57 7.32 -5.33
N GLN A 59 4.12 7.46 -6.57
CA GLN A 59 4.27 8.71 -7.27
C GLN A 59 3.64 9.87 -6.47
N ALA A 60 2.32 9.90 -6.36
CA ALA A 60 1.65 10.97 -5.63
C ALA A 60 1.60 10.67 -4.15
N MET A 61 1.17 9.46 -3.81
CA MET A 61 1.13 9.04 -2.41
C MET A 61 2.45 9.38 -1.70
N SER A 62 3.60 9.07 -2.31
CA SER A 62 4.87 9.33 -1.62
C SER A 62 5.21 10.82 -1.66
N VAL A 63 4.78 11.53 -2.72
CA VAL A 63 4.88 12.99 -2.71
C VAL A 63 4.06 13.58 -1.55
N TYR A 64 2.92 12.94 -1.26
CA TYR A 64 2.02 13.39 -0.21
C TYR A 64 2.51 13.02 1.19
N PHE A 65 2.53 11.73 1.51
CA PHE A 65 2.89 11.29 2.85
C PHE A 65 4.41 11.17 2.99
N THR A 66 4.88 10.96 4.21
CA THR A 66 6.29 10.75 4.45
C THR A 66 6.64 9.27 4.40
N ASN A 67 7.92 8.95 4.32
CA ASN A 67 8.36 7.56 4.28
C ASN A 67 7.96 6.84 5.57
N GLU A 68 8.01 7.56 6.67
CA GLU A 68 7.59 7.01 7.95
C GLU A 68 6.08 6.82 7.98
N GLN A 69 5.38 7.75 7.34
CA GLN A 69 3.93 7.69 7.24
C GLN A 69 3.50 6.41 6.55
N ILE A 70 4.15 6.11 5.43
CA ILE A 70 3.80 4.94 4.66
C ILE A 70 4.36 3.66 5.29
N LYS A 71 5.31 3.82 6.19
CA LYS A 71 5.68 2.71 7.07
C LYS A 71 4.43 2.26 7.84
N GLU A 72 3.77 3.25 8.44
CA GLU A 72 2.54 3.00 9.16
C GLU A 72 1.46 2.41 8.24
N ILE A 73 1.21 3.03 7.09
CA ILE A 73 0.21 2.52 6.16
C ILE A 73 0.67 1.20 5.54
N HIS A 74 1.94 0.83 5.68
CA HIS A 74 2.38 -0.44 5.13
C HIS A 74 1.96 -1.58 6.03
N ASP A 75 2.19 -1.46 7.35
CA ASP A 75 1.67 -2.45 8.27
C ASP A 75 0.16 -2.33 8.26
N ALA A 76 -0.31 -1.12 8.03
CA ALA A 76 -1.72 -0.84 7.93
C ALA A 76 -2.36 -1.57 6.76
N ALA A 77 -1.74 -1.48 5.60
CA ALA A 77 -2.34 -2.03 4.41
C ALA A 77 -1.97 -3.50 4.20
N THR A 78 -1.00 -3.98 4.96
CA THR A 78 -0.63 -5.39 4.91
C THR A 78 -1.34 -6.15 6.05
N ALA A 79 -1.26 -5.60 7.24
CA ALA A 79 -1.83 -6.21 8.44
C ALA A 79 -3.23 -5.67 8.70
N CYS A 80 -3.66 -4.72 7.86
CA CYS A 80 -4.93 -4.04 8.03
C CYS A 80 -4.97 -3.38 9.40
N ASP A 81 -3.85 -2.73 9.73
CA ASP A 81 -3.60 -2.21 11.07
C ASP A 81 -2.86 -0.88 11.01
N PRO A 82 -3.57 0.24 10.82
CA PRO A 82 -2.97 1.54 10.59
C PRO A 82 -2.59 2.28 11.85
N GLU A 83 -1.28 2.31 12.12
CA GLU A 83 -0.74 3.09 13.25
C GLU A 83 -1.08 2.40 14.56
N ALA A 84 -1.38 1.12 14.46
CA ALA A 84 -1.52 0.29 15.64
C ALA A 84 -0.32 -0.63 15.75
N HIS A 85 0.38 -0.75 14.63
CA HIS A 85 1.57 -1.58 14.53
C HIS A 85 2.51 -0.94 13.51
N HIS A 86 3.81 -1.16 13.65
CA HIS A 86 4.80 -0.52 12.79
C HIS A 86 5.65 -1.56 12.08
N GLU A 87 5.00 -2.37 11.24
CA GLU A 87 5.67 -3.44 10.50
C GLU A 87 6.29 -4.46 11.47
N HIS A 88 7.16 -5.30 10.92
CA HIS A 88 7.90 -6.28 11.72
C HIS A 88 6.97 -7.31 12.36
N ASP A 89 6.64 -8.35 11.60
CA ASP A 89 5.77 -9.41 12.09
C ASP A 89 5.90 -10.63 11.18
N HIS A 90 6.02 -11.81 11.78
CA HIS A 90 6.23 -13.03 11.01
C HIS A 90 5.54 -14.21 11.69
N HIS A 1 9.13 -11.40 2.76
CA HIS A 1 8.99 -10.01 2.24
C HIS A 1 10.30 -9.55 1.64
N HIS A 2 10.27 -8.43 0.91
CA HIS A 2 11.44 -7.93 0.17
C HIS A 2 11.80 -8.89 -0.98
N GLN A 3 11.76 -8.36 -2.21
CA GLN A 3 11.97 -9.18 -3.40
C GLN A 3 10.81 -10.18 -3.52
N GLU A 4 9.60 -9.63 -3.48
CA GLU A 4 8.40 -10.43 -3.51
C GLU A 4 7.60 -10.15 -4.78
N LEU A 5 7.41 -8.86 -5.06
CA LEU A 5 6.59 -8.39 -6.18
C LEU A 5 5.11 -8.69 -5.93
N CYS A 6 4.85 -9.29 -4.75
CA CYS A 6 3.51 -9.74 -4.38
C CYS A 6 3.02 -10.75 -5.40
N THR A 7 3.84 -11.79 -5.58
CA THR A 7 3.61 -12.82 -6.55
C THR A 7 3.11 -14.07 -5.83
N LYS A 8 2.68 -13.88 -4.59
CA LYS A 8 2.02 -14.94 -3.83
C LYS A 8 0.57 -15.05 -4.29
N GLY A 9 0.40 -14.73 -5.57
CA GLY A 9 -0.85 -14.87 -6.27
C GLY A 9 -2.04 -14.26 -5.58
N ASP A 10 -3.14 -14.99 -5.64
CA ASP A 10 -4.42 -14.52 -5.11
C ASP A 10 -4.36 -14.39 -3.60
N ASP A 11 -3.51 -15.21 -2.98
CA ASP A 11 -3.36 -15.20 -1.53
C ASP A 11 -2.93 -13.82 -1.06
N ALA A 12 -1.75 -13.40 -1.49
CA ALA A 12 -1.20 -12.12 -1.07
C ALA A 12 -2.06 -10.96 -1.57
N LEU A 13 -2.38 -10.99 -2.86
CA LEU A 13 -3.05 -9.87 -3.51
C LEU A 13 -4.42 -9.58 -2.89
N VAL A 14 -5.13 -10.63 -2.50
CA VAL A 14 -6.42 -10.44 -1.85
C VAL A 14 -6.24 -10.00 -0.40
N THR A 15 -5.25 -10.57 0.26
CA THR A 15 -4.95 -10.21 1.64
C THR A 15 -4.58 -8.73 1.73
N GLU A 16 -3.65 -8.30 0.88
CA GLU A 16 -3.23 -6.92 0.87
C GLU A 16 -4.39 -6.01 0.52
N LEU A 17 -5.14 -6.34 -0.54
CA LEU A 17 -6.24 -5.49 -0.98
C LEU A 17 -7.28 -5.33 0.13
N GLU A 18 -7.53 -6.41 0.84
CA GLU A 18 -8.50 -6.40 1.92
C GLU A 18 -8.02 -5.53 3.08
N CYS A 19 -6.72 -5.49 3.30
CA CYS A 19 -6.15 -4.71 4.38
C CYS A 19 -5.82 -3.30 3.91
N ILE A 20 -6.01 -3.07 2.62
CA ILE A 20 -5.91 -1.73 2.06
C ILE A 20 -7.28 -1.06 2.02
N ARG A 21 -8.33 -1.86 1.86
CA ARG A 21 -9.66 -1.32 1.61
C ARG A 21 -10.41 -1.01 2.90
N LEU A 22 -9.89 -1.46 4.02
CA LEU A 22 -10.56 -1.24 5.30
C LEU A 22 -10.33 0.20 5.79
N ARG A 23 -10.19 1.12 4.83
CA ARG A 23 -9.85 2.53 5.09
C ARG A 23 -8.43 2.67 5.67
N ILE A 24 -7.94 1.60 6.28
CA ILE A 24 -6.64 1.55 6.90
C ILE A 24 -6.64 2.41 8.16
N SER A 25 -6.19 3.65 8.05
CA SER A 25 -6.22 4.61 9.15
C SER A 25 -5.44 5.88 8.79
N PRO A 26 -4.18 5.74 8.35
CA PRO A 26 -3.30 6.87 7.95
C PRO A 26 -3.82 7.74 6.79
N GLU A 27 -2.89 8.48 6.18
CA GLU A 27 -3.18 9.34 5.01
C GLU A 27 -3.50 8.49 3.78
N THR A 28 -3.44 7.18 3.98
CA THR A 28 -3.75 6.20 2.97
C THR A 28 -4.82 6.66 1.97
N ASN A 29 -5.96 7.09 2.47
CA ASN A 29 -7.09 7.37 1.61
C ASN A 29 -6.76 8.51 0.67
N ALA A 30 -6.31 9.64 1.22
CA ALA A 30 -6.03 10.83 0.42
C ALA A 30 -4.87 10.59 -0.55
N ALA A 31 -3.78 10.04 -0.02
CA ALA A 31 -2.54 9.90 -0.79
C ALA A 31 -2.64 8.83 -1.86
N PHE A 32 -2.99 7.60 -1.49
CA PHE A 32 -3.23 6.58 -2.49
C PHE A 32 -4.38 6.98 -3.42
N ASP A 33 -5.26 7.87 -2.96
CA ASP A 33 -6.34 8.35 -3.81
C ASP A 33 -5.76 9.01 -5.04
N ASN A 34 -4.97 10.08 -4.84
CA ASN A 34 -4.36 10.78 -5.96
C ASN A 34 -3.24 9.94 -6.58
N ALA A 35 -2.66 9.04 -5.79
CA ALA A 35 -1.62 8.14 -6.28
C ALA A 35 -2.18 7.15 -7.29
N VAL A 36 -3.14 6.36 -6.84
CA VAL A 36 -3.79 5.38 -7.69
C VAL A 36 -4.62 6.11 -8.74
N GLN A 37 -4.82 7.39 -8.52
CA GLN A 37 -5.37 8.28 -9.52
C GLN A 37 -4.37 8.50 -10.66
N GLN A 38 -3.08 8.55 -10.34
CA GLN A 38 -2.03 8.62 -11.37
C GLN A 38 -1.97 7.32 -12.15
N LEU A 39 -1.59 6.25 -11.45
CA LEU A 39 -1.40 4.94 -12.07
C LEU A 39 -2.70 4.46 -12.67
N ASN A 40 -3.78 4.95 -12.08
CA ASN A 40 -5.13 4.71 -12.58
C ASN A 40 -5.46 3.24 -12.54
N CYS A 41 -5.05 2.62 -11.45
CA CYS A 41 -5.39 1.23 -11.17
C CYS A 41 -6.82 1.13 -10.67
N LEU A 42 -7.35 2.30 -10.22
CA LEU A 42 -8.65 2.38 -9.55
C LEU A 42 -8.61 1.67 -8.21
N ASN A 43 -8.31 0.38 -8.26
CA ASN A 43 -8.14 -0.44 -7.09
C ASN A 43 -6.71 -0.28 -6.56
N ARG A 44 -6.60 -0.11 -5.24
CA ARG A 44 -5.31 0.20 -4.63
C ARG A 44 -4.39 -1.01 -4.52
N ALA A 45 -4.92 -2.21 -4.77
CA ALA A 45 -4.10 -3.40 -4.75
C ALA A 45 -3.12 -3.40 -5.92
N CYS A 46 -3.61 -3.03 -7.10
CA CYS A 46 -2.77 -2.87 -8.29
C CYS A 46 -1.65 -1.88 -7.98
N ALA A 47 -2.05 -0.75 -7.44
CA ALA A 47 -1.14 0.29 -7.00
C ALA A 47 -0.04 -0.27 -6.09
N TYR A 48 -0.46 -0.84 -4.97
CA TYR A 48 0.47 -1.35 -3.98
C TYR A 48 1.29 -2.51 -4.51
N ARG A 49 0.70 -3.33 -5.36
CA ARG A 49 1.40 -4.48 -5.92
C ARG A 49 2.53 -4.04 -6.85
N LYS A 50 2.36 -2.92 -7.54
CA LYS A 50 3.40 -2.44 -8.43
C LYS A 50 4.48 -1.77 -7.61
N MET A 51 4.07 -1.19 -6.48
CA MET A 51 5.02 -0.68 -5.49
C MET A 51 5.76 -1.86 -4.85
N CYS A 52 5.00 -2.93 -4.62
CA CYS A 52 5.53 -4.18 -4.08
C CYS A 52 6.52 -4.80 -5.07
N ALA A 53 6.30 -4.52 -6.35
CA ALA A 53 7.19 -4.97 -7.41
C ALA A 53 8.40 -4.06 -7.50
N THR A 54 8.17 -2.82 -7.91
CA THR A 54 9.23 -1.83 -8.03
C THR A 54 8.77 -0.51 -7.41
N ASN A 55 7.69 0.04 -7.97
CA ASN A 55 7.08 1.29 -7.53
C ASN A 55 6.04 1.71 -8.55
N ASN A 56 5.16 2.62 -8.15
CA ASN A 56 4.06 3.08 -9.00
C ASN A 56 3.17 4.00 -8.18
N LEU A 57 2.56 3.41 -7.17
CA LEU A 57 1.68 4.11 -6.23
C LEU A 57 2.40 5.26 -5.53
N GLU A 58 3.71 5.21 -5.53
CA GLU A 58 4.51 6.09 -4.69
C GLU A 58 4.54 7.51 -5.21
N GLN A 59 4.17 7.70 -6.46
CA GLN A 59 4.17 9.01 -7.07
C GLN A 59 3.41 10.05 -6.21
N ALA A 60 2.11 9.91 -6.11
CA ALA A 60 1.30 10.93 -5.44
C ALA A 60 1.23 10.68 -3.96
N MET A 61 0.99 9.43 -3.58
CA MET A 61 1.04 9.04 -2.18
C MET A 61 2.27 9.64 -1.48
N SER A 62 3.46 9.52 -2.07
CA SER A 62 4.68 10.02 -1.43
C SER A 62 4.74 11.55 -1.53
N VAL A 63 4.17 12.13 -2.59
CA VAL A 63 4.01 13.58 -2.66
C VAL A 63 3.11 14.09 -1.53
N TYR A 64 2.09 13.31 -1.19
CA TYR A 64 1.14 13.69 -0.15
C TYR A 64 1.67 13.41 1.25
N PHE A 65 1.70 12.13 1.63
CA PHE A 65 2.12 11.74 2.98
C PHE A 65 3.64 11.76 3.06
N THR A 66 4.16 11.77 4.27
CA THR A 66 5.60 11.70 4.46
C THR A 66 6.07 10.24 4.60
N ASN A 67 7.36 10.01 4.67
CA ASN A 67 7.89 8.64 4.63
C ASN A 67 7.49 7.83 5.87
N GLU A 68 7.52 8.46 7.03
CA GLU A 68 7.11 7.79 8.27
C GLU A 68 5.62 7.44 8.21
N GLN A 69 4.86 8.28 7.54
CA GLN A 69 3.44 8.06 7.31
C GLN A 69 3.22 6.77 6.52
N ILE A 70 4.02 6.56 5.49
CA ILE A 70 3.88 5.37 4.67
C ILE A 70 4.58 4.18 5.31
N LYS A 71 5.40 4.43 6.32
CA LYS A 71 5.87 3.36 7.17
C LYS A 71 4.66 2.77 7.90
N GLU A 72 3.83 3.68 8.41
CA GLU A 72 2.60 3.31 9.08
C GLU A 72 1.67 2.54 8.14
N ILE A 73 1.44 3.07 6.93
CA ILE A 73 0.57 2.37 5.98
C ILE A 73 1.26 1.14 5.41
N HIS A 74 2.57 1.02 5.59
CA HIS A 74 3.24 -0.23 5.23
C HIS A 74 2.74 -1.34 6.14
N ASP A 75 2.86 -1.12 7.45
CA ASP A 75 2.35 -2.09 8.41
C ASP A 75 0.84 -2.21 8.25
N ALA A 76 0.22 -1.08 8.04
CA ALA A 76 -1.22 -0.97 7.92
C ALA A 76 -1.77 -1.69 6.70
N ALA A 77 -1.20 -1.45 5.54
CA ALA A 77 -1.76 -2.02 4.33
C ALA A 77 -1.29 -3.45 4.12
N THR A 78 -0.25 -3.87 4.83
CA THR A 78 0.24 -5.23 4.72
C THR A 78 -0.39 -6.12 5.80
N ALA A 79 -0.26 -5.68 7.05
CA ALA A 79 -0.75 -6.44 8.20
C ALA A 79 -2.12 -5.96 8.64
N CYS A 80 -2.61 -4.92 7.97
CA CYS A 80 -3.84 -4.22 8.35
C CYS A 80 -3.74 -3.74 9.80
N ASP A 81 -2.61 -3.09 10.06
CA ASP A 81 -2.28 -2.58 11.39
C ASP A 81 -1.70 -1.17 11.28
N PRO A 82 -2.54 -0.12 11.17
CA PRO A 82 -2.06 1.24 11.11
C PRO A 82 -1.76 1.78 12.51
N GLU A 83 -0.73 1.20 13.11
CA GLU A 83 -0.38 1.45 14.49
C GLU A 83 -1.51 1.00 15.41
N ALA A 84 -1.97 -0.22 15.17
CA ALA A 84 -2.86 -0.89 16.10
C ALA A 84 -2.00 -1.30 17.28
N HIS A 85 -0.75 -1.63 16.94
CA HIS A 85 0.35 -1.75 17.89
C HIS A 85 1.62 -2.12 17.14
N HIS A 86 1.77 -1.53 15.96
CA HIS A 86 2.93 -1.80 15.10
C HIS A 86 3.37 -0.54 14.36
N GLU A 87 4.41 -0.71 13.53
CA GLU A 87 5.00 0.36 12.71
C GLU A 87 6.31 -0.17 12.15
N HIS A 88 6.31 -1.45 11.78
CA HIS A 88 7.54 -2.13 11.38
C HIS A 88 7.20 -3.50 10.84
N ASP A 89 7.78 -3.85 9.70
CA ASP A 89 7.50 -5.14 9.06
C ASP A 89 7.70 -6.27 10.06
N HIS A 90 8.82 -6.21 10.77
CA HIS A 90 9.05 -7.04 11.96
C HIS A 90 10.29 -6.54 12.69
N HIS A 1 11.13 -7.35 -4.86
CA HIS A 1 12.11 -7.53 -3.75
C HIS A 1 12.63 -8.97 -3.74
N HIS A 2 12.91 -9.49 -4.94
CA HIS A 2 13.50 -10.82 -5.17
C HIS A 2 12.66 -11.95 -4.56
N GLN A 3 12.75 -12.12 -3.24
CA GLN A 3 12.01 -13.15 -2.52
C GLN A 3 10.53 -13.02 -2.80
N GLU A 4 10.04 -11.78 -2.83
CA GLU A 4 8.65 -11.53 -3.15
C GLU A 4 8.52 -10.40 -4.16
N LEU A 5 7.67 -10.64 -5.15
CA LEU A 5 7.31 -9.63 -6.14
C LEU A 5 5.79 -9.65 -6.25
N CYS A 6 5.14 -9.77 -5.09
CA CYS A 6 3.71 -10.02 -5.03
C CYS A 6 3.40 -11.30 -5.76
N THR A 7 4.23 -12.30 -5.50
CA THR A 7 4.20 -13.56 -6.20
C THR A 7 3.40 -14.59 -5.42
N LYS A 8 2.80 -14.11 -4.33
CA LYS A 8 1.81 -14.90 -3.59
C LYS A 8 0.45 -14.71 -4.24
N GLY A 9 0.49 -14.26 -5.48
CA GLY A 9 -0.68 -14.14 -6.31
C GLY A 9 -1.65 -13.11 -5.81
N ASP A 10 -2.79 -13.03 -6.50
CA ASP A 10 -3.87 -12.16 -6.08
C ASP A 10 -4.52 -12.71 -4.83
N ASP A 11 -4.24 -13.97 -4.51
CA ASP A 11 -4.70 -14.57 -3.27
C ASP A 11 -4.25 -13.69 -2.09
N ALA A 12 -2.94 -13.58 -1.93
CA ALA A 12 -2.41 -12.72 -0.87
C ALA A 12 -2.71 -11.26 -1.16
N LEU A 13 -2.64 -10.89 -2.44
CA LEU A 13 -2.87 -9.51 -2.87
C LEU A 13 -4.26 -9.02 -2.48
N VAL A 14 -5.25 -9.88 -2.65
CA VAL A 14 -6.64 -9.58 -2.33
C VAL A 14 -6.90 -9.56 -0.83
N THR A 15 -6.27 -10.47 -0.10
CA THR A 15 -6.36 -10.46 1.35
C THR A 15 -5.71 -9.18 1.91
N GLU A 16 -4.49 -8.93 1.49
CA GLU A 16 -3.83 -7.69 1.85
C GLU A 16 -4.58 -6.51 1.28
N LEU A 17 -5.30 -6.71 0.17
CA LEU A 17 -6.10 -5.66 -0.41
C LEU A 17 -7.25 -5.33 0.55
N GLU A 18 -7.76 -6.37 1.20
CA GLU A 18 -8.77 -6.24 2.24
C GLU A 18 -8.20 -5.43 3.42
N CYS A 19 -6.87 -5.42 3.55
CA CYS A 19 -6.22 -4.51 4.50
C CYS A 19 -5.97 -3.14 3.88
N ILE A 20 -5.65 -3.14 2.58
CA ILE A 20 -5.37 -1.91 1.84
C ILE A 20 -6.68 -1.20 1.46
N ARG A 21 -7.80 -1.78 1.86
CA ARG A 21 -9.16 -1.25 1.57
C ARG A 21 -9.37 0.21 1.97
N LEU A 22 -8.36 0.84 2.57
CA LEU A 22 -8.44 2.24 2.95
C LEU A 22 -9.44 2.47 4.07
N ARG A 23 -9.72 1.41 4.82
CA ARG A 23 -10.35 1.54 6.12
C ARG A 23 -9.22 1.50 7.13
N ILE A 24 -8.03 1.68 6.58
CA ILE A 24 -6.78 1.60 7.31
C ILE A 24 -6.72 2.57 8.49
N SER A 25 -6.27 3.79 8.23
CA SER A 25 -6.12 4.82 9.26
C SER A 25 -5.36 6.06 8.72
N PRO A 26 -4.16 5.87 8.13
CA PRO A 26 -3.25 6.97 7.74
C PRO A 26 -3.78 7.86 6.62
N GLU A 27 -2.87 8.63 6.01
CA GLU A 27 -3.18 9.42 4.83
C GLU A 27 -3.49 8.51 3.64
N THR A 28 -3.42 7.21 3.92
CA THR A 28 -3.77 6.15 2.99
C THR A 28 -4.89 6.56 2.02
N ASN A 29 -5.96 7.13 2.53
CA ASN A 29 -7.10 7.46 1.70
C ASN A 29 -6.74 8.56 0.73
N ALA A 30 -6.37 9.71 1.25
CA ALA A 30 -6.03 10.86 0.41
C ALA A 30 -4.90 10.52 -0.55
N ALA A 31 -3.82 9.98 0.02
CA ALA A 31 -2.61 9.71 -0.71
C ALA A 31 -2.81 8.66 -1.79
N PHE A 32 -3.12 7.42 -1.41
CA PHE A 32 -3.27 6.35 -2.39
C PHE A 32 -4.41 6.62 -3.37
N ASP A 33 -5.46 7.30 -2.93
CA ASP A 33 -6.59 7.53 -3.80
C ASP A 33 -6.14 8.37 -4.98
N ASN A 34 -5.38 9.42 -4.66
CA ASN A 34 -4.75 10.25 -5.69
C ASN A 34 -3.62 9.48 -6.39
N ALA A 35 -2.92 8.64 -5.62
CA ALA A 35 -1.81 7.86 -6.15
C ALA A 35 -2.27 6.84 -7.17
N VAL A 36 -3.13 5.95 -6.72
CA VAL A 36 -3.67 4.88 -7.55
C VAL A 36 -4.59 5.47 -8.60
N GLN A 37 -5.02 6.69 -8.36
CA GLN A 37 -5.65 7.52 -9.38
C GLN A 37 -4.68 7.72 -10.56
N GLN A 38 -3.44 8.07 -10.26
CA GLN A 38 -2.40 8.21 -11.30
C GLN A 38 -2.16 6.89 -12.01
N LEU A 39 -1.68 5.90 -11.24
CA LEU A 39 -1.33 4.59 -11.77
C LEU A 39 -2.53 3.96 -12.45
N ASN A 40 -3.69 4.38 -11.95
CA ASN A 40 -4.97 4.00 -12.50
C ASN A 40 -5.19 2.50 -12.34
N CYS A 41 -4.66 1.99 -11.24
CA CYS A 41 -4.86 0.61 -10.85
C CYS A 41 -6.28 0.39 -10.32
N LEU A 42 -6.98 1.51 -10.11
CA LEU A 42 -8.35 1.53 -9.59
C LEU A 42 -8.38 1.08 -8.13
N ASN A 43 -7.90 -0.12 -7.87
CA ASN A 43 -7.79 -0.62 -6.52
C ASN A 43 -6.34 -0.48 -6.06
N ARG A 44 -6.15 -0.43 -4.77
CA ARG A 44 -4.83 -0.13 -4.22
C ARG A 44 -3.94 -1.37 -4.16
N ALA A 45 -4.50 -2.54 -4.49
CA ALA A 45 -3.72 -3.77 -4.53
C ALA A 45 -2.72 -3.72 -5.68
N CYS A 46 -3.20 -3.35 -6.86
CA CYS A 46 -2.34 -3.19 -8.03
C CYS A 46 -1.27 -2.13 -7.76
N ALA A 47 -1.70 -1.07 -7.08
CA ALA A 47 -0.78 0.00 -6.69
C ALA A 47 0.41 -0.54 -5.89
N TYR A 48 0.11 -1.18 -4.75
CA TYR A 48 1.15 -1.76 -3.90
C TYR A 48 1.88 -2.89 -4.62
N ARG A 49 1.19 -3.52 -5.57
CA ARG A 49 1.80 -4.59 -6.36
C ARG A 49 2.91 -4.05 -7.25
N LYS A 50 2.72 -2.84 -7.76
CA LYS A 50 3.74 -2.25 -8.60
C LYS A 50 4.81 -1.66 -7.71
N MET A 51 4.39 -1.24 -6.52
CA MET A 51 5.33 -0.83 -5.48
C MET A 51 6.25 -1.99 -5.07
N CYS A 52 5.67 -3.18 -4.90
CA CYS A 52 6.45 -4.36 -4.50
C CYS A 52 7.36 -4.78 -5.65
N ALA A 53 6.90 -4.53 -6.87
CA ALA A 53 7.72 -4.70 -8.05
C ALA A 53 8.88 -3.71 -8.02
N THR A 54 8.57 -2.45 -7.72
CA THR A 54 9.58 -1.42 -7.56
C THR A 54 8.95 -0.12 -7.03
N ASN A 55 7.85 0.31 -7.65
CA ASN A 55 7.17 1.56 -7.32
C ASN A 55 6.10 1.85 -8.36
N ASN A 56 5.27 2.85 -8.08
CA ASN A 56 4.16 3.23 -8.96
C ASN A 56 3.34 4.28 -8.26
N LEU A 57 2.67 3.86 -7.19
CA LEU A 57 1.82 4.73 -6.39
C LEU A 57 2.56 5.90 -5.81
N GLU A 58 3.88 5.77 -5.74
CA GLU A 58 4.73 6.72 -5.02
C GLU A 58 4.52 8.13 -5.53
N GLN A 59 4.13 8.24 -6.78
CA GLN A 59 3.91 9.54 -7.41
C GLN A 59 3.09 10.50 -6.50
N ALA A 60 1.83 10.21 -6.31
CA ALA A 60 0.94 11.12 -5.60
C ALA A 60 0.98 10.85 -4.12
N MET A 61 0.71 9.61 -3.75
CA MET A 61 0.76 9.22 -2.35
C MET A 61 2.03 9.72 -1.67
N SER A 62 3.19 9.57 -2.32
CA SER A 62 4.44 10.00 -1.67
C SER A 62 4.60 11.52 -1.72
N VAL A 63 4.03 12.19 -2.72
CA VAL A 63 3.93 13.64 -2.66
C VAL A 63 3.10 14.08 -1.44
N TYR A 64 2.06 13.30 -1.15
CA TYR A 64 1.16 13.58 -0.03
C TYR A 64 1.78 13.26 1.32
N PHE A 65 1.94 11.98 1.62
CA PHE A 65 2.41 11.56 2.94
C PHE A 65 3.94 11.64 3.03
N THR A 66 4.44 11.55 4.25
CA THR A 66 5.87 11.53 4.48
C THR A 66 6.40 10.09 4.56
N ASN A 67 7.70 9.94 4.70
CA ASN A 67 8.32 8.62 4.73
C ASN A 67 7.78 7.78 5.88
N GLU A 68 7.80 8.36 7.08
CA GLU A 68 7.33 7.65 8.26
C GLU A 68 5.83 7.37 8.18
N GLN A 69 5.11 8.26 7.50
CA GLN A 69 3.66 8.09 7.34
C GLN A 69 3.36 6.85 6.54
N ILE A 70 4.14 6.61 5.50
CA ILE A 70 3.90 5.45 4.65
C ILE A 70 4.57 4.19 5.22
N LYS A 71 5.49 4.38 6.16
CA LYS A 71 5.92 3.26 7.00
C LYS A 71 4.71 2.73 7.74
N GLU A 72 3.94 3.66 8.29
CA GLU A 72 2.69 3.35 8.95
C GLU A 72 1.77 2.59 8.02
N ILE A 73 1.40 3.21 6.91
CA ILE A 73 0.46 2.59 5.97
C ILE A 73 1.00 1.32 5.33
N HIS A 74 2.32 1.14 5.31
CA HIS A 74 2.88 -0.07 4.75
C HIS A 74 2.54 -1.25 5.66
N ASP A 75 2.88 -1.10 6.94
CA ASP A 75 2.48 -2.07 7.96
C ASP A 75 0.96 -2.10 8.07
N ALA A 76 0.37 -0.93 7.88
CA ALA A 76 -1.06 -0.75 7.96
C ALA A 76 -1.79 -1.51 6.88
N ALA A 77 -1.26 -1.50 5.69
CA ALA A 77 -1.95 -2.11 4.58
C ALA A 77 -1.54 -3.56 4.41
N THR A 78 -0.48 -3.99 5.10
CA THR A 78 -0.13 -5.40 5.08
C THR A 78 -0.72 -6.13 6.31
N ALA A 79 -0.53 -5.55 7.49
CA ALA A 79 -1.02 -6.17 8.72
C ALA A 79 -2.34 -5.57 9.18
N CYS A 80 -2.72 -4.43 8.60
CA CYS A 80 -3.86 -3.64 9.08
C CYS A 80 -3.48 -2.90 10.37
N ASP A 81 -2.23 -2.42 10.42
CA ASP A 81 -1.70 -1.72 11.58
C ASP A 81 -0.92 -0.48 11.17
N PRO A 82 -1.52 0.71 11.14
CA PRO A 82 -0.77 1.91 10.84
C PRO A 82 0.08 2.36 12.01
N GLU A 83 1.34 1.93 11.99
CA GLU A 83 2.31 2.25 13.03
C GLU A 83 1.93 1.54 14.34
N ALA A 84 1.50 0.29 14.21
CA ALA A 84 1.19 -0.52 15.36
C ALA A 84 2.09 -1.76 15.41
N HIS A 85 2.45 -2.24 14.24
CA HIS A 85 3.30 -3.42 14.12
C HIS A 85 4.64 -3.05 13.48
N HIS A 86 4.63 -1.90 12.80
CA HIS A 86 5.84 -1.25 12.26
C HIS A 86 6.53 -2.13 11.22
N GLU A 87 5.72 -2.88 10.47
CA GLU A 87 6.18 -3.73 9.36
C GLU A 87 6.90 -4.98 9.86
N HIS A 88 7.39 -4.91 11.10
CA HIS A 88 8.22 -5.96 11.68
C HIS A 88 9.48 -6.14 10.84
N ASP A 89 10.21 -5.03 10.66
CA ASP A 89 11.40 -5.01 9.83
C ASP A 89 12.40 -6.06 10.27
N HIS A 90 12.78 -6.92 9.34
CA HIS A 90 13.69 -8.01 9.63
C HIS A 90 14.86 -7.95 8.65
N HIS A 1 10.80 -5.24 -4.13
CA HIS A 1 11.31 -5.07 -5.52
C HIS A 1 12.14 -6.28 -5.94
N HIS A 2 11.63 -7.04 -6.90
CA HIS A 2 12.34 -8.19 -7.46
C HIS A 2 12.37 -9.32 -6.42
N GLN A 3 11.37 -9.31 -5.55
CA GLN A 3 11.20 -10.37 -4.57
C GLN A 3 10.31 -11.45 -5.14
N GLU A 4 9.12 -11.05 -5.55
CA GLU A 4 8.10 -11.96 -6.01
C GLU A 4 6.94 -11.16 -6.60
N LEU A 5 7.31 -10.10 -7.33
CA LEU A 5 6.37 -9.07 -7.75
C LEU A 5 5.77 -8.40 -6.51
N CYS A 6 4.78 -9.06 -5.92
CA CYS A 6 4.21 -8.72 -4.62
C CYS A 6 2.86 -9.39 -4.49
N THR A 7 2.86 -10.72 -4.53
CA THR A 7 1.62 -11.45 -4.54
C THR A 7 1.48 -12.36 -3.31
N LYS A 8 2.39 -13.32 -3.17
CA LYS A 8 2.15 -14.48 -2.31
C LYS A 8 0.83 -15.09 -2.77
N GLY A 9 0.76 -15.24 -4.09
CA GLY A 9 -0.45 -15.64 -4.75
C GLY A 9 -1.54 -14.59 -4.64
N ASP A 10 -2.62 -14.76 -5.39
CA ASP A 10 -3.73 -13.83 -5.29
C ASP A 10 -4.38 -13.99 -3.92
N ASP A 11 -4.13 -15.13 -3.30
CA ASP A 11 -4.58 -15.36 -1.93
C ASP A 11 -4.10 -14.25 -1.02
N ALA A 12 -2.78 -14.08 -0.90
CA ALA A 12 -2.25 -13.10 0.02
C ALA A 12 -2.40 -11.67 -0.51
N LEU A 13 -2.40 -11.49 -1.83
CA LEU A 13 -2.55 -10.13 -2.37
C LEU A 13 -3.99 -9.63 -2.19
N VAL A 14 -4.93 -10.55 -2.04
CA VAL A 14 -6.31 -10.20 -1.73
C VAL A 14 -6.49 -10.08 -0.23
N THR A 15 -5.69 -10.83 0.53
CA THR A 15 -5.63 -10.65 1.97
C THR A 15 -5.10 -9.25 2.26
N GLU A 16 -3.97 -8.90 1.66
CA GLU A 16 -3.47 -7.55 1.73
C GLU A 16 -4.45 -6.59 1.07
N LEU A 17 -5.13 -7.04 0.01
CA LEU A 17 -6.19 -6.24 -0.61
C LEU A 17 -7.22 -5.82 0.44
N GLU A 18 -7.63 -6.78 1.26
CA GLU A 18 -8.57 -6.54 2.35
C GLU A 18 -7.98 -5.54 3.35
N CYS A 19 -6.67 -5.63 3.52
CA CYS A 19 -5.96 -4.79 4.47
C CYS A 19 -5.53 -3.48 3.78
N ILE A 20 -5.84 -3.37 2.51
CA ILE A 20 -5.71 -2.11 1.78
C ILE A 20 -7.06 -1.37 1.76
N ARG A 21 -8.13 -2.12 1.56
CA ARG A 21 -9.46 -1.53 1.38
C ARG A 21 -10.17 -1.26 2.70
N LEU A 22 -9.62 -1.76 3.78
CA LEU A 22 -10.22 -1.61 5.10
C LEU A 22 -10.16 -0.16 5.61
N ARG A 23 -9.95 0.78 4.69
CA ARG A 23 -9.79 2.21 5.01
C ARG A 23 -8.45 2.48 5.71
N ILE A 24 -7.91 1.44 6.32
CA ILE A 24 -6.61 1.48 6.98
C ILE A 24 -6.66 2.41 8.19
N SER A 25 -6.07 3.59 8.06
CA SER A 25 -6.11 4.59 9.12
C SER A 25 -5.33 5.84 8.72
N PRO A 26 -4.06 5.69 8.23
CA PRO A 26 -3.18 6.82 7.84
C PRO A 26 -3.71 7.69 6.70
N GLU A 27 -2.80 8.45 6.09
CA GLU A 27 -3.11 9.29 4.93
C GLU A 27 -3.46 8.43 3.72
N THR A 28 -3.40 7.12 3.92
CA THR A 28 -3.74 6.12 2.92
C THR A 28 -4.83 6.58 1.95
N ASN A 29 -5.97 7.01 2.48
CA ASN A 29 -7.11 7.34 1.64
C ASN A 29 -6.77 8.45 0.67
N ALA A 30 -6.29 9.56 1.21
CA ALA A 30 -6.00 10.74 0.40
C ALA A 30 -4.84 10.49 -0.56
N ALA A 31 -3.71 10.06 0.00
CA ALA A 31 -2.48 9.92 -0.75
C ALA A 31 -2.58 8.87 -1.86
N PHE A 32 -3.02 7.66 -1.52
CA PHE A 32 -3.24 6.67 -2.56
C PHE A 32 -4.34 7.09 -3.51
N ASP A 33 -5.33 7.86 -3.04
CA ASP A 33 -6.44 8.28 -3.90
C ASP A 33 -5.91 9.02 -5.11
N ASN A 34 -5.09 10.04 -4.87
CA ASN A 34 -4.50 10.79 -5.98
C ASN A 34 -3.34 10.03 -6.61
N ALA A 35 -2.75 9.13 -5.86
CA ALA A 35 -1.67 8.30 -6.38
C ALA A 35 -2.20 7.30 -7.39
N VAL A 36 -3.14 6.49 -6.94
CA VAL A 36 -3.80 5.51 -7.79
C VAL A 36 -4.61 6.24 -8.86
N GLN A 37 -4.88 7.51 -8.63
CA GLN A 37 -5.37 8.40 -9.66
C GLN A 37 -4.39 8.46 -10.83
N GLN A 38 -3.13 8.76 -10.51
CA GLN A 38 -2.06 8.80 -11.52
C GLN A 38 -1.97 7.49 -12.29
N LEU A 39 -1.63 6.44 -11.57
CA LEU A 39 -1.42 5.12 -12.17
C LEU A 39 -2.70 4.64 -12.81
N ASN A 40 -3.80 5.11 -12.24
CA ASN A 40 -5.13 4.82 -12.73
C ASN A 40 -5.40 3.33 -12.72
N CYS A 41 -4.85 2.68 -11.70
CA CYS A 41 -5.06 1.26 -11.47
C CYS A 41 -6.48 1.00 -10.97
N LEU A 42 -7.20 2.09 -10.70
CA LEU A 42 -8.54 2.04 -10.09
C LEU A 42 -8.45 1.49 -8.67
N ASN A 43 -8.11 0.21 -8.54
CA ASN A 43 -8.00 -0.40 -7.24
C ASN A 43 -6.58 -0.21 -6.72
N ARG A 44 -6.47 -0.10 -5.41
CA ARG A 44 -5.19 0.19 -4.78
C ARG A 44 -4.30 -1.05 -4.75
N ALA A 45 -4.84 -2.19 -5.19
CA ALA A 45 -4.06 -3.42 -5.26
C ALA A 45 -2.98 -3.30 -6.33
N CYS A 46 -3.41 -2.98 -7.55
CA CYS A 46 -2.49 -2.72 -8.66
C CYS A 46 -1.48 -1.66 -8.26
N ALA A 47 -2.00 -0.60 -7.65
CA ALA A 47 -1.18 0.49 -7.14
C ALA A 47 -0.08 -0.01 -6.20
N TYR A 48 -0.49 -0.56 -5.07
CA TYR A 48 0.41 -1.04 -4.04
C TYR A 48 1.35 -2.10 -4.60
N ARG A 49 0.82 -2.98 -5.43
CA ARG A 49 1.59 -4.09 -5.98
C ARG A 49 2.70 -3.60 -6.92
N LYS A 50 2.46 -2.53 -7.67
CA LYS A 50 3.44 -2.09 -8.65
C LYS A 50 4.51 -1.30 -7.94
N MET A 51 4.13 -0.57 -6.90
CA MET A 51 5.07 0.14 -6.05
C MET A 51 5.94 -0.86 -5.30
N CYS A 52 5.32 -1.95 -4.89
CA CYS A 52 6.02 -3.02 -4.18
C CYS A 52 6.96 -3.78 -5.13
N ALA A 53 6.53 -3.95 -6.37
CA ALA A 53 7.34 -4.59 -7.39
C ALA A 53 8.53 -3.71 -7.76
N THR A 54 8.25 -2.45 -8.00
CA THR A 54 9.28 -1.47 -8.31
C THR A 54 8.84 -0.08 -7.87
N ASN A 55 7.70 0.37 -8.38
CA ASN A 55 7.15 1.69 -8.10
C ASN A 55 5.99 1.97 -9.03
N ASN A 56 5.19 2.97 -8.66
CA ASN A 56 3.96 3.30 -9.38
C ASN A 56 3.15 4.24 -8.51
N LEU A 57 2.54 3.64 -7.50
CA LEU A 57 1.67 4.32 -6.54
C LEU A 57 2.38 5.44 -5.82
N GLU A 58 3.69 5.40 -5.84
CA GLU A 58 4.48 6.25 -4.97
C GLU A 58 4.40 7.71 -5.37
N GLN A 59 4.13 7.97 -6.64
CA GLN A 59 4.12 9.34 -7.17
C GLN A 59 3.37 10.33 -6.26
N ALA A 60 2.06 10.18 -6.16
CA ALA A 60 1.24 11.16 -5.44
C ALA A 60 1.27 10.89 -3.96
N MET A 61 0.96 9.66 -3.59
CA MET A 61 1.05 9.24 -2.20
C MET A 61 2.34 9.74 -1.51
N SER A 62 3.51 9.62 -2.17
CA SER A 62 4.78 10.06 -1.53
C SER A 62 4.85 11.59 -1.51
N VAL A 63 4.27 12.23 -2.53
CA VAL A 63 4.14 13.69 -2.49
C VAL A 63 3.25 14.11 -1.29
N TYR A 64 2.19 13.35 -1.07
CA TYR A 64 1.26 13.62 0.02
C TYR A 64 1.84 13.27 1.38
N PHE A 65 1.92 11.98 1.68
CA PHE A 65 2.40 11.53 2.99
C PHE A 65 3.93 11.53 3.01
N THR A 66 4.51 11.37 4.18
CA THR A 66 5.95 11.31 4.27
C THR A 66 6.41 9.86 4.51
N ASN A 67 7.71 9.68 4.68
CA ASN A 67 8.30 8.34 4.76
C ASN A 67 7.72 7.51 5.92
N GLU A 68 7.62 8.13 7.10
CA GLU A 68 7.14 7.41 8.27
C GLU A 68 5.65 7.16 8.14
N GLN A 69 4.97 8.05 7.43
CA GLN A 69 3.55 7.92 7.19
C GLN A 69 3.26 6.65 6.42
N ILE A 70 4.06 6.38 5.40
CA ILE A 70 3.87 5.19 4.59
C ILE A 70 4.56 3.98 5.22
N LYS A 71 5.43 4.22 6.18
CA LYS A 71 5.93 3.15 7.03
C LYS A 71 4.74 2.55 7.78
N GLU A 72 3.92 3.44 8.34
CA GLU A 72 2.67 3.05 8.95
C GLU A 72 1.79 2.32 7.95
N ILE A 73 1.43 2.97 6.82
CA ILE A 73 0.52 2.35 5.85
C ILE A 73 1.13 1.10 5.22
N HIS A 74 2.44 0.91 5.38
CA HIS A 74 3.07 -0.31 4.93
C HIS A 74 2.63 -1.47 5.79
N ASP A 75 2.83 -1.34 7.10
CA ASP A 75 2.39 -2.38 8.02
C ASP A 75 0.88 -2.39 8.07
N ALA A 76 0.32 -1.20 7.94
CA ALA A 76 -1.10 -0.98 7.99
C ALA A 76 -1.83 -1.62 6.80
N ALA A 77 -1.24 -1.59 5.63
CA ALA A 77 -1.95 -2.11 4.47
C ALA A 77 -1.58 -3.56 4.19
N THR A 78 -0.46 -4.01 4.72
CA THR A 78 -0.08 -5.40 4.60
C THR A 78 -0.74 -6.21 5.71
N ALA A 79 -0.57 -5.74 6.94
CA ALA A 79 -1.12 -6.42 8.10
C ALA A 79 -2.45 -5.84 8.53
N CYS A 80 -2.87 -4.76 7.87
CA CYS A 80 -4.04 -3.99 8.28
C CYS A 80 -3.91 -3.57 9.73
N ASP A 81 -2.69 -3.14 10.04
CA ASP A 81 -2.32 -2.63 11.36
C ASP A 81 -1.73 -1.24 11.25
N PRO A 82 -2.55 -0.18 11.14
CA PRO A 82 -2.06 1.19 11.13
C PRO A 82 -1.76 1.65 12.54
N GLU A 83 -1.91 0.73 13.47
CA GLU A 83 -1.42 0.91 14.83
C GLU A 83 0.06 0.60 14.83
N ALA A 84 0.47 0.09 13.67
CA ALA A 84 1.84 -0.25 13.35
C ALA A 84 2.32 -1.47 14.14
N HIS A 85 2.09 -2.64 13.58
CA HIS A 85 2.41 -3.90 14.24
C HIS A 85 3.92 -4.11 14.27
N HIS A 86 4.53 -4.23 13.10
CA HIS A 86 5.98 -4.43 13.00
C HIS A 86 6.62 -3.46 11.99
N GLU A 87 5.78 -2.95 11.08
CA GLU A 87 6.20 -1.97 10.07
C GLU A 87 7.02 -2.62 8.97
N HIS A 88 7.28 -1.88 7.90
CA HIS A 88 7.95 -2.45 6.74
C HIS A 88 9.06 -1.54 6.24
N ASP A 89 10.12 -1.43 7.03
CA ASP A 89 11.32 -0.74 6.59
C ASP A 89 12.33 -1.76 6.11
N HIS A 90 12.47 -1.86 4.79
CA HIS A 90 13.33 -2.87 4.20
C HIS A 90 13.85 -2.36 2.87
N HIS A 1 12.20 -18.11 -9.15
CA HIS A 1 13.19 -17.41 -10.01
C HIS A 1 12.58 -17.07 -11.37
N HIS A 2 12.04 -15.85 -11.49
CA HIS A 2 11.44 -15.36 -12.72
C HIS A 2 10.11 -16.05 -12.96
N GLN A 3 9.43 -16.35 -11.88
CA GLN A 3 8.10 -16.93 -11.92
C GLN A 3 7.22 -16.28 -10.86
N GLU A 4 7.87 -15.74 -9.83
CA GLU A 4 7.16 -15.13 -8.72
C GLU A 4 6.73 -13.71 -9.04
N LEU A 5 7.65 -12.75 -8.96
CA LEU A 5 7.34 -11.31 -9.05
C LEU A 5 6.35 -10.92 -7.96
N CYS A 6 5.07 -11.15 -8.22
CA CYS A 6 4.04 -10.97 -7.21
C CYS A 6 2.86 -11.87 -7.55
N THR A 7 3.17 -13.10 -7.97
CA THR A 7 2.16 -14.08 -8.32
C THR A 7 1.60 -14.78 -7.07
N LYS A 8 2.48 -15.20 -6.17
CA LYS A 8 2.02 -15.68 -4.86
C LYS A 8 1.80 -14.49 -3.98
N GLY A 9 2.51 -13.44 -4.34
CA GLY A 9 2.35 -12.16 -3.70
C GLY A 9 1.02 -11.54 -4.06
N ASP A 10 0.36 -12.13 -5.06
CA ASP A 10 -0.99 -11.72 -5.43
C ASP A 10 -1.98 -12.21 -4.40
N ASP A 11 -1.81 -13.46 -3.97
CA ASP A 11 -2.61 -14.00 -2.88
C ASP A 11 -2.39 -13.17 -1.62
N ALA A 12 -1.12 -12.86 -1.36
CA ALA A 12 -0.76 -11.98 -0.28
C ALA A 12 -1.38 -10.59 -0.50
N LEU A 13 -1.33 -10.14 -1.75
CA LEU A 13 -1.88 -8.84 -2.13
C LEU A 13 -3.40 -8.86 -2.00
N VAL A 14 -3.97 -10.04 -1.97
CA VAL A 14 -5.40 -10.22 -1.73
C VAL A 14 -5.71 -10.01 -0.25
N THR A 15 -4.92 -10.63 0.61
CA THR A 15 -5.01 -10.38 2.04
C THR A 15 -4.76 -8.90 2.30
N GLU A 16 -3.67 -8.42 1.71
CA GLU A 16 -3.34 -7.01 1.79
C GLU A 16 -4.40 -6.17 1.11
N LEU A 17 -5.07 -6.71 0.09
CA LEU A 17 -6.09 -5.94 -0.63
C LEU A 17 -7.20 -5.57 0.34
N GLU A 18 -7.58 -6.52 1.18
CA GLU A 18 -8.54 -6.29 2.23
C GLU A 18 -8.00 -5.23 3.19
N CYS A 19 -6.69 -5.25 3.37
CA CYS A 19 -5.99 -4.30 4.24
C CYS A 19 -5.61 -3.04 3.47
N ILE A 20 -5.94 -3.01 2.19
CA ILE A 20 -5.73 -1.81 1.38
C ILE A 20 -6.99 -0.95 1.38
N ARG A 21 -8.15 -1.59 1.24
CA ARG A 21 -9.40 -0.88 1.09
C ARG A 21 -10.13 -0.70 2.42
N LEU A 22 -9.58 -1.25 3.48
CA LEU A 22 -10.19 -1.16 4.82
C LEU A 22 -10.18 0.28 5.38
N ARG A 23 -9.96 1.25 4.48
CA ARG A 23 -9.89 2.68 4.83
C ARG A 23 -8.59 3.01 5.59
N ILE A 24 -8.00 2.00 6.21
CA ILE A 24 -6.73 2.12 6.90
C ILE A 24 -6.85 3.08 8.08
N SER A 25 -6.19 4.23 8.01
CA SER A 25 -6.27 5.23 9.07
C SER A 25 -5.42 6.47 8.72
N PRO A 26 -4.11 6.28 8.42
CA PRO A 26 -3.18 7.37 7.98
C PRO A 26 -3.65 8.20 6.77
N GLU A 27 -2.68 8.85 6.09
CA GLU A 27 -2.97 9.66 4.89
C GLU A 27 -3.43 8.78 3.73
N THR A 28 -3.48 7.48 4.00
CA THR A 28 -3.87 6.45 3.04
C THR A 28 -4.88 6.93 1.98
N ASN A 29 -6.00 7.48 2.39
CA ASN A 29 -7.08 7.72 1.46
C ASN A 29 -6.72 8.85 0.54
N ALA A 30 -6.19 9.94 1.08
CA ALA A 30 -5.80 11.08 0.25
C ALA A 30 -4.62 10.72 -0.65
N ALA A 31 -3.62 10.08 -0.06
CA ALA A 31 -2.38 9.77 -0.75
C ALA A 31 -2.58 8.75 -1.86
N PHE A 32 -2.93 7.51 -1.50
CA PHE A 32 -3.16 6.47 -2.51
C PHE A 32 -4.24 6.87 -3.50
N ASP A 33 -5.25 7.61 -3.07
CA ASP A 33 -6.30 8.03 -4.01
C ASP A 33 -5.67 8.81 -5.15
N ASN A 34 -4.91 9.83 -4.79
CA ASN A 34 -4.16 10.62 -5.76
C ASN A 34 -3.15 9.75 -6.52
N ALA A 35 -2.51 8.84 -5.80
CA ALA A 35 -1.48 7.97 -6.37
C ALA A 35 -2.07 6.97 -7.37
N VAL A 36 -3.09 6.27 -6.95
CA VAL A 36 -3.75 5.29 -7.78
C VAL A 36 -4.60 5.99 -8.82
N GLN A 37 -4.75 7.30 -8.66
CA GLN A 37 -5.31 8.14 -9.70
C GLN A 37 -4.26 8.38 -10.78
N GLN A 38 -2.99 8.44 -10.38
CA GLN A 38 -1.89 8.48 -11.33
C GLN A 38 -1.90 7.26 -12.22
N LEU A 39 -1.77 6.09 -11.60
CA LEU A 39 -1.77 4.82 -12.34
C LEU A 39 -3.17 4.55 -12.88
N ASN A 40 -4.12 5.24 -12.25
CA ASN A 40 -5.54 5.24 -12.62
C ASN A 40 -6.05 3.86 -12.94
N CYS A 41 -5.60 2.91 -12.12
CA CYS A 41 -6.01 1.53 -12.26
C CYS A 41 -7.41 1.32 -11.67
N LEU A 42 -8.01 2.43 -11.19
CA LEU A 42 -9.35 2.43 -10.60
C LEU A 42 -9.45 1.45 -9.45
N ASN A 43 -8.32 1.19 -8.81
CA ASN A 43 -8.23 0.16 -7.79
C ASN A 43 -6.90 0.26 -7.07
N ARG A 44 -6.97 0.58 -5.79
CA ARG A 44 -5.78 0.83 -4.98
C ARG A 44 -4.97 -0.44 -4.79
N ALA A 45 -5.64 -1.58 -4.92
CA ALA A 45 -4.95 -2.86 -4.80
C ALA A 45 -4.05 -3.09 -6.02
N CYS A 46 -4.44 -2.51 -7.16
CA CYS A 46 -3.65 -2.61 -8.37
C CYS A 46 -2.36 -1.83 -8.19
N ALA A 47 -2.47 -0.78 -7.40
CA ALA A 47 -1.32 0.03 -7.05
C ALA A 47 -0.34 -0.78 -6.21
N TYR A 48 -0.76 -1.13 -5.02
CA TYR A 48 0.07 -1.93 -4.12
C TYR A 48 0.61 -3.21 -4.79
N ARG A 49 -0.08 -3.74 -5.81
CA ARG A 49 0.39 -4.92 -6.53
C ARG A 49 1.49 -4.58 -7.54
N LYS A 50 1.35 -3.49 -8.28
CA LYS A 50 2.37 -3.12 -9.26
C LYS A 50 3.55 -2.50 -8.52
N MET A 51 3.26 -1.73 -7.47
CA MET A 51 4.25 -1.44 -6.42
C MET A 51 5.08 -2.69 -6.07
N CYS A 52 4.38 -3.77 -5.72
CA CYS A 52 5.03 -5.05 -5.40
C CYS A 52 5.92 -5.53 -6.55
N ALA A 53 5.45 -5.31 -7.77
CA ALA A 53 6.20 -5.70 -8.96
C ALA A 53 7.38 -4.75 -9.19
N THR A 54 7.15 -3.46 -9.04
CA THR A 54 8.17 -2.45 -9.25
C THR A 54 7.86 -1.18 -8.46
N ASN A 55 6.71 -0.54 -8.76
CA ASN A 55 6.22 0.66 -8.06
C ASN A 55 5.18 1.33 -8.94
N ASN A 56 4.48 2.29 -8.37
CA ASN A 56 3.39 2.97 -9.05
C ASN A 56 2.86 4.10 -8.19
N LEU A 57 2.09 3.71 -7.18
CA LEU A 57 1.47 4.64 -6.26
C LEU A 57 2.51 5.52 -5.59
N GLU A 58 3.75 5.04 -5.60
CA GLU A 58 4.88 5.70 -4.99
C GLU A 58 4.83 7.21 -5.21
N GLN A 59 4.51 7.58 -6.44
CA GLN A 59 4.56 8.95 -6.89
C GLN A 59 3.79 9.93 -5.97
N ALA A 60 2.46 9.85 -5.99
CA ALA A 60 1.64 10.85 -5.34
C ALA A 60 1.53 10.60 -3.86
N MET A 61 1.40 9.34 -3.50
CA MET A 61 1.26 8.99 -2.11
C MET A 61 2.49 9.46 -1.32
N SER A 62 3.69 9.32 -1.87
CA SER A 62 4.90 9.78 -1.18
C SER A 62 4.97 11.30 -1.19
N VAL A 63 4.40 11.91 -2.23
CA VAL A 63 4.26 13.37 -2.25
C VAL A 63 3.37 13.83 -1.09
N TYR A 64 2.30 13.08 -0.84
CA TYR A 64 1.37 13.42 0.23
C TYR A 64 1.90 13.02 1.61
N PHE A 65 2.02 11.74 1.86
CA PHE A 65 2.42 11.26 3.18
C PHE A 65 3.95 11.16 3.27
N THR A 66 4.47 11.14 4.47
CA THR A 66 5.90 10.98 4.68
C THR A 66 6.27 9.49 4.77
N ASN A 67 7.56 9.19 4.85
CA ASN A 67 8.01 7.81 4.88
C ASN A 67 7.52 7.11 6.15
N GLU A 68 7.61 7.81 7.28
CA GLU A 68 7.10 7.29 8.54
C GLU A 68 5.60 7.04 8.45
N GLN A 69 4.93 7.91 7.70
CA GLN A 69 3.50 7.80 7.47
C GLN A 69 3.18 6.51 6.73
N ILE A 70 3.98 6.20 5.72
CA ILE A 70 3.76 5.02 4.92
C ILE A 70 4.41 3.79 5.57
N LYS A 71 5.23 4.00 6.58
CA LYS A 71 5.59 2.91 7.49
C LYS A 71 4.31 2.41 8.14
N GLU A 72 3.54 3.36 8.65
CA GLU A 72 2.25 3.06 9.25
C GLU A 72 1.31 2.37 8.27
N ILE A 73 1.08 2.99 7.11
CA ILE A 73 0.17 2.41 6.13
C ILE A 73 0.70 1.08 5.59
N HIS A 74 2.01 0.90 5.56
CA HIS A 74 2.56 -0.36 5.07
C HIS A 74 2.13 -1.50 5.99
N ASP A 75 2.39 -1.34 7.29
CA ASP A 75 2.00 -2.36 8.25
C ASP A 75 0.48 -2.40 8.33
N ALA A 76 -0.12 -1.25 8.10
CA ALA A 76 -1.56 -1.10 8.09
C ALA A 76 -2.19 -1.85 6.93
N ALA A 77 -1.53 -1.84 5.79
CA ALA A 77 -2.10 -2.42 4.59
C ALA A 77 -1.64 -3.87 4.41
N THR A 78 -0.70 -4.29 5.22
CA THR A 78 -0.33 -5.70 5.27
C THR A 78 -1.06 -6.42 6.40
N ALA A 79 -1.01 -5.82 7.59
CA ALA A 79 -1.61 -6.43 8.78
C ALA A 79 -3.02 -5.90 9.08
N CYS A 80 -3.38 -4.77 8.44
CA CYS A 80 -4.60 -4.02 8.78
C CYS A 80 -4.42 -3.28 10.09
N ASP A 81 -3.18 -2.84 10.34
CA ASP A 81 -2.83 -2.17 11.59
C ASP A 81 -2.34 -0.75 11.35
N PRO A 82 -3.24 0.22 11.08
CA PRO A 82 -2.86 1.58 10.74
C PRO A 82 -2.69 2.45 11.97
N GLU A 83 -2.26 1.83 13.04
CA GLU A 83 -2.18 2.48 14.35
C GLU A 83 -1.73 1.47 15.37
N ALA A 84 -2.29 0.26 15.26
CA ALA A 84 -1.98 -0.83 16.16
C ALA A 84 -0.50 -1.20 16.09
N HIS A 85 0.08 -1.00 14.93
CA HIS A 85 1.48 -1.29 14.71
C HIS A 85 2.13 -0.23 13.84
N HIS A 86 3.45 -0.16 13.91
CA HIS A 86 4.21 0.85 13.18
C HIS A 86 5.39 0.19 12.51
N GLU A 87 5.10 -0.77 11.62
CA GLU A 87 6.09 -1.52 10.87
C GLU A 87 6.73 -2.61 11.71
N HIS A 88 5.97 -3.69 11.92
CA HIS A 88 6.47 -4.95 12.49
C HIS A 88 6.73 -4.85 13.99
N ASP A 89 6.46 -5.94 14.68
CA ASP A 89 6.78 -6.06 16.11
C ASP A 89 8.25 -6.37 16.26
N HIS A 90 9.07 -5.35 16.45
CA HIS A 90 10.51 -5.53 16.57
C HIS A 90 11.06 -4.57 17.60
N HIS A 1 6.77 -9.67 -14.78
CA HIS A 1 6.24 -10.83 -14.03
C HIS A 1 7.37 -11.78 -13.66
N HIS A 2 7.48 -12.09 -12.38
CA HIS A 2 8.56 -12.89 -11.85
C HIS A 2 8.41 -13.07 -10.35
N GLN A 3 8.20 -14.30 -9.92
CA GLN A 3 7.98 -14.63 -8.51
C GLN A 3 6.74 -13.91 -8.00
N GLU A 4 5.64 -14.08 -8.74
CA GLU A 4 4.37 -13.44 -8.44
C GLU A 4 4.48 -11.92 -8.58
N LEU A 5 3.44 -11.21 -8.16
CA LEU A 5 3.48 -9.75 -8.17
C LEU A 5 4.17 -9.25 -6.90
N CYS A 6 3.76 -9.81 -5.78
CA CYS A 6 4.33 -9.46 -4.49
C CYS A 6 3.80 -10.40 -3.41
N THR A 7 4.40 -11.59 -3.36
CA THR A 7 4.02 -12.61 -2.37
C THR A 7 2.66 -13.23 -2.70
N LYS A 8 2.65 -14.55 -2.94
CA LYS A 8 1.41 -15.32 -3.09
C LYS A 8 0.49 -14.74 -4.16
N GLY A 9 1.08 -14.12 -5.17
CA GLY A 9 0.32 -13.57 -6.28
C GLY A 9 -0.90 -12.79 -5.85
N ASP A 10 -2.02 -13.10 -6.48
CA ASP A 10 -3.28 -12.41 -6.20
C ASP A 10 -3.78 -12.75 -4.81
N ASP A 11 -3.48 -13.96 -4.34
CA ASP A 11 -3.95 -14.41 -3.03
C ASP A 11 -3.54 -13.44 -1.94
N ALA A 12 -2.27 -13.07 -1.92
CA ALA A 12 -1.77 -12.19 -0.87
C ALA A 12 -2.00 -10.73 -1.21
N LEU A 13 -2.00 -10.37 -2.48
CA LEU A 13 -2.28 -8.98 -2.83
C LEU A 13 -3.78 -8.68 -2.65
N VAL A 14 -4.56 -9.75 -2.51
CA VAL A 14 -6.00 -9.64 -2.25
C VAL A 14 -6.28 -9.64 -0.74
N THR A 15 -5.53 -10.42 0.03
CA THR A 15 -5.60 -10.32 1.48
C THR A 15 -5.14 -8.95 1.90
N GLU A 16 -4.04 -8.50 1.30
CA GLU A 16 -3.61 -7.14 1.48
C GLU A 16 -4.59 -6.17 0.83
N LEU A 17 -5.27 -6.58 -0.25
CA LEU A 17 -6.31 -5.75 -0.85
C LEU A 17 -7.32 -5.29 0.20
N GLU A 18 -7.89 -6.24 0.92
CA GLU A 18 -8.87 -5.93 1.96
C GLU A 18 -8.20 -5.21 3.12
N CYS A 19 -6.90 -5.44 3.30
CA CYS A 19 -6.15 -4.77 4.35
C CYS A 19 -5.60 -3.44 3.86
N ILE A 20 -5.84 -3.13 2.59
CA ILE A 20 -5.62 -1.78 2.05
C ILE A 20 -6.94 -1.01 2.03
N ARG A 21 -8.03 -1.73 1.78
CA ARG A 21 -9.34 -1.12 1.63
C ARG A 21 -10.02 -0.94 2.98
N LEU A 22 -9.34 -1.42 4.02
CA LEU A 22 -9.83 -1.38 5.38
C LEU A 22 -9.92 0.06 5.92
N ARG A 23 -9.87 1.04 5.01
CA ARG A 23 -9.86 2.46 5.35
C ARG A 23 -8.52 2.90 5.96
N ILE A 24 -7.83 1.92 6.57
CA ILE A 24 -6.53 2.13 7.19
C ILE A 24 -6.65 3.09 8.37
N SER A 25 -6.01 4.25 8.26
CA SER A 25 -6.06 5.27 9.29
C SER A 25 -5.22 6.48 8.84
N PRO A 26 -3.91 6.26 8.52
CA PRO A 26 -2.99 7.29 7.96
C PRO A 26 -3.50 8.01 6.68
N GLU A 27 -2.56 8.68 5.99
CA GLU A 27 -2.84 9.40 4.73
C GLU A 27 -3.26 8.48 3.60
N THR A 28 -3.32 7.20 3.90
CA THR A 28 -3.75 6.17 2.96
C THR A 28 -4.81 6.65 1.96
N ASN A 29 -5.83 7.33 2.45
CA ASN A 29 -6.97 7.67 1.63
C ASN A 29 -6.56 8.71 0.62
N ALA A 30 -6.06 9.83 1.12
CA ALA A 30 -5.63 10.93 0.26
C ALA A 30 -4.54 10.49 -0.72
N ALA A 31 -3.49 9.90 -0.16
CA ALA A 31 -2.29 9.59 -0.91
C ALA A 31 -2.50 8.45 -1.91
N PHE A 32 -2.97 7.30 -1.45
CA PHE A 32 -3.27 6.22 -2.39
C PHE A 32 -4.37 6.63 -3.36
N ASP A 33 -5.20 7.61 -2.97
CA ASP A 33 -6.26 8.04 -3.86
C ASP A 33 -5.67 8.61 -5.11
N ASN A 34 -4.91 9.71 -5.01
CA ASN A 34 -4.32 10.32 -6.20
C ASN A 34 -3.34 9.38 -6.90
N ALA A 35 -2.64 8.55 -6.12
CA ALA A 35 -1.74 7.53 -6.68
C ALA A 35 -2.50 6.51 -7.51
N VAL A 36 -3.42 5.82 -6.87
CA VAL A 36 -4.22 4.80 -7.49
C VAL A 36 -5.18 5.40 -8.51
N GLN A 37 -5.40 6.70 -8.38
CA GLN A 37 -6.12 7.49 -9.36
C GLN A 37 -5.26 7.66 -10.61
N GLN A 38 -3.94 7.74 -10.41
CA GLN A 38 -2.99 7.80 -11.52
C GLN A 38 -3.13 6.59 -12.41
N LEU A 39 -2.89 5.41 -11.85
CA LEU A 39 -2.86 4.21 -12.66
C LEU A 39 -4.28 3.71 -12.85
N ASN A 40 -5.16 4.25 -12.00
CA ASN A 40 -6.61 4.10 -12.10
C ASN A 40 -7.02 2.65 -12.20
N CYS A 41 -6.45 1.86 -11.31
CA CYS A 41 -6.74 0.43 -11.25
C CYS A 41 -7.93 0.19 -10.33
N LEU A 42 -8.56 1.29 -9.89
CA LEU A 42 -9.67 1.26 -8.92
C LEU A 42 -9.17 0.80 -7.56
N ASN A 43 -8.66 -0.42 -7.50
CA ASN A 43 -8.11 -0.95 -6.27
C ASN A 43 -6.76 -0.33 -5.98
N ARG A 44 -6.55 0.00 -4.72
CA ARG A 44 -5.27 0.53 -4.27
C ARG A 44 -4.19 -0.52 -4.38
N ALA A 45 -4.63 -1.78 -4.54
CA ALA A 45 -3.73 -2.91 -4.70
C ALA A 45 -2.70 -2.67 -5.78
N CYS A 46 -3.18 -2.42 -7.00
CA CYS A 46 -2.31 -2.25 -8.15
C CYS A 46 -1.15 -1.29 -7.88
N ALA A 47 -1.46 -0.07 -7.48
CA ALA A 47 -0.44 0.95 -7.19
C ALA A 47 0.55 0.46 -6.14
N TYR A 48 -0.03 0.05 -5.03
CA TYR A 48 0.71 -0.36 -3.85
C TYR A 48 1.55 -1.61 -4.15
N ARG A 49 0.98 -2.50 -4.93
CA ARG A 49 1.61 -3.77 -5.26
C ARG A 49 2.73 -3.56 -6.26
N LYS A 50 2.61 -2.53 -7.07
CA LYS A 50 3.62 -2.21 -8.06
C LYS A 50 4.75 -1.49 -7.34
N MET A 51 4.40 -0.74 -6.29
CA MET A 51 5.39 -0.21 -5.35
C MET A 51 6.22 -1.33 -4.75
N CYS A 52 5.56 -2.41 -4.33
CA CYS A 52 6.27 -3.57 -3.77
C CYS A 52 7.22 -4.16 -4.80
N ALA A 53 6.73 -4.34 -6.03
CA ALA A 53 7.56 -4.88 -7.11
C ALA A 53 8.78 -4.01 -7.34
N THR A 54 8.60 -2.70 -7.21
CA THR A 54 9.69 -1.75 -7.34
C THR A 54 9.22 -0.34 -7.00
N ASN A 55 8.13 0.07 -7.65
CA ASN A 55 7.57 1.41 -7.59
C ASN A 55 6.70 1.58 -8.80
N ASN A 56 5.92 2.63 -8.85
CA ASN A 56 5.01 2.82 -9.95
C ASN A 56 4.34 4.17 -9.82
N LEU A 57 3.16 4.13 -9.25
CA LEU A 57 2.37 5.31 -9.00
C LEU A 57 2.45 5.74 -7.56
N GLU A 58 3.16 4.96 -6.78
CA GLU A 58 3.46 5.30 -5.40
C GLU A 58 4.04 6.71 -5.30
N GLN A 59 4.46 7.25 -6.44
CA GLN A 59 4.82 8.66 -6.57
C GLN A 59 3.82 9.57 -5.84
N ALA A 60 2.56 9.60 -6.30
CA ALA A 60 1.55 10.52 -5.78
C ALA A 60 1.37 10.37 -4.29
N MET A 61 0.92 9.19 -3.86
CA MET A 61 0.90 8.83 -2.44
C MET A 61 2.18 9.27 -1.71
N SER A 62 3.37 9.00 -2.26
CA SER A 62 4.63 9.38 -1.59
C SER A 62 4.86 10.90 -1.62
N VAL A 63 4.16 11.59 -2.51
CA VAL A 63 4.16 13.05 -2.51
C VAL A 63 3.28 13.57 -1.39
N TYR A 64 2.16 12.89 -1.19
CA TYR A 64 1.22 13.25 -0.14
C TYR A 64 1.75 12.87 1.24
N PHE A 65 1.97 11.59 1.49
CA PHE A 65 2.46 11.12 2.78
C PHE A 65 3.98 11.17 2.81
N THR A 66 4.55 10.93 3.97
CA THR A 66 5.99 10.82 4.10
C THR A 66 6.41 9.36 4.18
N ASN A 67 7.71 9.10 4.11
CA ASN A 67 8.23 7.73 4.13
C ASN A 67 7.82 7.02 5.42
N GLU A 68 7.83 7.75 6.53
CA GLU A 68 7.43 7.18 7.81
C GLU A 68 5.91 7.04 7.90
N GLN A 69 5.20 7.91 7.19
CA GLN A 69 3.74 7.82 7.12
C GLN A 69 3.34 6.53 6.42
N ILE A 70 4.04 6.23 5.33
CA ILE A 70 3.75 5.03 4.57
C ILE A 70 4.43 3.81 5.20
N LYS A 71 5.34 4.05 6.14
CA LYS A 71 5.84 3.00 6.99
C LYS A 71 4.68 2.51 7.88
N GLU A 72 3.94 3.50 8.39
CA GLU A 72 2.76 3.23 9.20
C GLU A 72 1.70 2.51 8.36
N ILE A 73 1.43 3.02 7.17
CA ILE A 73 0.46 2.38 6.28
C ILE A 73 1.04 1.09 5.71
N HIS A 74 2.34 0.88 5.85
CA HIS A 74 2.93 -0.37 5.41
C HIS A 74 2.46 -1.49 6.33
N ASP A 75 2.59 -1.27 7.64
CA ASP A 75 2.03 -2.21 8.61
C ASP A 75 0.52 -2.21 8.47
N ALA A 76 -0.01 -1.01 8.29
CA ALA A 76 -1.44 -0.81 8.17
C ALA A 76 -2.04 -1.57 7.00
N ALA A 77 -1.43 -1.52 5.84
CA ALA A 77 -2.04 -2.07 4.65
C ALA A 77 -1.65 -3.52 4.42
N THR A 78 -0.56 -3.97 5.04
CA THR A 78 -0.16 -5.36 4.93
C THR A 78 -0.73 -6.16 6.12
N ALA A 79 -0.66 -5.58 7.31
CA ALA A 79 -1.16 -6.22 8.51
C ALA A 79 -2.57 -5.76 8.84
N CYS A 80 -3.07 -4.80 8.07
CA CYS A 80 -4.36 -4.16 8.35
C CYS A 80 -4.34 -3.60 9.77
N ASP A 81 -3.19 -3.00 10.09
CA ASP A 81 -2.88 -2.48 11.42
C ASP A 81 -2.29 -1.08 11.31
N PRO A 82 -3.12 -0.04 11.13
CA PRO A 82 -2.63 1.34 10.98
C PRO A 82 -2.42 2.00 12.33
N GLU A 83 -2.89 1.33 13.36
CA GLU A 83 -2.87 1.84 14.72
C GLU A 83 -3.55 0.84 15.63
N ALA A 84 -3.43 -0.42 15.26
CA ALA A 84 -4.05 -1.49 16.01
C ALA A 84 -3.08 -1.97 17.08
N HIS A 85 -1.82 -2.04 16.71
CA HIS A 85 -0.77 -2.42 17.64
C HIS A 85 0.45 -1.53 17.48
N HIS A 86 0.84 -1.31 16.23
CA HIS A 86 2.12 -0.67 15.93
C HIS A 86 2.24 -0.40 14.44
N GLU A 87 3.44 -0.04 14.02
CA GLU A 87 3.81 -0.08 12.61
C GLU A 87 5.23 -0.64 12.49
N HIS A 88 5.63 -0.99 11.28
CA HIS A 88 6.99 -1.45 11.00
C HIS A 88 7.28 -2.84 11.60
N ASP A 89 6.52 -3.84 11.11
CA ASP A 89 6.87 -5.27 11.24
C ASP A 89 7.45 -5.65 12.61
N HIS A 90 8.76 -5.57 12.73
CA HIS A 90 9.46 -5.95 13.95
C HIS A 90 10.81 -5.23 14.01
N HIS A 1 8.30 -6.35 3.08
CA HIS A 1 9.56 -6.40 2.30
C HIS A 1 9.85 -7.83 1.84
N HIS A 2 9.66 -8.09 0.55
CA HIS A 2 10.01 -9.39 -0.05
C HIS A 2 9.00 -10.46 0.38
N GLN A 3 8.76 -11.44 -0.50
CA GLN A 3 7.70 -12.45 -0.31
C GLN A 3 6.44 -11.80 0.23
N GLU A 4 6.00 -10.77 -0.48
CA GLU A 4 4.93 -9.93 -0.05
C GLU A 4 3.72 -10.09 -0.99
N LEU A 5 2.97 -9.02 -1.20
CA LEU A 5 1.72 -9.10 -1.97
C LEU A 5 1.97 -9.44 -3.44
N CYS A 6 3.17 -9.19 -3.92
CA CYS A 6 3.47 -9.40 -5.32
C CYS A 6 4.13 -10.76 -5.55
N THR A 7 4.15 -11.58 -4.51
CA THR A 7 4.76 -12.90 -4.60
C THR A 7 3.74 -13.97 -4.95
N LYS A 8 2.80 -14.23 -4.05
CA LYS A 8 1.83 -15.31 -4.25
C LYS A 8 0.61 -14.80 -5.02
N GLY A 9 0.88 -14.18 -6.17
CA GLY A 9 -0.17 -13.76 -7.08
C GLY A 9 -1.30 -12.99 -6.43
N ASP A 10 -2.50 -13.18 -6.96
CA ASP A 10 -3.68 -12.48 -6.49
C ASP A 10 -4.15 -13.01 -5.14
N ASP A 11 -3.74 -14.22 -4.77
CA ASP A 11 -4.10 -14.77 -3.47
C ASP A 11 -3.58 -13.87 -2.36
N ALA A 12 -2.27 -13.60 -2.42
CA ALA A 12 -1.63 -12.71 -1.47
C ALA A 12 -2.17 -11.30 -1.65
N LEU A 13 -2.23 -10.86 -2.90
CA LEU A 13 -2.72 -9.53 -3.23
C LEU A 13 -4.13 -9.30 -2.69
N VAL A 14 -4.90 -10.38 -2.58
CA VAL A 14 -6.26 -10.34 -2.05
C VAL A 14 -6.25 -10.16 -0.54
N THR A 15 -5.46 -10.97 0.15
CA THR A 15 -5.32 -10.81 1.59
C THR A 15 -4.86 -9.39 1.90
N GLU A 16 -3.82 -8.96 1.21
CA GLU A 16 -3.36 -7.63 1.30
C GLU A 16 -4.45 -6.63 0.94
N LEU A 17 -5.16 -6.83 -0.17
CA LEU A 17 -6.14 -5.84 -0.60
C LEU A 17 -7.29 -5.68 0.39
N GLU A 18 -7.64 -6.75 1.10
CA GLU A 18 -8.68 -6.64 2.12
C GLU A 18 -8.13 -5.94 3.36
N CYS A 19 -6.81 -5.95 3.52
CA CYS A 19 -6.17 -5.18 4.58
C CYS A 19 -5.70 -3.83 4.06
N ILE A 20 -5.92 -3.60 2.77
CA ILE A 20 -5.66 -2.31 2.14
C ILE A 20 -6.95 -1.48 2.07
N ARG A 21 -8.06 -2.14 1.79
CA ARG A 21 -9.32 -1.43 1.52
C ARG A 21 -10.10 -1.14 2.79
N LEU A 22 -9.60 -1.61 3.92
CA LEU A 22 -10.25 -1.39 5.22
C LEU A 22 -10.23 0.08 5.64
N ARG A 23 -10.03 0.98 4.66
CA ARG A 23 -9.91 2.43 4.88
C ARG A 23 -8.62 2.79 5.62
N ILE A 24 -8.08 1.81 6.33
CA ILE A 24 -6.79 1.91 7.00
C ILE A 24 -6.84 2.90 8.15
N SER A 25 -6.19 4.04 8.00
CA SER A 25 -6.18 5.08 9.04
C SER A 25 -5.32 6.28 8.59
N PRO A 26 -4.06 6.04 8.14
CA PRO A 26 -3.13 7.12 7.71
C PRO A 26 -3.62 7.96 6.53
N GLU A 27 -2.70 8.68 5.88
CA GLU A 27 -3.02 9.50 4.70
C GLU A 27 -3.45 8.62 3.54
N THR A 28 -3.43 7.31 3.77
CA THR A 28 -3.83 6.29 2.80
C THR A 28 -4.92 6.75 1.85
N ASN A 29 -6.01 7.30 2.37
CA ASN A 29 -7.16 7.62 1.54
C ASN A 29 -6.83 8.74 0.57
N ALA A 30 -6.35 9.87 1.08
CA ALA A 30 -6.03 11.00 0.23
C ALA A 30 -4.87 10.67 -0.70
N ALA A 31 -3.80 10.17 -0.09
CA ALA A 31 -2.56 9.89 -0.80
C ALA A 31 -2.78 8.86 -1.90
N PHE A 32 -3.11 7.62 -1.52
CA PHE A 32 -3.30 6.57 -2.50
C PHE A 32 -4.42 6.89 -3.47
N ASP A 33 -5.48 7.57 -3.05
CA ASP A 33 -6.60 7.76 -3.95
C ASP A 33 -6.17 8.60 -5.13
N ASN A 34 -5.39 9.64 -4.86
CA ASN A 34 -4.86 10.49 -5.93
C ASN A 34 -3.64 9.80 -6.58
N ALA A 35 -3.00 8.91 -5.84
CA ALA A 35 -1.90 8.13 -6.38
C ALA A 35 -2.42 7.10 -7.36
N VAL A 36 -3.28 6.22 -6.88
CA VAL A 36 -3.91 5.21 -7.68
C VAL A 36 -4.79 5.86 -8.75
N GLN A 37 -5.12 7.12 -8.52
CA GLN A 37 -5.70 7.97 -9.55
C GLN A 37 -4.72 8.12 -10.72
N GLN A 38 -3.45 8.38 -10.41
CA GLN A 38 -2.39 8.43 -11.44
C GLN A 38 -2.27 7.11 -12.17
N LEU A 39 -1.85 6.08 -11.43
CA LEU A 39 -1.59 4.77 -12.00
C LEU A 39 -2.89 4.11 -12.48
N ASN A 40 -4.00 4.75 -12.10
CA ASN A 40 -5.35 4.46 -12.60
C ASN A 40 -5.64 2.97 -12.72
N CYS A 41 -5.35 2.28 -11.64
CA CYS A 41 -5.59 0.85 -11.56
C CYS A 41 -6.96 0.58 -10.96
N LEU A 42 -7.73 1.64 -10.70
CA LEU A 42 -9.04 1.55 -10.06
C LEU A 42 -8.90 1.15 -8.59
N ASN A 43 -8.38 -0.04 -8.33
CA ASN A 43 -8.22 -0.51 -6.97
C ASN A 43 -6.80 -0.29 -6.48
N ARG A 44 -6.68 -0.16 -5.17
CA ARG A 44 -5.43 0.20 -4.52
C ARG A 44 -4.48 -0.99 -4.45
N ALA A 45 -4.99 -2.18 -4.73
CA ALA A 45 -4.18 -3.39 -4.72
C ALA A 45 -3.06 -3.30 -5.76
N CYS A 46 -3.41 -2.75 -6.90
CA CYS A 46 -2.48 -2.53 -8.01
C CYS A 46 -1.35 -1.59 -7.57
N ALA A 47 -1.76 -0.51 -6.92
CA ALA A 47 -0.85 0.46 -6.37
C ALA A 47 0.11 -0.16 -5.35
N TYR A 48 -0.44 -0.90 -4.41
CA TYR A 48 0.39 -1.58 -3.45
C TYR A 48 1.14 -2.74 -4.11
N ARG A 49 0.68 -3.16 -5.28
CA ARG A 49 1.43 -4.10 -6.08
C ARG A 49 2.77 -3.47 -6.45
N LYS A 50 2.76 -2.17 -6.76
CA LYS A 50 3.99 -1.42 -6.87
C LYS A 50 4.81 -1.53 -5.62
N MET A 51 4.16 -1.17 -4.52
CA MET A 51 4.78 -1.20 -3.19
C MET A 51 5.64 -2.46 -3.00
N CYS A 52 5.15 -3.59 -3.48
CA CYS A 52 5.91 -4.83 -3.43
C CYS A 52 6.85 -4.97 -4.64
N ALA A 53 6.32 -4.66 -5.83
CA ALA A 53 7.06 -4.89 -7.08
C ALA A 53 8.08 -3.80 -7.38
N THR A 54 7.63 -2.60 -7.74
CA THR A 54 8.57 -1.57 -8.17
C THR A 54 7.97 -0.15 -8.18
N ASN A 55 7.07 0.19 -9.12
CA ASN A 55 6.67 1.57 -9.30
C ASN A 55 5.27 1.74 -9.90
N ASN A 56 4.49 2.57 -9.22
CA ASN A 56 3.08 2.80 -9.53
C ASN A 56 2.60 3.90 -8.59
N LEU A 57 2.18 3.43 -7.41
CA LEU A 57 1.52 4.23 -6.38
C LEU A 57 2.35 5.44 -5.98
N GLU A 58 3.65 5.26 -5.95
CA GLU A 58 4.57 6.15 -5.25
C GLU A 58 4.49 7.57 -5.75
N GLN A 59 4.10 7.73 -6.99
CA GLN A 59 4.04 9.03 -7.61
C GLN A 59 3.32 10.05 -6.70
N ALA A 60 2.04 9.86 -6.45
CA ALA A 60 1.26 10.83 -5.71
C ALA A 60 1.38 10.62 -4.23
N MET A 61 0.91 9.48 -3.75
CA MET A 61 1.06 9.09 -2.36
C MET A 61 2.43 9.49 -1.79
N SER A 62 3.53 9.17 -2.46
CA SER A 62 4.86 9.52 -1.89
C SER A 62 5.14 11.02 -1.98
N VAL A 63 4.60 11.71 -3.00
CA VAL A 63 4.67 13.17 -3.00
C VAL A 63 3.81 13.77 -1.86
N TYR A 64 2.68 13.13 -1.59
CA TYR A 64 1.74 13.61 -0.58
C TYR A 64 2.22 13.35 0.85
N PHE A 65 2.24 12.08 1.26
CA PHE A 65 2.62 11.73 2.62
C PHE A 65 4.14 11.65 2.73
N THR A 66 4.64 11.48 3.94
CA THR A 66 6.07 11.42 4.16
C THR A 66 6.56 9.98 4.27
N ASN A 67 7.87 9.80 4.29
CA ASN A 67 8.48 8.47 4.41
C ASN A 67 7.92 7.70 5.61
N GLU A 68 7.89 8.34 6.76
CA GLU A 68 7.41 7.72 7.98
C GLU A 68 5.90 7.46 7.91
N GLN A 69 5.20 8.32 7.18
CA GLN A 69 3.77 8.16 7.00
C GLN A 69 3.46 6.84 6.30
N ILE A 70 4.23 6.54 5.26
CA ILE A 70 4.00 5.32 4.50
C ILE A 70 4.64 4.11 5.20
N LYS A 71 5.55 4.35 6.13
CA LYS A 71 5.94 3.31 7.08
C LYS A 71 4.68 2.84 7.79
N GLU A 72 3.93 3.82 8.29
CA GLU A 72 2.70 3.56 9.00
C GLU A 72 1.71 2.79 8.12
N ILE A 73 1.47 3.29 6.90
CA ILE A 73 0.50 2.64 6.01
C ILE A 73 1.02 1.31 5.47
N HIS A 74 2.32 1.06 5.59
CA HIS A 74 2.86 -0.23 5.17
C HIS A 74 2.52 -1.29 6.20
N ASP A 75 2.71 -0.96 7.47
CA ASP A 75 2.34 -1.87 8.54
C ASP A 75 0.82 -1.92 8.61
N ALA A 76 0.25 -0.78 8.28
CA ALA A 76 -1.18 -0.62 8.24
C ALA A 76 -1.85 -1.49 7.19
N ALA A 77 -1.37 -1.45 5.97
CA ALA A 77 -2.08 -2.14 4.91
C ALA A 77 -1.60 -3.56 4.70
N THR A 78 -0.43 -3.89 5.26
CA THR A 78 0.05 -5.27 5.21
C THR A 78 -0.53 -6.07 6.37
N ALA A 79 -0.52 -5.49 7.55
CA ALA A 79 -1.03 -6.13 8.75
C ALA A 79 -2.45 -5.72 9.04
N CYS A 80 -2.96 -4.78 8.22
CA CYS A 80 -4.24 -4.12 8.48
C CYS A 80 -4.23 -3.57 9.90
N ASP A 81 -3.19 -2.78 10.14
CA ASP A 81 -2.83 -2.31 11.47
C ASP A 81 -2.18 -0.93 11.39
N PRO A 82 -2.95 0.14 11.17
CA PRO A 82 -2.40 1.47 10.97
C PRO A 82 -2.06 2.15 12.28
N GLU A 83 -2.50 1.53 13.36
CA GLU A 83 -2.29 2.08 14.68
C GLU A 83 -1.11 1.40 15.35
N ALA A 84 -0.44 0.54 14.60
CA ALA A 84 0.81 -0.03 15.06
C ALA A 84 1.96 0.88 14.64
N HIS A 85 1.77 1.55 13.50
CA HIS A 85 2.67 2.59 13.01
C HIS A 85 4.09 2.09 12.77
N HIS A 86 4.23 0.81 12.45
CA HIS A 86 5.56 0.25 12.20
C HIS A 86 5.87 0.24 10.71
N GLU A 87 6.02 -0.95 10.13
CA GLU A 87 6.22 -1.08 8.69
C GLU A 87 6.30 -2.56 8.28
N HIS A 88 5.71 -3.43 9.11
CA HIS A 88 5.84 -4.89 8.97
C HIS A 88 7.27 -5.35 9.26
N ASP A 89 8.21 -4.81 8.52
CA ASP A 89 9.61 -5.19 8.63
C ASP A 89 10.34 -4.28 9.62
N HIS A 90 11.61 -4.59 9.87
CA HIS A 90 12.44 -3.79 10.74
C HIS A 90 13.77 -3.53 10.06
N HIS A 1 7.83 -13.42 -10.58
CA HIS A 1 7.93 -13.23 -12.05
C HIS A 1 6.57 -12.85 -12.63
N HIS A 2 6.24 -11.56 -12.55
CA HIS A 2 5.03 -11.01 -13.15
C HIS A 2 3.78 -11.42 -12.36
N GLN A 3 3.42 -12.70 -12.45
CA GLN A 3 2.25 -13.21 -11.74
C GLN A 3 2.46 -13.08 -10.23
N GLU A 4 3.59 -13.60 -9.76
CA GLU A 4 3.95 -13.44 -8.37
C GLU A 4 5.03 -12.37 -8.25
N LEU A 5 4.60 -11.12 -8.35
CA LEU A 5 5.51 -9.99 -8.28
C LEU A 5 5.44 -9.32 -6.92
N CYS A 6 4.79 -9.97 -5.97
CA CYS A 6 4.60 -9.39 -4.65
C CYS A 6 4.50 -10.48 -3.58
N THR A 7 5.63 -11.12 -3.29
CA THR A 7 5.75 -12.10 -2.21
C THR A 7 4.98 -13.39 -2.51
N LYS A 8 3.67 -13.28 -2.59
CA LYS A 8 2.81 -14.42 -2.86
C LYS A 8 1.65 -13.99 -3.73
N GLY A 9 1.98 -13.17 -4.74
CA GLY A 9 1.04 -12.78 -5.78
C GLY A 9 -0.32 -12.38 -5.24
N ASP A 10 -1.35 -13.03 -5.80
CA ASP A 10 -2.74 -12.73 -5.46
C ASP A 10 -3.02 -12.86 -3.98
N ASP A 11 -2.48 -13.89 -3.36
CA ASP A 11 -2.72 -14.15 -1.94
C ASP A 11 -2.25 -12.96 -1.11
N ALA A 12 -1.02 -12.55 -1.37
CA ALA A 12 -0.44 -11.42 -0.65
C ALA A 12 -1.22 -10.13 -0.91
N LEU A 13 -1.45 -9.81 -2.18
CA LEU A 13 -2.01 -8.51 -2.54
C LEU A 13 -3.52 -8.43 -2.29
N VAL A 14 -4.13 -9.56 -1.99
CA VAL A 14 -5.55 -9.60 -1.61
C VAL A 14 -5.68 -9.47 -0.10
N THR A 15 -4.70 -9.98 0.64
CA THR A 15 -4.61 -9.68 2.05
C THR A 15 -4.41 -8.17 2.21
N GLU A 16 -3.44 -7.67 1.45
CA GLU A 16 -3.22 -6.24 1.35
C GLU A 16 -4.49 -5.57 0.86
N LEU A 17 -5.16 -6.17 -0.13
CA LEU A 17 -6.45 -5.67 -0.61
C LEU A 17 -7.45 -5.52 0.53
N GLU A 18 -7.51 -6.56 1.36
CA GLU A 18 -8.43 -6.64 2.48
C GLU A 18 -8.29 -5.44 3.40
N CYS A 19 -7.07 -4.97 3.63
CA CYS A 19 -6.91 -3.74 4.41
C CYS A 19 -6.83 -2.51 3.52
N ILE A 20 -6.53 -2.71 2.24
CA ILE A 20 -6.57 -1.64 1.25
C ILE A 20 -8.01 -1.14 1.06
N ARG A 21 -8.95 -1.81 1.74
CA ARG A 21 -10.28 -1.26 1.96
C ARG A 21 -10.25 0.03 2.75
N LEU A 22 -9.04 0.41 3.13
CA LEU A 22 -8.74 1.75 3.56
C LEU A 22 -9.68 2.28 4.64
N ARG A 23 -10.00 1.41 5.58
CA ARG A 23 -10.47 1.86 6.88
C ARG A 23 -9.26 1.83 7.80
N ILE A 24 -8.11 1.74 7.15
CA ILE A 24 -6.79 1.66 7.79
C ILE A 24 -6.60 2.64 8.95
N SER A 25 -6.04 3.80 8.64
CA SER A 25 -5.78 4.85 9.63
C SER A 25 -5.04 6.05 8.99
N PRO A 26 -3.82 5.81 8.43
CA PRO A 26 -2.95 6.87 7.86
C PRO A 26 -3.54 7.65 6.67
N GLU A 27 -2.66 8.43 6.00
CA GLU A 27 -2.99 9.16 4.76
C GLU A 27 -3.38 8.21 3.64
N THR A 28 -3.36 6.93 3.95
CA THR A 28 -3.70 5.87 3.03
C THR A 28 -4.75 6.27 2.00
N ASN A 29 -5.85 6.86 2.46
CA ASN A 29 -6.95 7.17 1.57
C ASN A 29 -6.59 8.33 0.68
N ALA A 30 -6.18 9.45 1.28
CA ALA A 30 -5.79 10.62 0.52
C ALA A 30 -4.67 10.29 -0.47
N ALA A 31 -3.55 9.83 0.09
CA ALA A 31 -2.33 9.64 -0.67
C ALA A 31 -2.48 8.58 -1.74
N PHE A 32 -2.87 7.35 -1.38
CA PHE A 32 -3.04 6.31 -2.38
C PHE A 32 -4.10 6.72 -3.38
N ASP A 33 -5.06 7.55 -2.97
CA ASP A 33 -6.14 7.94 -3.84
C ASP A 33 -5.60 8.67 -5.04
N ASN A 34 -4.75 9.68 -4.81
CA ASN A 34 -4.17 10.44 -5.92
C ASN A 34 -3.13 9.58 -6.69
N ALA A 35 -2.47 8.67 -5.99
CA ALA A 35 -1.57 7.70 -6.64
C ALA A 35 -2.36 6.77 -7.57
N VAL A 36 -3.33 6.10 -7.02
CA VAL A 36 -4.16 5.17 -7.76
C VAL A 36 -5.06 5.93 -8.72
N GLN A 37 -5.23 7.21 -8.43
CA GLN A 37 -5.84 8.15 -9.35
C GLN A 37 -4.99 8.27 -10.61
N GLN A 38 -3.67 8.25 -10.43
CA GLN A 38 -2.73 8.23 -11.55
C GLN A 38 -2.96 7.04 -12.45
N LEU A 39 -2.74 5.85 -11.91
CA LEU A 39 -2.74 4.67 -12.76
C LEU A 39 -4.16 4.27 -13.11
N ASN A 40 -5.08 4.70 -12.25
CA ASN A 40 -6.51 4.50 -12.44
C ASN A 40 -6.81 3.03 -12.70
N CYS A 41 -6.14 2.21 -11.92
CA CYS A 41 -6.21 0.77 -12.06
C CYS A 41 -7.37 0.20 -11.26
N LEU A 42 -8.35 1.06 -10.96
CA LEU A 42 -9.57 0.69 -10.24
C LEU A 42 -9.29 0.45 -8.77
N ASN A 43 -8.46 -0.54 -8.47
CA ASN A 43 -8.12 -0.85 -7.10
C ASN A 43 -6.73 -0.33 -6.75
N ARG A 44 -6.63 0.18 -5.53
CA ARG A 44 -5.40 0.75 -5.02
C ARG A 44 -4.37 -0.33 -4.80
N ALA A 45 -4.83 -1.58 -4.81
CA ALA A 45 -3.95 -2.73 -4.72
C ALA A 45 -3.09 -2.87 -5.97
N CYS A 46 -3.50 -2.20 -7.04
CA CYS A 46 -2.74 -2.24 -8.30
C CYS A 46 -1.52 -1.33 -8.20
N ALA A 47 -1.77 -0.09 -7.75
CA ALA A 47 -0.68 0.86 -7.50
C ALA A 47 0.31 0.25 -6.53
N TYR A 48 -0.24 -0.33 -5.49
CA TYR A 48 0.51 -0.96 -4.42
C TYR A 48 1.24 -2.19 -4.93
N ARG A 49 0.54 -3.01 -5.73
CA ARG A 49 1.14 -4.18 -6.37
C ARG A 49 2.42 -3.81 -7.10
N LYS A 50 2.37 -2.71 -7.81
CA LYS A 50 3.48 -2.34 -8.67
C LYS A 50 4.55 -1.63 -7.86
N MET A 51 4.12 -0.97 -6.78
CA MET A 51 5.04 -0.50 -5.73
C MET A 51 5.75 -1.69 -5.08
N CYS A 52 4.98 -2.71 -4.75
CA CYS A 52 5.51 -3.92 -4.13
C CYS A 52 6.49 -4.61 -5.08
N ALA A 53 6.17 -4.59 -6.37
CA ALA A 53 7.07 -5.12 -7.38
C ALA A 53 8.36 -4.33 -7.44
N THR A 54 8.24 -3.01 -7.34
CA THR A 54 9.40 -2.13 -7.32
C THR A 54 8.97 -0.69 -7.00
N ASN A 55 7.92 -0.21 -7.70
CA ASN A 55 7.43 1.14 -7.61
C ASN A 55 6.62 1.39 -8.86
N ASN A 56 5.86 2.46 -8.88
CA ASN A 56 4.99 2.74 -9.99
C ASN A 56 4.38 4.12 -9.83
N LEU A 57 3.19 4.12 -9.30
CA LEU A 57 2.44 5.32 -9.04
C LEU A 57 2.49 5.73 -7.59
N GLU A 58 3.13 4.91 -6.79
CA GLU A 58 3.38 5.24 -5.39
C GLU A 58 4.07 6.62 -5.29
N GLN A 59 4.60 7.08 -6.42
CA GLN A 59 5.03 8.46 -6.62
C GLN A 59 4.11 9.46 -5.91
N ALA A 60 2.83 9.48 -6.30
CA ALA A 60 1.88 10.48 -5.80
C ALA A 60 1.63 10.34 -4.31
N MET A 61 1.11 9.18 -3.92
CA MET A 61 0.99 8.85 -2.49
C MET A 61 2.26 9.21 -1.71
N SER A 62 3.45 8.90 -2.26
CA SER A 62 4.72 9.22 -1.59
C SER A 62 4.95 10.73 -1.50
N VAL A 63 4.36 11.48 -2.43
CA VAL A 63 4.37 12.93 -2.35
C VAL A 63 3.50 13.40 -1.20
N TYR A 64 2.34 12.79 -1.08
CA TYR A 64 1.37 13.13 -0.04
C TYR A 64 1.85 12.68 1.34
N PHE A 65 1.96 11.37 1.54
CA PHE A 65 2.39 10.84 2.83
C PHE A 65 3.91 10.90 2.93
N THR A 66 4.41 10.77 4.14
CA THR A 66 5.83 10.70 4.34
C THR A 66 6.27 9.24 4.43
N ASN A 67 7.57 8.98 4.35
CA ASN A 67 8.08 7.62 4.40
C ASN A 67 7.74 6.94 5.73
N GLU A 68 7.77 7.72 6.81
CA GLU A 68 7.34 7.24 8.13
C GLU A 68 5.85 6.91 8.11
N GLN A 69 5.08 7.81 7.49
CA GLN A 69 3.64 7.64 7.36
C GLN A 69 3.31 6.35 6.63
N ILE A 70 4.04 6.08 5.55
CA ILE A 70 3.78 4.90 4.76
C ILE A 70 4.43 3.64 5.37
N LYS A 71 5.36 3.84 6.29
CA LYS A 71 5.80 2.74 7.14
C LYS A 71 4.58 2.20 7.89
N GLU A 72 3.85 3.14 8.48
CA GLU A 72 2.60 2.83 9.16
C GLU A 72 1.63 2.14 8.21
N ILE A 73 1.30 2.78 7.10
CA ILE A 73 0.35 2.21 6.14
C ILE A 73 0.90 0.98 5.44
N HIS A 74 2.19 0.72 5.58
CA HIS A 74 2.73 -0.48 4.97
C HIS A 74 2.31 -1.69 5.79
N ASP A 75 2.64 -1.68 7.08
CA ASP A 75 2.21 -2.75 7.94
C ASP A 75 0.70 -2.75 8.03
N ALA A 76 0.15 -1.55 7.91
CA ALA A 76 -1.28 -1.34 7.93
C ALA A 76 -1.95 -1.94 6.71
N ALA A 77 -1.52 -1.55 5.53
CA ALA A 77 -2.16 -2.03 4.31
C ALA A 77 -2.00 -3.54 4.18
N THR A 78 -1.06 -4.13 4.93
CA THR A 78 -0.92 -5.58 4.94
C THR A 78 -1.73 -6.24 6.06
N ALA A 79 -1.37 -5.97 7.32
CA ALA A 79 -1.98 -6.64 8.46
C ALA A 79 -3.12 -5.82 9.08
N CYS A 80 -3.30 -4.62 8.54
CA CYS A 80 -4.28 -3.65 9.02
C CYS A 80 -3.85 -3.08 10.37
N ASP A 81 -2.55 -2.82 10.46
CA ASP A 81 -1.93 -2.25 11.66
C ASP A 81 -1.04 -1.09 11.30
N PRO A 82 -1.54 0.16 11.25
CA PRO A 82 -0.70 1.32 10.96
C PRO A 82 0.25 1.64 12.10
N GLU A 83 1.25 0.79 12.27
CA GLU A 83 2.27 0.92 13.31
C GLU A 83 1.61 0.99 14.69
N ALA A 84 0.72 0.04 14.95
CA ALA A 84 0.09 -0.06 16.25
C ALA A 84 1.07 -0.71 17.23
N HIS A 85 1.21 -2.02 17.12
CA HIS A 85 2.25 -2.73 17.86
C HIS A 85 2.86 -3.78 16.95
N HIS A 86 3.08 -3.37 15.71
CA HIS A 86 3.56 -4.25 14.67
C HIS A 86 4.06 -3.40 13.51
N GLU A 87 5.10 -3.86 12.82
CA GLU A 87 5.66 -3.11 11.70
C GLU A 87 6.32 -4.04 10.69
N HIS A 88 6.08 -3.76 9.41
CA HIS A 88 6.74 -4.42 8.30
C HIS A 88 6.48 -5.92 8.30
N ASP A 89 5.21 -6.30 8.29
CA ASP A 89 4.83 -7.69 8.01
C ASP A 89 5.10 -8.01 6.55
N HIS A 90 5.15 -6.95 5.76
CA HIS A 90 5.30 -7.04 4.32
C HIS A 90 6.24 -5.92 3.87
N HIS A 1 14.86 -9.51 -2.05
CA HIS A 1 14.96 -9.24 -3.51
C HIS A 1 15.56 -10.43 -4.24
N HIS A 2 14.69 -11.16 -4.94
CA HIS A 2 15.05 -12.36 -5.65
C HIS A 2 13.78 -13.05 -6.13
N GLN A 3 12.94 -13.44 -5.17
CA GLN A 3 11.63 -14.03 -5.47
C GLN A 3 10.59 -13.47 -4.51
N GLU A 4 10.15 -12.25 -4.77
CA GLU A 4 9.24 -11.56 -3.86
C GLU A 4 7.87 -11.39 -4.47
N LEU A 5 7.74 -10.39 -5.35
CA LEU A 5 6.45 -9.99 -5.92
C LEU A 5 5.45 -9.74 -4.81
N CYS A 6 5.78 -8.78 -3.96
CA CYS A 6 4.88 -8.29 -2.90
C CYS A 6 4.75 -9.28 -1.76
N THR A 7 5.41 -10.44 -1.91
CA THR A 7 5.44 -11.48 -0.88
C THR A 7 4.13 -12.26 -0.83
N LYS A 8 4.22 -13.57 -1.03
CA LYS A 8 3.06 -14.47 -0.97
C LYS A 8 2.06 -14.16 -2.10
N GLY A 9 2.59 -13.55 -3.16
CA GLY A 9 1.83 -13.35 -4.39
C GLY A 9 0.56 -12.55 -4.23
N ASP A 10 -0.34 -12.72 -5.18
CA ASP A 10 -1.59 -11.96 -5.22
C ASP A 10 -2.50 -12.39 -4.08
N ASP A 11 -2.30 -13.59 -3.56
CA ASP A 11 -3.13 -14.09 -2.48
C ASP A 11 -2.93 -13.24 -1.23
N ALA A 12 -1.68 -12.96 -0.90
CA ALA A 12 -1.38 -12.06 0.20
C ALA A 12 -1.86 -10.66 -0.14
N LEU A 13 -1.67 -10.27 -1.39
CA LEU A 13 -2.14 -8.98 -1.87
C LEU A 13 -3.67 -8.90 -1.80
N VAL A 14 -4.33 -10.06 -1.76
CA VAL A 14 -5.78 -10.16 -1.59
C VAL A 14 -6.16 -9.87 -0.15
N THR A 15 -5.43 -10.46 0.79
CA THR A 15 -5.60 -10.12 2.19
C THR A 15 -5.34 -8.62 2.38
N GLU A 16 -4.22 -8.19 1.83
CA GLU A 16 -3.86 -6.78 1.86
C GLU A 16 -4.80 -5.95 1.02
N LEU A 17 -5.57 -6.60 0.14
CA LEU A 17 -6.57 -5.92 -0.66
C LEU A 17 -7.74 -5.53 0.24
N GLU A 18 -8.13 -6.45 1.11
CA GLU A 18 -9.20 -6.20 2.06
C GLU A 18 -8.79 -5.10 3.04
N CYS A 19 -7.50 -5.02 3.33
CA CYS A 19 -6.99 -3.91 4.13
C CYS A 19 -6.85 -2.67 3.24
N ILE A 20 -6.58 -2.93 1.96
CA ILE A 20 -6.40 -1.90 0.94
C ILE A 20 -7.71 -1.19 0.63
N ARG A 21 -8.80 -1.71 1.16
CA ARG A 21 -10.09 -1.00 1.18
C ARG A 21 -10.02 0.29 1.96
N LEU A 22 -8.84 0.58 2.47
CA LEU A 22 -8.54 1.89 2.99
C LEU A 22 -9.43 2.22 4.18
N ARG A 23 -9.77 1.17 4.91
CA ARG A 23 -10.29 1.30 6.25
C ARG A 23 -9.11 1.50 7.18
N ILE A 24 -7.97 1.71 6.55
CA ILE A 24 -6.73 2.08 7.23
C ILE A 24 -6.89 3.45 7.89
N SER A 25 -5.86 3.90 8.59
CA SER A 25 -5.95 5.08 9.44
C SER A 25 -4.99 6.22 9.03
N PRO A 26 -3.75 5.93 8.53
CA PRO A 26 -2.81 6.96 8.04
C PRO A 26 -3.38 7.88 6.96
N GLU A 27 -2.49 8.58 6.24
CA GLU A 27 -2.88 9.40 5.08
C GLU A 27 -3.35 8.52 3.93
N THR A 28 -3.36 7.21 4.19
CA THR A 28 -3.78 6.18 3.25
C THR A 28 -4.86 6.65 2.26
N ASN A 29 -5.97 7.19 2.74
CA ASN A 29 -7.08 7.51 1.85
C ASN A 29 -6.71 8.67 0.93
N ALA A 30 -6.22 9.75 1.50
CA ALA A 30 -5.83 10.91 0.71
C ALA A 30 -4.71 10.55 -0.26
N ALA A 31 -3.63 10.03 0.30
CA ALA A 31 -2.42 9.75 -0.46
C ALA A 31 -2.66 8.74 -1.57
N PHE A 32 -3.04 7.52 -1.23
CA PHE A 32 -3.24 6.48 -2.24
C PHE A 32 -4.35 6.84 -3.22
N ASP A 33 -5.40 7.53 -2.78
CA ASP A 33 -6.49 7.82 -3.69
C ASP A 33 -5.97 8.69 -4.82
N ASN A 34 -5.13 9.65 -4.46
CA ASN A 34 -4.43 10.47 -5.45
C ASN A 34 -3.46 9.63 -6.29
N ALA A 35 -2.76 8.73 -5.61
CA ALA A 35 -1.76 7.87 -6.26
C ALA A 35 -2.39 6.89 -7.23
N VAL A 36 -3.33 6.15 -6.71
CA VAL A 36 -4.06 5.16 -7.46
C VAL A 36 -5.00 5.84 -8.44
N GLN A 37 -5.16 7.14 -8.25
CA GLN A 37 -5.78 8.01 -9.25
C GLN A 37 -4.85 8.19 -10.45
N GLN A 38 -3.55 8.34 -10.17
CA GLN A 38 -2.54 8.41 -11.23
C GLN A 38 -2.62 7.21 -12.15
N LEU A 39 -2.31 6.05 -11.58
CA LEU A 39 -2.29 4.80 -12.37
C LEU A 39 -3.72 4.32 -12.64
N ASN A 40 -4.64 4.83 -11.84
CA ASN A 40 -6.07 4.61 -12.04
C ASN A 40 -6.42 3.15 -12.25
N CYS A 41 -6.31 2.39 -11.18
CA CYS A 41 -6.85 1.04 -11.14
C CYS A 41 -8.24 1.10 -10.56
N LEU A 42 -8.47 2.18 -9.81
CA LEU A 42 -9.62 2.32 -8.91
C LEU A 42 -9.50 1.32 -7.77
N ASN A 43 -8.36 0.65 -7.73
CA ASN A 43 -8.06 -0.36 -6.74
C ASN A 43 -6.59 -0.30 -6.37
N ARG A 44 -6.30 -0.33 -5.07
CA ARG A 44 -4.95 -0.13 -4.59
C ARG A 44 -4.09 -1.37 -4.77
N ALA A 45 -4.71 -2.49 -5.15
CA ALA A 45 -3.96 -3.71 -5.40
C ALA A 45 -3.01 -3.52 -6.57
N CYS A 46 -3.53 -2.98 -7.68
CA CYS A 46 -2.74 -2.65 -8.83
C CYS A 46 -1.58 -1.76 -8.42
N ALA A 47 -1.99 -0.69 -7.76
CA ALA A 47 -1.09 0.32 -7.22
C ALA A 47 0.09 -0.29 -6.45
N TYR A 48 -0.20 -0.94 -5.34
CA TYR A 48 0.84 -1.50 -4.48
C TYR A 48 1.62 -2.56 -5.22
N ARG A 49 0.91 -3.44 -5.93
CA ARG A 49 1.56 -4.57 -6.60
C ARG A 49 2.66 -4.10 -7.55
N LYS A 50 2.41 -3.00 -8.25
CA LYS A 50 3.40 -2.53 -9.18
C LYS A 50 4.51 -1.81 -8.42
N MET A 51 4.17 -1.22 -7.27
CA MET A 51 5.19 -0.66 -6.37
C MET A 51 6.14 -1.75 -5.87
N CYS A 52 5.60 -2.85 -5.34
CA CYS A 52 6.43 -3.94 -4.85
C CYS A 52 7.10 -4.70 -5.98
N ALA A 53 6.61 -4.50 -7.21
CA ALA A 53 7.31 -4.98 -8.40
C ALA A 53 8.43 -4.02 -8.77
N THR A 54 8.10 -2.73 -8.83
CA THR A 54 9.08 -1.70 -9.14
C THR A 54 8.60 -0.33 -8.60
N ASN A 55 7.42 0.12 -9.05
CA ASN A 55 6.82 1.38 -8.61
C ASN A 55 5.64 1.70 -9.52
N ASN A 56 4.81 2.65 -9.10
CA ASN A 56 3.63 3.07 -9.87
C ASN A 56 2.81 4.05 -9.05
N LEU A 57 2.26 3.54 -7.96
CA LEU A 57 1.37 4.33 -7.12
C LEU A 57 2.16 5.29 -6.28
N GLU A 58 3.42 4.93 -6.06
CA GLU A 58 4.25 5.64 -5.10
C GLU A 58 4.44 7.11 -5.45
N GLN A 59 4.14 7.48 -6.68
CA GLN A 59 4.29 8.86 -7.13
C GLN A 59 3.54 9.84 -6.21
N ALA A 60 2.21 9.78 -6.22
CA ALA A 60 1.39 10.75 -5.52
C ALA A 60 1.40 10.53 -4.02
N MET A 61 0.99 9.33 -3.61
CA MET A 61 1.04 8.95 -2.20
C MET A 61 2.37 9.36 -1.53
N SER A 62 3.52 9.07 -2.14
CA SER A 62 4.80 9.41 -1.51
C SER A 62 5.05 10.93 -1.54
N VAL A 63 4.47 11.62 -2.51
CA VAL A 63 4.50 13.09 -2.51
C VAL A 63 3.66 13.62 -1.33
N TYR A 64 2.52 12.98 -1.09
CA TYR A 64 1.60 13.41 -0.06
C TYR A 64 2.11 13.10 1.34
N PHE A 65 2.19 11.82 1.71
CA PHE A 65 2.60 11.45 3.06
C PHE A 65 4.11 11.54 3.24
N THR A 66 4.56 11.12 4.41
CA THR A 66 5.96 11.11 4.72
C THR A 66 6.53 9.70 4.70
N ASN A 67 7.82 9.57 4.98
CA ASN A 67 8.49 8.27 4.96
C ASN A 67 7.94 7.35 6.04
N GLU A 68 7.95 7.84 7.28
CA GLU A 68 7.42 7.09 8.40
C GLU A 68 5.92 6.84 8.23
N GLN A 69 5.26 7.76 7.55
CA GLN A 69 3.84 7.65 7.30
C GLN A 69 3.52 6.40 6.50
N ILE A 70 4.29 6.14 5.45
CA ILE A 70 3.99 5.01 4.60
C ILE A 70 4.57 3.71 5.15
N LYS A 71 5.58 3.80 6.00
CA LYS A 71 5.97 2.61 6.77
C LYS A 71 4.77 2.17 7.60
N GLU A 72 4.11 3.18 8.16
CA GLU A 72 2.90 2.97 8.92
C GLU A 72 1.84 2.30 8.05
N ILE A 73 1.54 2.88 6.89
CA ILE A 73 0.52 2.31 6.00
C ILE A 73 1.03 1.03 5.35
N HIS A 74 2.32 0.76 5.48
CA HIS A 74 2.87 -0.53 5.06
C HIS A 74 2.25 -1.63 5.91
N ASP A 75 2.47 -1.57 7.22
CA ASP A 75 1.95 -2.58 8.10
C ASP A 75 0.47 -2.37 8.31
N ALA A 76 0.05 -1.13 8.11
CA ALA A 76 -1.33 -0.75 8.17
C ALA A 76 -2.13 -1.37 7.03
N ALA A 77 -1.59 -1.38 5.83
CA ALA A 77 -2.34 -1.93 4.71
C ALA A 77 -2.07 -3.42 4.50
N THR A 78 -1.01 -3.94 5.11
CA THR A 78 -0.75 -5.36 5.06
C THR A 78 -1.65 -6.11 6.05
N ALA A 79 -1.64 -5.66 7.30
CA ALA A 79 -2.42 -6.28 8.35
C ALA A 79 -3.73 -5.53 8.58
N CYS A 80 -3.91 -4.42 7.85
CA CYS A 80 -4.97 -3.47 8.14
C CYS A 80 -4.84 -3.03 9.58
N ASP A 81 -3.63 -2.58 9.88
CA ASP A 81 -3.21 -2.30 11.23
C ASP A 81 -2.32 -1.07 11.27
N PRO A 82 -2.90 0.14 11.24
CA PRO A 82 -2.14 1.40 11.33
C PRO A 82 -1.43 1.56 12.66
N GLU A 83 -1.85 0.76 13.63
CA GLU A 83 -1.15 0.66 14.89
C GLU A 83 -0.07 -0.39 14.75
N ALA A 84 -0.52 -1.56 14.29
CA ALA A 84 0.31 -2.71 14.01
C ALA A 84 0.94 -3.25 15.29
N HIS A 85 1.93 -2.52 15.79
CA HIS A 85 2.76 -2.90 16.91
C HIS A 85 4.00 -2.04 16.83
N HIS A 86 4.68 -2.17 15.69
CA HIS A 86 5.75 -1.27 15.26
C HIS A 86 5.93 -1.44 13.76
N GLU A 87 5.76 -0.37 12.99
CA GLU A 87 5.88 -0.45 11.54
C GLU A 87 7.33 -0.65 11.12
N HIS A 88 8.06 0.44 10.93
CA HIS A 88 9.48 0.39 10.59
C HIS A 88 9.70 -0.51 9.36
N ASP A 89 9.50 0.07 8.18
CA ASP A 89 9.54 -0.68 6.91
C ASP A 89 10.66 -1.69 6.86
N HIS A 90 10.31 -2.92 6.52
CA HIS A 90 11.24 -4.04 6.53
C HIS A 90 10.92 -5.02 5.40
N HIS A 1 11.47 -10.42 -11.46
CA HIS A 1 12.81 -10.85 -11.00
C HIS A 1 12.72 -12.12 -10.14
N HIS A 2 11.54 -12.75 -10.15
CA HIS A 2 11.30 -14.02 -9.44
C HIS A 2 11.05 -13.79 -7.95
N GLN A 3 10.04 -14.50 -7.42
CA GLN A 3 9.61 -14.42 -6.01
C GLN A 3 9.18 -13.00 -5.60
N GLU A 4 9.11 -12.12 -6.57
CA GLU A 4 8.61 -10.77 -6.35
C GLU A 4 7.73 -10.37 -7.52
N LEU A 5 7.43 -9.08 -7.65
CA LEU A 5 6.46 -8.61 -8.63
C LEU A 5 5.11 -9.28 -8.34
N CYS A 6 4.89 -9.52 -7.06
CA CYS A 6 3.68 -10.18 -6.58
C CYS A 6 3.56 -11.59 -7.17
N THR A 7 4.46 -12.46 -6.72
CA THR A 7 4.53 -13.84 -7.20
C THR A 7 3.26 -14.62 -6.84
N LYS A 8 2.64 -14.27 -5.73
CA LYS A 8 1.39 -14.88 -5.33
C LYS A 8 0.24 -13.92 -5.63
N GLY A 9 0.18 -13.50 -6.90
CA GLY A 9 -0.67 -12.40 -7.34
C GLY A 9 -2.03 -12.32 -6.67
N ASP A 10 -2.94 -13.20 -7.08
CA ASP A 10 -4.31 -13.17 -6.58
C ASP A 10 -4.36 -13.33 -5.08
N ASP A 11 -3.84 -14.45 -4.59
CA ASP A 11 -3.98 -14.83 -3.19
C ASP A 11 -3.45 -13.75 -2.26
N ALA A 12 -2.19 -13.42 -2.42
CA ALA A 12 -1.51 -12.50 -1.52
C ALA A 12 -2.05 -11.08 -1.67
N LEU A 13 -2.25 -10.63 -2.90
CA LEU A 13 -2.63 -9.24 -3.11
C LEU A 13 -4.10 -9.03 -2.74
N VAL A 14 -4.89 -10.08 -2.88
CA VAL A 14 -6.26 -10.06 -2.39
C VAL A 14 -6.26 -9.94 -0.87
N THR A 15 -5.35 -10.68 -0.23
CA THR A 15 -5.18 -10.59 1.21
C THR A 15 -4.79 -9.15 1.58
N GLU A 16 -3.81 -8.62 0.86
CA GLU A 16 -3.37 -7.25 1.12
C GLU A 16 -4.47 -6.26 0.82
N LEU A 17 -5.25 -6.46 -0.25
CA LEU A 17 -6.27 -5.49 -0.62
C LEU A 17 -7.36 -5.41 0.46
N GLU A 18 -7.69 -6.55 1.08
CA GLU A 18 -8.60 -6.55 2.21
C GLU A 18 -7.93 -5.87 3.40
N CYS A 19 -6.61 -5.93 3.41
CA CYS A 19 -5.81 -5.31 4.45
C CYS A 19 -5.49 -3.86 4.06
N ILE A 20 -5.90 -3.49 2.85
CA ILE A 20 -5.81 -2.11 2.39
C ILE A 20 -7.14 -1.41 2.62
N ARG A 21 -8.20 -2.20 2.63
CA ARG A 21 -9.57 -1.67 2.60
C ARG A 21 -10.05 -1.40 4.02
N LEU A 22 -9.24 -1.75 5.00
CA LEU A 22 -9.61 -1.57 6.41
C LEU A 22 -9.60 -0.09 6.78
N ARG A 23 -9.60 0.75 5.74
CA ARG A 23 -9.51 2.22 5.84
C ARG A 23 -8.14 2.65 6.35
N ILE A 24 -7.39 1.71 6.89
CA ILE A 24 -6.04 1.94 7.38
C ILE A 24 -6.09 2.89 8.59
N SER A 25 -5.67 4.12 8.38
CA SER A 25 -5.71 5.18 9.38
C SER A 25 -4.93 6.40 8.83
N PRO A 26 -3.65 6.20 8.44
CA PRO A 26 -2.82 7.23 7.77
C PRO A 26 -3.45 7.88 6.53
N GLU A 27 -2.63 8.70 5.85
CA GLU A 27 -3.05 9.45 4.65
C GLU A 27 -3.42 8.54 3.49
N THR A 28 -3.32 7.24 3.71
CA THR A 28 -3.65 6.22 2.72
C THR A 28 -4.78 6.64 1.77
N ASN A 29 -5.90 7.07 2.32
CA ASN A 29 -7.09 7.30 1.52
C ASN A 29 -6.81 8.38 0.50
N ALA A 30 -6.38 9.54 0.98
CA ALA A 30 -6.13 10.68 0.11
C ALA A 30 -4.94 10.40 -0.81
N ALA A 31 -3.82 10.03 -0.22
CA ALA A 31 -2.59 9.85 -0.96
C ALA A 31 -2.74 8.82 -2.07
N PHE A 32 -2.98 7.56 -1.70
CA PHE A 32 -3.24 6.52 -2.69
C PHE A 32 -4.41 6.88 -3.60
N ASP A 33 -5.34 7.71 -3.16
CA ASP A 33 -6.45 8.10 -4.01
C ASP A 33 -5.91 8.75 -5.29
N ASN A 34 -5.17 9.84 -5.14
CA ASN A 34 -4.56 10.48 -6.30
C ASN A 34 -3.39 9.68 -6.84
N ALA A 35 -2.78 8.87 -5.98
CA ALA A 35 -1.69 7.98 -6.41
C ALA A 35 -2.21 6.93 -7.38
N VAL A 36 -3.18 6.16 -6.95
CA VAL A 36 -3.79 5.12 -7.76
C VAL A 36 -4.55 5.75 -8.91
N GLN A 37 -4.85 7.03 -8.77
CA GLN A 37 -5.36 7.82 -9.89
C GLN A 37 -4.30 7.87 -10.99
N GLN A 38 -3.02 8.04 -10.59
CA GLN A 38 -1.89 7.96 -11.53
C GLN A 38 -1.84 6.62 -12.25
N LEU A 39 -1.60 5.56 -11.47
CA LEU A 39 -1.43 4.23 -12.06
C LEU A 39 -2.75 3.72 -12.60
N ASN A 40 -3.79 4.49 -12.28
CA ASN A 40 -5.16 4.33 -12.82
C ASN A 40 -5.60 2.89 -12.95
N CYS A 41 -5.19 2.10 -11.97
CA CYS A 41 -5.67 0.76 -11.81
C CYS A 41 -7.04 0.79 -11.15
N LEU A 42 -7.38 1.98 -10.61
CA LEU A 42 -8.59 2.21 -9.84
C LEU A 42 -8.50 1.51 -8.50
N ASN A 43 -8.27 0.21 -8.54
CA ASN A 43 -8.09 -0.59 -7.35
C ASN A 43 -6.75 -0.27 -6.70
N ARG A 44 -6.74 -0.23 -5.38
CA ARG A 44 -5.55 0.19 -4.65
C ARG A 44 -4.58 -0.96 -4.46
N ALA A 45 -5.04 -2.18 -4.70
CA ALA A 45 -4.18 -3.35 -4.65
C ALA A 45 -3.12 -3.29 -5.74
N CYS A 46 -3.45 -2.65 -6.86
CA CYS A 46 -2.51 -2.49 -7.97
C CYS A 46 -1.41 -1.51 -7.57
N ALA A 47 -1.79 -0.58 -6.73
CA ALA A 47 -0.87 0.39 -6.19
C ALA A 47 0.11 -0.28 -5.22
N TYR A 48 -0.42 -1.05 -4.30
CA TYR A 48 0.43 -1.80 -3.39
C TYR A 48 1.05 -3.00 -4.12
N ARG A 49 0.58 -3.26 -5.34
CA ARG A 49 1.30 -4.15 -6.25
C ARG A 49 2.63 -3.49 -6.62
N LYS A 50 2.64 -2.17 -6.86
CA LYS A 50 3.89 -1.41 -6.94
C LYS A 50 4.73 -1.75 -5.76
N MET A 51 4.16 -1.46 -4.60
CA MET A 51 4.83 -1.69 -3.32
C MET A 51 5.41 -3.10 -3.23
N CYS A 52 4.76 -4.03 -3.88
CA CYS A 52 5.18 -5.43 -3.91
C CYS A 52 6.02 -5.74 -5.16
N ALA A 53 6.12 -4.78 -6.06
CA ALA A 53 6.83 -4.96 -7.33
C ALA A 53 7.91 -3.91 -7.56
N THR A 54 7.52 -2.70 -8.01
CA THR A 54 8.51 -1.73 -8.48
C THR A 54 8.01 -0.27 -8.41
N ASN A 55 6.97 0.10 -9.18
CA ASN A 55 6.57 1.51 -9.28
C ASN A 55 5.15 1.65 -9.81
N ASN A 56 4.39 2.57 -9.19
CA ASN A 56 2.98 2.80 -9.52
C ASN A 56 2.47 4.00 -8.74
N LEU A 57 2.18 3.76 -7.47
CA LEU A 57 1.48 4.74 -6.64
C LEU A 57 2.44 5.72 -6.00
N GLU A 58 3.67 5.27 -5.86
CA GLU A 58 4.69 5.97 -5.11
C GLU A 58 4.76 7.47 -5.42
N GLN A 59 4.45 7.84 -6.65
CA GLN A 59 4.53 9.23 -7.08
C GLN A 59 3.68 10.18 -6.20
N ALA A 60 2.35 10.07 -6.30
CA ALA A 60 1.46 11.02 -5.63
C ALA A 60 1.36 10.76 -4.15
N MET A 61 1.27 9.49 -3.79
CA MET A 61 1.26 9.11 -2.39
C MET A 61 2.45 9.74 -1.64
N SER A 62 3.67 9.66 -2.20
CA SER A 62 4.85 10.24 -1.54
C SER A 62 4.76 11.77 -1.54
N VAL A 63 4.11 12.32 -2.56
CA VAL A 63 3.83 13.76 -2.58
C VAL A 63 2.89 14.15 -1.43
N TYR A 64 1.87 13.33 -1.20
CA TYR A 64 0.85 13.63 -0.20
C TYR A 64 1.33 13.31 1.22
N PHE A 65 1.61 12.04 1.50
CA PHE A 65 2.05 11.64 2.83
C PHE A 65 3.57 11.66 2.90
N THR A 66 4.11 11.70 4.10
CA THR A 66 5.55 11.67 4.28
C THR A 66 6.09 10.24 4.37
N ASN A 67 7.40 10.06 4.46
CA ASN A 67 7.97 8.72 4.36
C ASN A 67 7.63 7.85 5.58
N GLU A 68 7.71 8.40 6.78
CA GLU A 68 7.32 7.65 7.97
C GLU A 68 5.83 7.41 7.99
N GLN A 69 5.10 8.29 7.32
CA GLN A 69 3.66 8.14 7.12
C GLN A 69 3.37 6.84 6.36
N ILE A 70 4.12 6.58 5.30
CA ILE A 70 3.91 5.38 4.52
C ILE A 70 4.58 4.17 5.17
N LYS A 71 5.43 4.42 6.15
CA LYS A 71 5.83 3.36 7.08
C LYS A 71 4.60 2.91 7.85
N GLU A 72 3.83 3.88 8.32
CA GLU A 72 2.59 3.60 9.04
C GLU A 72 1.60 2.84 8.16
N ILE A 73 1.43 3.26 6.90
CA ILE A 73 0.51 2.56 5.99
C ILE A 73 1.13 1.26 5.51
N HIS A 74 2.44 1.12 5.66
CA HIS A 74 3.11 -0.13 5.32
C HIS A 74 2.64 -1.22 6.27
N ASP A 75 2.81 -0.98 7.56
CA ASP A 75 2.39 -1.93 8.59
C ASP A 75 0.87 -2.06 8.56
N ALA A 76 0.23 -0.96 8.23
CA ALA A 76 -1.21 -0.90 8.17
C ALA A 76 -1.78 -1.68 7.00
N ALA A 77 -1.12 -1.60 5.87
CA ALA A 77 -1.65 -2.26 4.68
C ALA A 77 -1.11 -3.68 4.56
N THR A 78 -0.13 -4.03 5.38
CA THR A 78 0.37 -5.39 5.43
C THR A 78 -0.30 -6.17 6.57
N ALA A 79 -0.24 -5.63 7.79
CA ALA A 79 -0.80 -6.30 8.96
C ALA A 79 -2.19 -5.76 9.28
N CYS A 80 -2.57 -4.68 8.61
CA CYS A 80 -3.81 -3.97 8.85
C CYS A 80 -3.72 -3.23 10.18
N ASP A 81 -2.51 -2.73 10.44
CA ASP A 81 -2.17 -2.07 11.70
C ASP A 81 -1.37 -0.79 11.44
N PRO A 82 -2.00 0.38 11.39
CA PRO A 82 -1.25 1.64 11.21
C PRO A 82 -0.30 1.93 12.38
N GLU A 83 0.92 1.40 12.28
CA GLU A 83 1.99 1.62 13.25
C GLU A 83 1.70 0.85 14.55
N ALA A 84 0.73 -0.05 14.50
CA ALA A 84 0.38 -0.85 15.68
C ALA A 84 1.40 -1.97 15.87
N HIS A 85 1.90 -2.49 14.77
CA HIS A 85 3.00 -3.45 14.78
C HIS A 85 4.30 -2.68 14.54
N HIS A 86 4.14 -1.40 14.21
CA HIS A 86 5.21 -0.40 14.17
C HIS A 86 5.93 -0.35 12.82
N GLU A 87 5.70 -1.35 11.97
CA GLU A 87 6.30 -1.41 10.64
C GLU A 87 7.80 -1.68 10.69
N HIS A 88 8.26 -2.54 9.80
CA HIS A 88 9.68 -2.73 9.54
C HIS A 88 9.89 -3.65 8.36
N ASP A 89 11.11 -3.70 7.86
CA ASP A 89 11.46 -4.51 6.70
C ASP A 89 11.08 -5.99 6.88
N HIS A 90 11.47 -6.56 8.01
CA HIS A 90 11.19 -7.98 8.28
C HIS A 90 9.79 -8.13 8.86
N HIS A 1 3.75 -11.95 -12.73
CA HIS A 1 2.62 -11.18 -13.29
C HIS A 1 1.28 -11.73 -12.79
N HIS A 2 0.42 -10.84 -12.31
CA HIS A 2 -0.94 -11.19 -11.85
C HIS A 2 -0.90 -12.09 -10.62
N GLN A 3 -0.55 -13.36 -10.81
CA GLN A 3 -0.51 -14.32 -9.72
C GLN A 3 0.59 -13.96 -8.73
N GLU A 4 1.70 -13.45 -9.24
CA GLU A 4 2.82 -13.08 -8.40
C GLU A 4 3.37 -11.71 -8.81
N LEU A 5 3.34 -10.76 -7.88
CA LEU A 5 3.95 -9.45 -8.11
C LEU A 5 4.21 -8.69 -6.81
N CYS A 6 4.29 -9.39 -5.67
CA CYS A 6 4.60 -8.71 -4.41
C CYS A 6 5.03 -9.69 -3.32
N THR A 7 4.14 -9.97 -2.37
CA THR A 7 4.51 -10.73 -1.18
C THR A 7 4.38 -12.24 -1.43
N LYS A 8 3.17 -12.75 -1.29
CA LYS A 8 2.91 -14.18 -1.50
C LYS A 8 1.69 -14.35 -2.39
N GLY A 9 1.93 -14.16 -3.68
CA GLY A 9 0.86 -14.27 -4.65
C GLY A 9 -0.20 -13.19 -4.49
N ASP A 10 -1.21 -13.25 -5.31
CA ASP A 10 -2.32 -12.31 -5.19
C ASP A 10 -3.19 -12.73 -4.01
N ASP A 11 -2.99 -13.95 -3.52
CA ASP A 11 -3.64 -14.39 -2.29
C ASP A 11 -3.30 -13.41 -1.17
N ALA A 12 -2.02 -13.16 -0.99
CA ALA A 12 -1.57 -12.20 -0.01
C ALA A 12 -1.96 -10.79 -0.42
N LEU A 13 -1.74 -10.45 -1.69
CA LEU A 13 -2.01 -9.10 -2.20
C LEU A 13 -3.50 -8.75 -2.12
N VAL A 14 -4.36 -9.76 -2.05
CA VAL A 14 -5.81 -9.57 -1.97
C VAL A 14 -6.28 -9.50 -0.52
N THR A 15 -5.68 -10.31 0.35
CA THR A 15 -5.93 -10.16 1.78
C THR A 15 -5.40 -8.79 2.24
N GLU A 16 -4.20 -8.48 1.79
CA GLU A 16 -3.66 -7.15 1.96
C GLU A 16 -4.60 -6.14 1.35
N LEU A 17 -5.12 -6.43 0.14
CA LEU A 17 -6.06 -5.54 -0.53
C LEU A 17 -7.26 -5.24 0.35
N GLU A 18 -7.79 -6.29 0.97
CA GLU A 18 -8.89 -6.18 1.90
C GLU A 18 -8.55 -5.20 3.01
N CYS A 19 -7.28 -5.15 3.38
CA CYS A 19 -6.83 -4.21 4.40
C CYS A 19 -6.28 -2.92 3.79
N ILE A 20 -6.14 -2.89 2.47
CA ILE A 20 -5.69 -1.71 1.72
C ILE A 20 -6.90 -0.91 1.21
N ARG A 21 -8.09 -1.47 1.45
CA ARG A 21 -9.38 -0.88 1.04
C ARG A 21 -9.63 0.54 1.54
N LEU A 22 -8.64 1.12 2.20
CA LEU A 22 -8.72 2.48 2.67
C LEU A 22 -9.74 2.62 3.78
N ARG A 23 -9.92 1.56 4.53
CA ARG A 23 -10.49 1.63 5.85
C ARG A 23 -9.36 1.50 6.86
N ILE A 24 -8.16 1.72 6.34
CA ILE A 24 -6.92 1.67 7.11
C ILE A 24 -6.94 2.66 8.28
N SER A 25 -6.27 3.80 8.11
CA SER A 25 -6.29 4.87 9.12
C SER A 25 -5.42 6.07 8.70
N PRO A 26 -4.14 5.83 8.30
CA PRO A 26 -3.19 6.92 7.93
C PRO A 26 -3.66 7.80 6.76
N GLU A 27 -2.73 8.55 6.15
CA GLU A 27 -3.07 9.37 4.98
C GLU A 27 -3.38 8.49 3.78
N THR A 28 -3.23 7.19 4.01
CA THR A 28 -3.52 6.16 3.03
C THR A 28 -4.68 6.51 2.10
N ASN A 29 -5.82 6.88 2.67
CA ASN A 29 -7.02 7.07 1.88
C ASN A 29 -6.82 8.20 0.89
N ALA A 30 -6.40 9.36 1.40
CA ALA A 30 -6.20 10.53 0.56
C ALA A 30 -5.08 10.27 -0.43
N ALA A 31 -3.92 9.93 0.12
CA ALA A 31 -2.71 9.76 -0.66
C ALA A 31 -2.89 8.76 -1.79
N PHE A 32 -3.16 7.50 -1.45
CA PHE A 32 -3.34 6.48 -2.49
C PHE A 32 -4.55 6.78 -3.36
N ASP A 33 -5.50 7.56 -2.88
CA ASP A 33 -6.64 7.92 -3.71
C ASP A 33 -6.14 8.64 -4.94
N ASN A 34 -5.44 9.76 -4.75
CA ASN A 34 -4.88 10.48 -5.89
C ASN A 34 -3.64 9.78 -6.46
N ALA A 35 -3.00 8.95 -5.65
CA ALA A 35 -1.87 8.14 -6.12
C ALA A 35 -2.32 7.12 -7.14
N VAL A 36 -3.19 6.25 -6.70
CA VAL A 36 -3.74 5.20 -7.54
C VAL A 36 -4.65 5.79 -8.59
N GLN A 37 -4.98 7.06 -8.42
CA GLN A 37 -5.57 7.87 -9.47
C GLN A 37 -4.58 8.04 -10.62
N GLN A 38 -3.34 8.40 -10.31
CA GLN A 38 -2.28 8.50 -11.34
C GLN A 38 -2.14 7.19 -12.09
N LEU A 39 -1.74 6.16 -11.35
CA LEU A 39 -1.53 4.84 -11.95
C LEU A 39 -2.81 4.34 -12.54
N ASN A 40 -3.92 4.79 -11.96
CA ASN A 40 -5.25 4.40 -12.39
C ASN A 40 -5.35 2.88 -12.43
N CYS A 41 -5.12 2.31 -11.27
CA CYS A 41 -5.17 0.87 -11.10
C CYS A 41 -6.50 0.41 -10.53
N LEU A 42 -7.46 1.34 -10.48
CA LEU A 42 -8.81 1.08 -9.96
C LEU A 42 -8.76 0.82 -8.45
N ASN A 43 -8.21 -0.32 -8.05
CA ASN A 43 -8.05 -0.64 -6.65
C ASN A 43 -6.61 -0.45 -6.22
N ARG A 44 -6.40 -0.28 -4.93
CA ARG A 44 -5.11 0.08 -4.39
C ARG A 44 -4.19 -1.13 -4.29
N ALA A 45 -4.76 -2.31 -4.50
CA ALA A 45 -3.95 -3.54 -4.55
C ALA A 45 -3.04 -3.50 -5.76
N CYS A 46 -3.57 -3.00 -6.86
CA CYS A 46 -2.81 -2.86 -8.10
C CYS A 46 -1.68 -1.85 -7.92
N ALA A 47 -1.93 -0.87 -7.06
CA ALA A 47 -0.93 0.14 -6.75
C ALA A 47 0.25 -0.50 -6.05
N TYR A 48 -0.04 -1.26 -5.00
CA TYR A 48 0.99 -2.02 -4.30
C TYR A 48 1.59 -3.07 -5.23
N ARG A 49 0.77 -3.61 -6.12
CA ARG A 49 1.23 -4.58 -7.13
C ARG A 49 2.43 -4.03 -7.91
N LYS A 50 2.30 -2.81 -8.42
CA LYS A 50 3.34 -2.22 -9.25
C LYS A 50 4.42 -1.66 -8.36
N MET A 51 4.03 -1.25 -7.15
CA MET A 51 4.95 -0.84 -6.10
C MET A 51 5.96 -1.95 -5.80
N CYS A 52 5.44 -3.16 -5.53
CA CYS A 52 6.30 -4.29 -5.22
C CYS A 52 7.08 -4.73 -6.46
N ALA A 53 6.47 -4.59 -7.63
CA ALA A 53 7.16 -4.87 -8.89
C ALA A 53 8.34 -3.93 -9.07
N THR A 54 8.11 -2.64 -8.90
CA THR A 54 9.16 -1.65 -8.98
C THR A 54 8.77 -0.34 -8.28
N ASN A 55 7.57 0.17 -8.61
CA ASN A 55 7.03 1.42 -8.08
C ASN A 55 5.90 1.87 -8.97
N ASN A 56 5.05 2.76 -8.47
CA ASN A 56 3.88 3.20 -9.23
C ASN A 56 3.13 4.26 -8.45
N LEU A 57 2.51 3.83 -7.35
CA LEU A 57 1.70 4.72 -6.52
C LEU A 57 2.51 5.87 -5.96
N GLU A 58 3.82 5.62 -5.85
CA GLU A 58 4.71 6.48 -5.09
C GLU A 58 4.67 7.92 -5.58
N GLN A 59 4.26 8.10 -6.81
CA GLN A 59 4.08 9.42 -7.39
C GLN A 59 3.33 10.36 -6.42
N ALA A 60 2.05 10.09 -6.21
CA ALA A 60 1.22 11.01 -5.43
C ALA A 60 1.32 10.74 -3.96
N MET A 61 0.93 9.54 -3.56
CA MET A 61 1.08 9.11 -2.17
C MET A 61 2.41 9.56 -1.54
N SER A 62 3.54 9.38 -2.23
CA SER A 62 4.82 9.75 -1.61
C SER A 62 5.03 11.28 -1.64
N VAL A 63 4.49 11.96 -2.66
CA VAL A 63 4.47 13.42 -2.63
C VAL A 63 3.62 13.93 -1.47
N TYR A 64 2.53 13.22 -1.19
CA TYR A 64 1.59 13.62 -0.14
C TYR A 64 2.11 13.32 1.26
N PHE A 65 2.17 12.04 1.62
CA PHE A 65 2.56 11.66 2.98
C PHE A 65 4.08 11.57 3.12
N THR A 66 4.55 11.40 4.35
CA THR A 66 5.98 11.30 4.61
C THR A 66 6.43 9.85 4.74
N ASN A 67 7.70 9.66 5.08
CA ASN A 67 8.31 8.33 5.12
C ASN A 67 7.66 7.42 6.15
N GLU A 68 7.70 7.84 7.40
CA GLU A 68 7.13 7.07 8.50
C GLU A 68 5.63 6.84 8.30
N GLN A 69 5.00 7.79 7.63
CA GLN A 69 3.58 7.70 7.31
C GLN A 69 3.29 6.48 6.45
N ILE A 70 4.14 6.20 5.47
CA ILE A 70 3.93 5.07 4.60
C ILE A 70 4.56 3.80 5.18
N LYS A 71 5.42 3.96 6.18
CA LYS A 71 5.81 2.82 7.02
C LYS A 71 4.56 2.31 7.69
N GLU A 72 3.81 3.25 8.27
CA GLU A 72 2.53 2.96 8.87
C GLU A 72 1.68 2.20 7.88
N ILE A 73 1.31 2.85 6.78
CA ILE A 73 0.42 2.25 5.78
C ILE A 73 0.94 0.90 5.30
N HIS A 74 2.25 0.74 5.27
CA HIS A 74 2.83 -0.53 4.85
C HIS A 74 2.32 -1.66 5.76
N ASP A 75 2.58 -1.55 7.05
CA ASP A 75 2.13 -2.58 7.99
C ASP A 75 0.64 -2.41 8.26
N ALA A 76 0.18 -1.17 8.15
CA ALA A 76 -1.21 -0.82 8.33
C ALA A 76 -2.09 -1.46 7.28
N ALA A 77 -1.63 -1.53 6.04
CA ALA A 77 -2.45 -2.05 4.98
C ALA A 77 -2.21 -3.53 4.76
N THR A 78 -1.02 -4.02 5.10
CA THR A 78 -0.73 -5.44 5.03
C THR A 78 -1.44 -6.17 6.16
N ALA A 79 -1.28 -5.67 7.38
CA ALA A 79 -1.86 -6.29 8.55
C ALA A 79 -3.17 -5.63 8.94
N CYS A 80 -3.54 -4.57 8.23
CA CYS A 80 -4.68 -3.74 8.60
C CYS A 80 -4.51 -3.30 10.03
N ASP A 81 -3.31 -2.80 10.28
CA ASP A 81 -2.85 -2.40 11.60
C ASP A 81 -2.28 -0.99 11.53
N PRO A 82 -3.12 0.04 11.37
CA PRO A 82 -2.67 1.42 11.31
C PRO A 82 -2.53 1.99 12.70
N GLU A 83 -2.74 1.12 13.65
CA GLU A 83 -2.42 1.38 15.05
C GLU A 83 -1.03 0.79 15.25
N ALA A 84 -0.22 1.03 14.23
CA ALA A 84 0.99 0.28 13.97
C ALA A 84 2.00 0.34 15.09
N HIS A 85 2.57 -0.81 15.36
CA HIS A 85 3.72 -0.96 16.24
C HIS A 85 4.62 -2.03 15.65
N HIS A 86 4.94 -1.88 14.37
CA HIS A 86 5.64 -2.92 13.63
C HIS A 86 6.22 -2.37 12.31
N GLU A 87 6.23 -1.04 12.18
CA GLU A 87 6.65 -0.37 10.93
C GLU A 87 7.95 -0.94 10.36
N HIS A 88 7.81 -1.88 9.43
CA HIS A 88 8.94 -2.54 8.79
C HIS A 88 9.87 -3.19 9.83
N ASP A 89 9.26 -3.73 10.89
CA ASP A 89 10.01 -4.38 11.98
C ASP A 89 10.92 -3.36 12.67
N HIS A 90 12.16 -3.25 12.19
CA HIS A 90 13.10 -2.19 12.59
C HIS A 90 14.48 -2.51 12.04
N HIS A 1 13.18 -8.72 1.50
CA HIS A 1 12.27 -7.67 2.01
C HIS A 1 11.87 -6.71 0.90
N HIS A 2 10.60 -6.28 0.95
CA HIS A 2 10.03 -5.32 -0.01
C HIS A 2 9.58 -6.03 -1.29
N GLN A 3 9.90 -7.32 -1.41
CA GLN A 3 9.54 -8.07 -2.60
C GLN A 3 8.71 -9.31 -2.26
N GLU A 4 8.22 -9.35 -1.02
CA GLU A 4 7.39 -10.46 -0.57
C GLU A 4 5.92 -10.14 -0.79
N LEU A 5 5.69 -8.90 -1.20
CA LEU A 5 4.35 -8.43 -1.49
C LEU A 5 3.85 -9.06 -2.79
N CYS A 6 4.77 -9.32 -3.70
CA CYS A 6 4.42 -9.78 -5.03
C CYS A 6 4.79 -11.25 -5.22
N THR A 7 4.45 -12.07 -4.24
CA THR A 7 4.81 -13.47 -4.27
C THR A 7 3.56 -14.36 -4.36
N LYS A 8 2.55 -14.07 -3.54
CA LYS A 8 1.35 -14.89 -3.48
C LYS A 8 0.33 -14.49 -4.55
N GLY A 9 0.78 -13.69 -5.51
CA GLY A 9 -0.03 -13.32 -6.66
C GLY A 9 -1.41 -12.80 -6.32
N ASP A 10 -2.42 -13.40 -6.92
CA ASP A 10 -3.81 -12.97 -6.75
C ASP A 10 -4.24 -13.17 -5.30
N ASP A 11 -3.77 -14.24 -4.70
CA ASP A 11 -4.12 -14.58 -3.34
C ASP A 11 -3.68 -13.47 -2.41
N ALA A 12 -2.46 -12.99 -2.62
CA ALA A 12 -1.91 -11.90 -1.85
C ALA A 12 -2.74 -10.63 -2.05
N LEU A 13 -2.99 -10.29 -3.31
CA LEU A 13 -3.62 -9.03 -3.66
C LEU A 13 -5.05 -8.94 -3.11
N VAL A 14 -5.68 -10.08 -2.90
CA VAL A 14 -7.03 -10.13 -2.33
C VAL A 14 -6.98 -10.04 -0.82
N THR A 15 -6.01 -10.73 -0.21
CA THR A 15 -5.80 -10.63 1.23
C THR A 15 -5.42 -9.20 1.58
N GLU A 16 -4.45 -8.66 0.87
CA GLU A 16 -4.04 -7.29 1.07
C GLU A 16 -5.21 -6.38 0.71
N LEU A 17 -5.99 -6.78 -0.30
CA LEU A 17 -7.19 -6.03 -0.70
C LEU A 17 -8.13 -5.80 0.48
N GLU A 18 -8.48 -6.90 1.15
CA GLU A 18 -9.37 -6.86 2.28
C GLU A 18 -8.81 -5.96 3.39
N CYS A 19 -7.48 -5.93 3.48
CA CYS A 19 -6.81 -5.05 4.43
C CYS A 19 -6.73 -3.63 3.85
N ILE A 20 -6.70 -3.57 2.53
CA ILE A 20 -6.58 -2.34 1.76
C ILE A 20 -7.89 -1.57 1.73
N ARG A 21 -8.93 -2.17 2.31
CA ARG A 21 -10.25 -1.53 2.46
C ARG A 21 -10.21 -0.16 3.14
N LEU A 22 -9.01 0.28 3.51
CA LEU A 22 -8.76 1.66 3.83
C LEU A 22 -9.33 2.05 5.19
N ARG A 23 -9.60 1.05 6.00
CA ARG A 23 -9.81 1.24 7.42
C ARG A 23 -8.44 1.30 8.09
N ILE A 24 -7.44 1.48 7.22
CA ILE A 24 -6.04 1.66 7.59
C ILE A 24 -5.89 2.55 8.84
N SER A 25 -5.81 3.87 8.60
CA SER A 25 -5.74 4.91 9.63
C SER A 25 -5.02 6.17 9.09
N PRO A 26 -3.75 6.03 8.61
CA PRO A 26 -2.93 7.14 8.05
C PRO A 26 -3.57 7.91 6.88
N GLU A 27 -2.72 8.70 6.18
CA GLU A 27 -3.16 9.51 5.03
C GLU A 27 -3.47 8.62 3.84
N THR A 28 -3.29 7.33 4.05
CA THR A 28 -3.61 6.30 3.09
C THR A 28 -4.81 6.64 2.20
N ASN A 29 -5.89 7.14 2.79
CA ASN A 29 -7.10 7.38 2.02
C ASN A 29 -6.85 8.47 0.98
N ALA A 30 -6.47 9.64 1.46
CA ALA A 30 -6.21 10.79 0.59
C ALA A 30 -5.08 10.49 -0.39
N ALA A 31 -3.96 10.02 0.15
CA ALA A 31 -2.76 9.81 -0.63
C ALA A 31 -2.98 8.79 -1.74
N PHE A 32 -3.25 7.54 -1.37
CA PHE A 32 -3.47 6.47 -2.35
C PHE A 32 -4.68 6.72 -3.22
N ASP A 33 -5.60 7.56 -2.77
CA ASP A 33 -6.72 7.95 -3.61
C ASP A 33 -6.16 8.61 -4.84
N ASN A 34 -5.39 9.67 -4.60
CA ASN A 34 -4.70 10.39 -5.67
C ASN A 34 -3.62 9.50 -6.32
N ALA A 35 -2.94 8.73 -5.49
CA ALA A 35 -1.84 7.87 -5.95
C ALA A 35 -2.31 6.80 -6.90
N VAL A 36 -3.16 5.92 -6.41
CA VAL A 36 -3.66 4.82 -7.19
C VAL A 36 -4.58 5.35 -8.29
N GLN A 37 -5.00 6.60 -8.14
CA GLN A 37 -5.64 7.33 -9.21
C GLN A 37 -4.69 7.51 -10.41
N GLN A 38 -3.42 7.85 -10.13
CA GLN A 38 -2.42 7.97 -11.21
C GLN A 38 -2.20 6.63 -11.87
N LEU A 39 -1.75 5.67 -11.07
CA LEU A 39 -1.41 4.34 -11.57
C LEU A 39 -2.63 3.64 -12.11
N ASN A 40 -3.77 4.14 -11.63
CA ASN A 40 -5.11 3.65 -11.97
C ASN A 40 -5.17 2.14 -11.93
N CYS A 41 -4.52 1.59 -10.92
CA CYS A 41 -4.43 0.15 -10.72
C CYS A 41 -5.76 -0.47 -10.28
N LEU A 42 -6.85 0.30 -10.37
CA LEU A 42 -8.20 -0.16 -10.00
C LEU A 42 -8.34 -0.42 -8.50
N ASN A 43 -7.20 -0.56 -7.82
CA ASN A 43 -7.17 -0.84 -6.40
C ASN A 43 -5.74 -0.73 -5.89
N ARG A 44 -5.60 -0.48 -4.59
CA ARG A 44 -4.29 -0.28 -3.98
C ARG A 44 -3.44 -1.54 -4.02
N ALA A 45 -4.07 -2.70 -4.25
CA ALA A 45 -3.33 -3.95 -4.33
C ALA A 45 -2.32 -3.89 -5.47
N CYS A 46 -2.79 -3.60 -6.67
CA CYS A 46 -1.92 -3.43 -7.82
C CYS A 46 -0.94 -2.28 -7.57
N ALA A 47 -1.43 -1.27 -6.87
CA ALA A 47 -0.58 -0.14 -6.48
C ALA A 47 0.63 -0.60 -5.68
N TYR A 48 0.38 -1.22 -4.52
CA TYR A 48 1.45 -1.72 -3.65
C TYR A 48 2.25 -2.81 -4.35
N ARG A 49 1.55 -3.60 -5.15
CA ARG A 49 2.20 -4.62 -5.98
C ARG A 49 3.29 -4.00 -6.82
N LYS A 50 3.03 -2.84 -7.41
CA LYS A 50 4.01 -2.26 -8.28
C LYS A 50 5.04 -1.48 -7.48
N MET A 51 4.63 -0.99 -6.31
CA MET A 51 5.59 -0.45 -5.35
C MET A 51 6.66 -1.49 -5.04
N CYS A 52 6.21 -2.71 -4.77
CA CYS A 52 7.10 -3.83 -4.49
C CYS A 52 7.94 -4.19 -5.71
N ALA A 53 7.36 -4.05 -6.89
CA ALA A 53 8.06 -4.33 -8.13
C ALA A 53 9.12 -3.25 -8.42
N THR A 54 8.67 -2.02 -8.64
CA THR A 54 9.57 -0.94 -9.03
C THR A 54 8.93 0.43 -8.77
N ASN A 55 8.12 0.50 -7.71
CA ASN A 55 7.41 1.72 -7.34
C ASN A 55 6.32 2.05 -8.37
N ASN A 56 5.47 3.03 -8.05
CA ASN A 56 4.26 3.27 -8.82
C ASN A 56 3.37 4.21 -8.04
N LEU A 57 2.72 3.66 -7.00
CA LEU A 57 1.80 4.42 -6.18
C LEU A 57 2.46 5.64 -5.57
N GLU A 58 3.74 5.50 -5.32
CA GLU A 58 4.50 6.52 -4.60
C GLU A 58 4.58 7.81 -5.38
N GLN A 59 4.15 7.78 -6.61
CA GLN A 59 4.09 8.98 -7.42
C GLN A 59 3.33 10.10 -6.65
N ALA A 60 2.04 9.93 -6.43
CA ALA A 60 1.24 10.95 -5.78
C ALA A 60 1.27 10.79 -4.27
N MET A 61 0.93 9.60 -3.78
CA MET A 61 1.01 9.30 -2.36
C MET A 61 2.32 9.81 -1.75
N SER A 62 3.47 9.57 -2.39
CA SER A 62 4.74 9.98 -1.78
C SER A 62 4.98 11.48 -1.99
N VAL A 63 4.41 12.06 -3.07
CA VAL A 63 4.37 13.51 -3.19
C VAL A 63 3.50 14.12 -2.07
N TYR A 64 2.49 13.38 -1.63
CA TYR A 64 1.57 13.84 -0.60
C TYR A 64 2.12 13.62 0.80
N PHE A 65 2.29 12.37 1.20
CA PHE A 65 2.75 12.05 2.55
C PHE A 65 4.26 11.93 2.59
N THR A 66 4.81 11.68 3.77
CA THR A 66 6.23 11.50 3.91
C THR A 66 6.60 10.02 3.99
N ASN A 67 7.89 9.69 3.95
CA ASN A 67 8.31 8.30 3.91
C ASN A 67 7.94 7.57 5.21
N GLU A 68 8.00 8.28 6.33
CA GLU A 68 7.59 7.72 7.61
C GLU A 68 6.11 7.38 7.59
N GLN A 69 5.34 8.24 6.92
CA GLN A 69 3.90 8.09 6.84
C GLN A 69 3.53 6.82 6.11
N ILE A 70 4.28 6.49 5.08
CA ILE A 70 3.98 5.30 4.29
C ILE A 70 4.62 4.05 4.90
N LYS A 71 5.60 4.22 5.77
CA LYS A 71 6.03 3.11 6.62
C LYS A 71 4.89 2.73 7.55
N GLU A 72 4.22 3.76 8.04
CA GLU A 72 3.06 3.59 8.88
C GLU A 72 1.96 2.87 8.11
N ILE A 73 1.65 3.35 6.91
CA ILE A 73 0.62 2.71 6.08
C ILE A 73 1.10 1.33 5.60
N HIS A 74 2.40 1.11 5.63
CA HIS A 74 2.95 -0.19 5.26
C HIS A 74 2.44 -1.23 6.24
N ASP A 75 2.77 -1.03 7.52
CA ASP A 75 2.31 -1.95 8.55
C ASP A 75 0.80 -1.88 8.64
N ALA A 76 0.28 -0.67 8.47
CA ALA A 76 -1.14 -0.41 8.49
C ALA A 76 -1.87 -1.22 7.43
N ALA A 77 -1.36 -1.21 6.23
CA ALA A 77 -2.01 -1.91 5.14
C ALA A 77 -1.63 -3.38 5.12
N THR A 78 -0.71 -3.79 6.00
CA THR A 78 -0.36 -5.19 6.12
C THR A 78 -1.23 -5.89 7.17
N ALA A 79 -1.25 -5.33 8.38
CA ALA A 79 -2.01 -5.91 9.48
C ALA A 79 -3.36 -5.24 9.62
N CYS A 80 -3.57 -4.20 8.81
CA CYS A 80 -4.74 -3.32 8.93
C CYS A 80 -4.62 -2.56 10.23
N ASP A 81 -3.37 -2.29 10.55
CA ASP A 81 -2.96 -1.69 11.80
C ASP A 81 -1.66 -0.95 11.56
N PRO A 82 -1.64 0.37 11.66
CA PRO A 82 -0.40 1.13 11.46
C PRO A 82 0.56 0.98 12.65
N GLU A 83 0.64 -0.24 13.18
CA GLU A 83 1.33 -0.54 14.42
C GLU A 83 0.88 0.42 15.51
N ALA A 84 -0.42 0.71 15.51
CA ALA A 84 -1.00 1.68 16.42
C ALA A 84 -0.29 3.03 16.32
N HIS A 85 0.03 3.41 15.08
CA HIS A 85 0.77 4.64 14.79
C HIS A 85 2.19 4.55 15.35
N HIS A 86 2.89 3.50 14.98
CA HIS A 86 4.26 3.28 15.45
C HIS A 86 5.20 2.96 14.30
N GLU A 87 4.63 2.52 13.17
CA GLU A 87 5.39 2.13 11.98
C GLU A 87 6.38 1.02 12.31
N HIS A 88 7.39 0.90 11.43
CA HIS A 88 8.52 -0.01 11.62
C HIS A 88 8.11 -1.47 11.46
N ASP A 89 8.60 -2.07 10.38
CA ASP A 89 8.31 -3.47 10.07
C ASP A 89 9.01 -4.39 11.06
N HIS A 90 10.32 -4.56 10.90
CA HIS A 90 11.12 -5.37 11.80
C HIS A 90 12.47 -4.72 12.03
N HIS A 1 11.44 -8.12 -4.44
CA HIS A 1 12.23 -7.98 -3.20
C HIS A 1 13.22 -9.15 -3.03
N HIS A 2 13.79 -9.60 -4.15
CA HIS A 2 14.79 -10.68 -4.14
C HIS A 2 14.23 -11.94 -3.50
N GLN A 3 13.13 -12.41 -4.06
CA GLN A 3 12.40 -13.56 -3.53
C GLN A 3 11.14 -13.70 -4.35
N GLU A 4 10.47 -12.57 -4.49
CA GLU A 4 9.28 -12.45 -5.32
C GLU A 4 8.93 -10.98 -5.46
N LEU A 5 8.28 -10.63 -6.53
CA LEU A 5 7.58 -9.36 -6.59
C LEU A 5 6.11 -9.63 -6.90
N CYS A 6 5.39 -10.01 -5.84
CA CYS A 6 3.97 -10.30 -5.92
C CYS A 6 3.74 -11.59 -6.70
N THR A 7 4.56 -12.61 -6.42
CA THR A 7 4.47 -13.89 -7.12
C THR A 7 3.30 -14.67 -6.56
N LYS A 8 2.87 -14.28 -5.36
CA LYS A 8 1.71 -14.89 -4.73
C LYS A 8 0.41 -14.42 -5.40
N GLY A 9 0.56 -13.79 -6.55
CA GLY A 9 -0.56 -13.46 -7.41
C GLY A 9 -1.59 -12.56 -6.78
N ASP A 10 -2.80 -12.62 -7.32
CA ASP A 10 -3.91 -11.82 -6.83
C ASP A 10 -4.41 -12.35 -5.50
N ASP A 11 -3.95 -13.53 -5.12
CA ASP A 11 -4.26 -14.09 -3.80
C ASP A 11 -3.70 -13.17 -2.72
N ALA A 12 -2.40 -12.93 -2.81
CA ALA A 12 -1.74 -11.98 -1.91
C ALA A 12 -2.31 -10.59 -2.14
N LEU A 13 -2.55 -10.27 -3.41
CA LEU A 13 -3.12 -8.98 -3.79
C LEU A 13 -4.45 -8.71 -3.06
N VAL A 14 -5.30 -9.73 -2.96
CA VAL A 14 -6.57 -9.61 -2.24
C VAL A 14 -6.32 -9.45 -0.74
N THR A 15 -5.31 -10.16 -0.23
CA THR A 15 -4.92 -10.01 1.17
C THR A 15 -4.63 -8.55 1.48
N GLU A 16 -3.72 -7.97 0.70
CA GLU A 16 -3.40 -6.56 0.80
C GLU A 16 -4.65 -5.68 0.70
N LEU A 17 -5.42 -5.82 -0.38
CA LEU A 17 -6.55 -4.92 -0.61
C LEU A 17 -7.56 -4.98 0.54
N GLU A 18 -7.72 -6.16 1.12
CA GLU A 18 -8.62 -6.34 2.25
C GLU A 18 -8.13 -5.57 3.47
N CYS A 19 -6.82 -5.55 3.67
CA CYS A 19 -6.24 -4.81 4.79
C CYS A 19 -6.02 -3.35 4.41
N ILE A 20 -6.33 -3.03 3.17
CA ILE A 20 -6.36 -1.64 2.71
C ILE A 20 -7.78 -1.06 2.78
N ARG A 21 -8.79 -1.92 2.69
CA ARG A 21 -10.18 -1.47 2.58
C ARG A 21 -10.80 -1.09 3.91
N LEU A 22 -10.20 -1.54 5.01
CA LEU A 22 -10.78 -1.30 6.34
C LEU A 22 -10.56 0.16 6.79
N ARG A 23 -10.42 1.06 5.80
CA ARG A 23 -10.08 2.47 6.03
C ARG A 23 -8.65 2.66 6.52
N ILE A 24 -8.16 1.67 7.26
CA ILE A 24 -6.78 1.62 7.73
C ILE A 24 -6.56 2.58 8.90
N SER A 25 -5.96 3.72 8.62
CA SER A 25 -5.50 4.62 9.66
C SER A 25 -4.93 5.92 9.09
N PRO A 26 -3.95 5.83 8.18
CA PRO A 26 -3.09 6.93 7.78
C PRO A 26 -3.59 7.69 6.54
N GLU A 27 -2.68 8.42 5.87
CA GLU A 27 -3.02 9.16 4.64
C GLU A 27 -3.44 8.23 3.51
N THR A 28 -3.40 6.93 3.78
CA THR A 28 -3.75 5.89 2.82
C THR A 28 -4.85 6.29 1.85
N ASN A 29 -5.97 6.76 2.37
CA ASN A 29 -7.13 7.01 1.54
C ASN A 29 -6.82 8.10 0.53
N ALA A 30 -6.37 9.25 1.03
CA ALA A 30 -6.12 10.39 0.17
C ALA A 30 -4.96 10.13 -0.79
N ALA A 31 -3.84 9.73 -0.22
CA ALA A 31 -2.59 9.58 -0.96
C ALA A 31 -2.66 8.47 -2.00
N PHE A 32 -3.08 7.28 -1.60
CA PHE A 32 -3.29 6.22 -2.57
C PHE A 32 -4.49 6.48 -3.46
N ASP A 33 -5.38 7.40 -3.08
CA ASP A 33 -6.51 7.69 -3.96
C ASP A 33 -6.00 8.36 -5.20
N ASN A 34 -5.13 9.36 -5.03
CA ASN A 34 -4.49 9.98 -6.19
C ASN A 34 -3.32 9.13 -6.70
N ALA A 35 -2.73 8.34 -5.81
CA ALA A 35 -1.67 7.40 -6.21
C ALA A 35 -2.23 6.32 -7.13
N VAL A 36 -3.20 5.58 -6.64
CA VAL A 36 -3.87 4.54 -7.40
C VAL A 36 -4.68 5.16 -8.52
N GLN A 37 -4.95 6.46 -8.40
CA GLN A 37 -5.47 7.25 -9.51
C GLN A 37 -4.48 7.25 -10.68
N GLN A 38 -3.20 7.40 -10.35
CA GLN A 38 -2.13 7.32 -11.36
C GLN A 38 -2.11 5.95 -12.02
N LEU A 39 -1.87 4.93 -11.19
CA LEU A 39 -1.80 3.55 -11.66
C LEU A 39 -3.12 3.18 -12.29
N ASN A 40 -4.14 3.88 -11.83
CA ASN A 40 -5.46 3.84 -12.39
C ASN A 40 -6.06 2.45 -12.21
N CYS A 41 -5.71 1.88 -11.08
CA CYS A 41 -6.23 0.60 -10.67
C CYS A 41 -7.45 0.80 -9.78
N LEU A 42 -8.19 -0.27 -9.53
CA LEU A 42 -9.40 -0.18 -8.72
C LEU A 42 -9.05 -0.40 -7.26
N ASN A 43 -8.32 -1.46 -7.00
CA ASN A 43 -7.85 -1.72 -5.66
C ASN A 43 -6.53 -1.00 -5.41
N ARG A 44 -6.38 -0.53 -4.20
CA ARG A 44 -5.16 0.15 -3.79
C ARG A 44 -4.07 -0.88 -3.58
N ALA A 45 -4.46 -2.15 -3.68
CA ALA A 45 -3.52 -3.25 -3.64
C ALA A 45 -2.57 -3.17 -4.84
N CYS A 46 -3.05 -2.58 -5.92
CA CYS A 46 -2.25 -2.35 -7.13
C CYS A 46 -1.10 -1.40 -6.79
N ALA A 47 -1.43 -0.40 -6.00
CA ALA A 47 -0.44 0.53 -5.51
C ALA A 47 0.61 -0.22 -4.69
N TYR A 48 0.13 -1.07 -3.80
CA TYR A 48 1.00 -1.91 -3.00
C TYR A 48 1.59 -3.05 -3.82
N ARG A 49 1.16 -3.18 -5.06
CA ARG A 49 1.82 -4.07 -6.00
C ARG A 49 3.15 -3.47 -6.36
N LYS A 50 3.21 -2.16 -6.63
CA LYS A 50 4.52 -1.48 -6.74
C LYS A 50 5.31 -1.75 -5.49
N MET A 51 4.69 -1.37 -4.38
CA MET A 51 5.31 -1.55 -3.05
C MET A 51 5.87 -2.96 -2.85
N CYS A 52 5.23 -3.93 -3.48
CA CYS A 52 5.65 -5.32 -3.41
C CYS A 52 6.51 -5.71 -4.62
N ALA A 53 6.54 -4.86 -5.65
CA ALA A 53 7.17 -5.21 -6.92
C ALA A 53 8.21 -4.19 -7.38
N THR A 54 7.76 -3.04 -7.90
CA THR A 54 8.63 -2.18 -8.69
C THR A 54 8.28 -0.68 -8.57
N ASN A 55 7.41 -0.16 -9.44
CA ASN A 55 7.11 1.26 -9.48
C ASN A 55 5.66 1.44 -9.89
N ASN A 56 4.97 2.40 -9.27
CA ASN A 56 3.53 2.54 -9.46
C ASN A 56 2.98 3.66 -8.57
N LEU A 57 2.60 3.32 -7.33
CA LEU A 57 1.87 4.25 -6.47
C LEU A 57 2.73 5.38 -5.96
N GLU A 58 4.03 5.13 -5.97
CA GLU A 58 5.03 6.00 -5.37
C GLU A 58 4.74 7.50 -5.55
N GLN A 59 4.44 7.90 -6.77
CA GLN A 59 4.43 9.30 -7.15
C GLN A 59 3.46 10.18 -6.32
N ALA A 60 2.17 9.98 -6.49
CA ALA A 60 1.17 10.85 -5.85
C ALA A 60 1.15 10.68 -4.35
N MET A 61 0.93 9.44 -3.90
CA MET A 61 0.99 9.12 -2.47
C MET A 61 2.18 9.80 -1.76
N SER A 62 3.39 9.70 -2.32
CA SER A 62 4.57 10.28 -1.67
C SER A 62 4.47 11.80 -1.63
N VAL A 63 3.86 12.38 -2.65
CA VAL A 63 3.56 13.82 -2.62
C VAL A 63 2.72 14.16 -1.39
N TYR A 64 1.72 13.33 -1.11
CA TYR A 64 0.79 13.57 -0.01
C TYR A 64 1.40 13.30 1.36
N PHE A 65 1.92 12.09 1.57
CA PHE A 65 2.40 11.69 2.89
C PHE A 65 3.93 11.68 2.96
N THR A 66 4.46 11.50 4.16
CA THR A 66 5.90 11.40 4.34
C THR A 66 6.35 9.94 4.36
N ASN A 67 7.66 9.71 4.39
CA ASN A 67 8.19 8.35 4.47
C ASN A 67 7.78 7.70 5.78
N GLU A 68 7.64 8.51 6.81
CA GLU A 68 7.18 8.03 8.12
C GLU A 68 5.75 7.53 7.99
N GLN A 69 4.95 8.36 7.34
CA GLN A 69 3.54 8.07 7.13
C GLN A 69 3.37 6.77 6.38
N ILE A 70 4.14 6.59 5.31
CA ILE A 70 4.02 5.40 4.49
C ILE A 70 4.78 4.21 5.09
N LYS A 71 5.57 4.45 6.13
CA LYS A 71 6.01 3.34 6.98
C LYS A 71 4.78 2.75 7.63
N GLU A 72 3.99 3.63 8.25
CA GLU A 72 2.75 3.21 8.86
C GLU A 72 1.88 2.50 7.85
N ILE A 73 1.50 3.19 6.78
CA ILE A 73 0.58 2.62 5.81
C ILE A 73 1.14 1.35 5.20
N HIS A 74 2.45 1.27 5.04
CA HIS A 74 3.04 0.07 4.45
C HIS A 74 2.62 -1.12 5.26
N ASP A 75 2.84 -1.06 6.58
CA ASP A 75 2.46 -2.16 7.43
C ASP A 75 0.97 -2.15 7.69
N ALA A 76 0.43 -0.96 7.89
CA ALA A 76 -0.99 -0.77 8.14
C ALA A 76 -1.85 -1.34 7.03
N ALA A 77 -1.51 -1.03 5.80
CA ALA A 77 -2.32 -1.47 4.67
C ALA A 77 -2.00 -2.89 4.24
N THR A 78 -0.75 -3.33 4.40
CA THR A 78 -0.39 -4.69 4.02
C THR A 78 -0.76 -5.67 5.12
N ALA A 79 -0.34 -5.36 6.34
CA ALA A 79 -0.55 -6.23 7.49
C ALA A 79 -1.77 -5.83 8.29
N CYS A 80 -2.42 -4.74 7.86
CA CYS A 80 -3.55 -4.16 8.57
C CYS A 80 -3.19 -3.88 10.03
N ASP A 81 -2.06 -3.16 10.16
CA ASP A 81 -1.47 -2.80 11.45
C ASP A 81 -2.20 -1.68 12.22
N PRO A 82 -3.12 -0.88 11.63
CA PRO A 82 -3.93 0.05 12.43
C PRO A 82 -4.81 -0.73 13.42
N GLU A 83 -4.82 -2.05 13.23
CA GLU A 83 -5.49 -2.95 14.16
C GLU A 83 -4.47 -3.56 15.11
N ALA A 84 -3.23 -3.15 14.92
CA ALA A 84 -2.10 -3.62 15.70
C ALA A 84 -1.31 -2.42 16.23
N HIS A 85 -0.03 -2.60 16.56
CA HIS A 85 0.76 -1.52 17.15
C HIS A 85 2.24 -1.60 16.74
N HIS A 86 2.51 -1.83 15.45
CA HIS A 86 3.89 -1.88 14.96
C HIS A 86 3.95 -1.61 13.46
N GLU A 87 3.89 -0.34 13.09
CA GLU A 87 3.81 0.04 11.70
C GLU A 87 5.19 -0.03 11.02
N HIS A 88 5.47 -1.21 10.46
CA HIS A 88 6.68 -1.45 9.68
C HIS A 88 7.91 -1.38 10.57
N ASP A 89 8.19 -2.47 11.25
CA ASP A 89 9.39 -2.60 12.05
C ASP A 89 10.62 -2.36 11.18
N HIS A 90 11.37 -1.30 11.52
CA HIS A 90 12.57 -0.90 10.77
C HIS A 90 12.18 -0.25 9.45
N HIS A 1 11.23 -13.75 0.06
CA HIS A 1 11.23 -12.28 -0.10
C HIS A 1 12.37 -11.84 -1.02
N HIS A 2 12.36 -10.56 -1.41
CA HIS A 2 13.39 -9.95 -2.24
C HIS A 2 13.24 -10.38 -3.70
N GLN A 3 13.18 -11.69 -3.94
CA GLN A 3 12.99 -12.21 -5.29
C GLN A 3 11.55 -11.99 -5.72
N GLU A 4 10.64 -12.25 -4.80
CA GLU A 4 9.23 -12.05 -5.03
C GLU A 4 8.83 -10.66 -4.57
N LEU A 5 8.97 -9.67 -5.45
CA LEU A 5 8.58 -8.31 -5.14
C LEU A 5 7.09 -8.11 -5.40
N CYS A 6 6.28 -9.02 -4.85
CA CYS A 6 4.85 -9.04 -5.09
C CYS A 6 4.57 -9.26 -6.58
N THR A 7 4.94 -10.45 -7.03
CA THR A 7 4.77 -10.84 -8.41
C THR A 7 3.91 -12.10 -8.48
N LYS A 8 4.08 -12.96 -7.50
CA LYS A 8 3.26 -14.15 -7.36
C LYS A 8 2.38 -14.00 -6.14
N GLY A 9 1.31 -14.78 -6.08
CA GLY A 9 0.45 -14.73 -4.93
C GLY A 9 -0.48 -13.54 -4.97
N ASP A 10 -1.21 -13.39 -6.07
CA ASP A 10 -2.21 -12.34 -6.18
C ASP A 10 -3.29 -12.56 -5.13
N ASP A 11 -3.39 -13.80 -4.68
CA ASP A 11 -4.27 -14.17 -3.58
C ASP A 11 -3.88 -13.39 -2.33
N ALA A 12 -2.59 -13.23 -2.12
CA ALA A 12 -2.09 -12.50 -0.97
C ALA A 12 -2.29 -11.00 -1.18
N LEU A 13 -2.03 -10.55 -2.40
CA LEU A 13 -2.23 -9.15 -2.77
C LEU A 13 -3.69 -8.75 -2.54
N VAL A 14 -4.59 -9.66 -2.90
CA VAL A 14 -6.02 -9.49 -2.70
C VAL A 14 -6.39 -9.48 -1.22
N THR A 15 -5.78 -10.36 -0.44
CA THR A 15 -6.01 -10.39 0.99
C THR A 15 -5.60 -9.05 1.61
N GLU A 16 -4.37 -8.66 1.34
CA GLU A 16 -3.88 -7.40 1.85
C GLU A 16 -4.62 -6.26 1.18
N LEU A 17 -5.18 -6.52 0.00
CA LEU A 17 -5.96 -5.53 -0.71
C LEU A 17 -7.20 -5.18 0.11
N GLU A 18 -7.81 -6.21 0.68
CA GLU A 18 -8.94 -6.03 1.58
C GLU A 18 -8.49 -5.30 2.85
N CYS A 19 -7.23 -5.48 3.21
CA CYS A 19 -6.66 -4.81 4.36
C CYS A 19 -6.05 -3.47 3.96
N ILE A 20 -6.12 -3.18 2.67
CA ILE A 20 -5.74 -1.86 2.14
C ILE A 20 -6.97 -0.95 2.04
N ARG A 21 -8.09 -1.55 1.66
CA ARG A 21 -9.31 -0.77 1.39
C ARG A 21 -10.08 -0.47 2.66
N LEU A 22 -9.61 -1.00 3.77
CA LEU A 22 -10.23 -0.83 5.07
C LEU A 22 -10.14 0.63 5.55
N ARG A 23 -9.75 1.54 4.65
CA ARG A 23 -9.59 2.97 4.94
C ARG A 23 -8.40 3.22 5.88
N ILE A 24 -7.82 2.15 6.39
CA ILE A 24 -6.61 2.16 7.19
C ILE A 24 -6.66 3.20 8.31
N SER A 25 -5.74 4.16 8.28
CA SER A 25 -5.73 5.24 9.25
C SER A 25 -4.88 6.42 8.74
N PRO A 26 -3.60 6.16 8.34
CA PRO A 26 -2.67 7.21 7.83
C PRO A 26 -3.18 8.00 6.61
N GLU A 27 -2.23 8.62 5.87
CA GLU A 27 -2.57 9.40 4.66
C GLU A 27 -3.14 8.51 3.55
N THR A 28 -3.20 7.22 3.84
CA THR A 28 -3.70 6.21 2.92
C THR A 28 -4.82 6.70 2.02
N ASN A 29 -5.86 7.30 2.59
CA ASN A 29 -7.02 7.69 1.81
C ASN A 29 -6.64 8.72 0.78
N ALA A 30 -6.08 9.84 1.24
CA ALA A 30 -5.72 10.91 0.34
C ALA A 30 -4.68 10.44 -0.67
N ALA A 31 -3.52 10.03 -0.13
CA ALA A 31 -2.37 9.66 -0.95
C ALA A 31 -2.72 8.59 -1.97
N PHE A 32 -3.11 7.41 -1.50
CA PHE A 32 -3.42 6.31 -2.41
C PHE A 32 -4.54 6.69 -3.37
N ASP A 33 -5.46 7.55 -2.95
CA ASP A 33 -6.60 7.84 -3.78
C ASP A 33 -6.18 8.57 -5.03
N ASN A 34 -5.29 9.55 -4.88
CA ASN A 34 -4.79 10.26 -6.06
C ASN A 34 -3.67 9.45 -6.74
N ALA A 35 -3.02 8.59 -5.99
CA ALA A 35 -2.05 7.67 -6.56
C ALA A 35 -2.74 6.64 -7.44
N VAL A 36 -3.63 5.86 -6.85
CA VAL A 36 -4.38 4.86 -7.56
C VAL A 36 -5.26 5.53 -8.61
N GLN A 37 -5.53 6.80 -8.39
CA GLN A 37 -6.12 7.67 -9.40
C GLN A 37 -5.23 7.70 -10.65
N GLN A 38 -3.92 7.83 -10.45
CA GLN A 38 -2.94 7.73 -11.54
C GLN A 38 -3.01 6.39 -12.25
N LEU A 39 -2.65 5.33 -11.51
CA LEU A 39 -2.45 4.02 -12.11
C LEU A 39 -3.77 3.39 -12.50
N ASN A 40 -4.82 3.96 -11.90
CA ASN A 40 -6.21 3.71 -12.28
C ASN A 40 -6.51 2.22 -12.38
N CYS A 41 -5.97 1.49 -11.41
CA CYS A 41 -6.12 0.05 -11.35
C CYS A 41 -7.38 -0.34 -10.57
N LEU A 42 -8.21 0.65 -10.27
CA LEU A 42 -9.43 0.48 -9.49
C LEU A 42 -9.08 0.18 -8.02
N ASN A 43 -8.31 -0.88 -7.79
CA ASN A 43 -7.94 -1.23 -6.43
C ASN A 43 -6.59 -0.63 -6.07
N ARG A 44 -6.46 -0.29 -4.80
CA ARG A 44 -5.25 0.31 -4.27
C ARG A 44 -4.15 -0.74 -4.16
N ALA A 45 -4.50 -1.99 -4.41
CA ALA A 45 -3.54 -3.10 -4.36
C ALA A 45 -2.49 -2.95 -5.46
N CYS A 46 -2.89 -2.34 -6.56
CA CYS A 46 -2.00 -2.08 -7.69
C CYS A 46 -0.95 -1.05 -7.29
N ALA A 47 -1.44 -0.03 -6.61
CA ALA A 47 -0.59 1.01 -6.06
C ALA A 47 0.39 0.39 -5.08
N TYR A 48 -0.15 -0.43 -4.19
CA TYR A 48 0.65 -1.13 -3.21
C TYR A 48 1.53 -2.16 -3.88
N ARG A 49 1.22 -2.50 -5.13
CA ARG A 49 2.09 -3.33 -5.91
C ARG A 49 3.40 -2.60 -6.11
N LYS A 50 3.38 -1.36 -6.62
CA LYS A 50 4.61 -0.56 -6.66
C LYS A 50 5.20 -0.39 -5.28
N MET A 51 4.38 -0.08 -4.31
CA MET A 51 4.88 0.08 -2.94
C MET A 51 5.76 -1.13 -2.55
N CYS A 52 5.41 -2.31 -3.09
CA CYS A 52 6.18 -3.54 -2.85
C CYS A 52 7.21 -3.82 -3.97
N ALA A 53 6.81 -3.57 -5.22
CA ALA A 53 7.58 -3.93 -6.41
C ALA A 53 8.42 -2.77 -6.92
N THR A 54 8.27 -1.64 -6.26
CA THR A 54 8.93 -0.38 -6.60
C THR A 54 8.72 0.04 -8.06
N ASN A 55 7.51 -0.15 -8.62
CA ASN A 55 7.26 0.25 -10.01
C ASN A 55 5.80 0.21 -10.43
N ASN A 56 5.09 1.28 -10.09
CA ASN A 56 3.77 1.57 -10.60
C ASN A 56 3.63 3.09 -10.69
N LEU A 57 2.56 3.64 -10.14
CA LEU A 57 2.31 5.07 -10.28
C LEU A 57 2.58 5.88 -9.02
N GLU A 58 2.97 5.17 -7.97
CA GLU A 58 2.93 5.66 -6.55
C GLU A 58 3.54 7.03 -6.28
N GLN A 59 4.11 7.66 -7.27
CA GLN A 59 4.60 9.02 -7.18
C GLN A 59 3.63 9.92 -6.40
N ALA A 60 2.40 10.01 -6.86
CA ALA A 60 1.38 10.85 -6.21
C ALA A 60 1.24 10.57 -4.72
N MET A 61 0.86 9.34 -4.35
CA MET A 61 0.80 8.95 -2.94
C MET A 61 2.13 9.27 -2.23
N SER A 62 3.26 8.92 -2.84
CA SER A 62 4.57 9.15 -2.21
C SER A 62 4.89 10.65 -2.09
N VAL A 63 4.12 11.48 -2.78
CA VAL A 63 4.19 12.92 -2.59
C VAL A 63 3.37 13.35 -1.38
N TYR A 64 2.16 12.80 -1.28
CA TYR A 64 1.25 13.14 -0.19
C TYR A 64 1.76 12.64 1.16
N PHE A 65 2.22 11.39 1.20
CA PHE A 65 2.81 10.86 2.43
C PHE A 65 4.32 10.87 2.34
N THR A 66 4.97 10.63 3.45
CA THR A 66 6.42 10.55 3.48
C THR A 66 6.87 9.09 3.62
N ASN A 67 8.19 8.87 3.61
CA ASN A 67 8.74 7.51 3.58
C ASN A 67 8.33 6.71 4.81
N GLU A 68 8.60 7.27 5.99
CA GLU A 68 8.22 6.63 7.25
C GLU A 68 6.71 6.45 7.33
N GLN A 69 5.98 7.41 6.79
CA GLN A 69 4.52 7.37 6.79
C GLN A 69 4.01 6.15 6.06
N ILE A 70 4.60 5.85 4.91
CA ILE A 70 4.10 4.76 4.11
C ILE A 70 4.64 3.42 4.59
N LYS A 71 5.72 3.43 5.38
CA LYS A 71 6.06 2.24 6.14
C LYS A 71 4.90 1.93 7.10
N GLU A 72 4.43 2.98 7.76
CA GLU A 72 3.31 2.88 8.68
C GLU A 72 2.09 2.33 7.96
N ILE A 73 1.72 2.92 6.83
CA ILE A 73 0.57 2.44 6.08
C ILE A 73 0.85 1.08 5.47
N HIS A 74 2.12 0.73 5.27
CA HIS A 74 2.45 -0.56 4.69
C HIS A 74 2.01 -1.69 5.61
N ASP A 75 2.43 -1.64 6.87
CA ASP A 75 2.02 -2.66 7.81
C ASP A 75 0.58 -2.45 8.19
N ALA A 76 0.15 -1.21 8.07
CA ALA A 76 -1.23 -0.86 8.29
C ALA A 76 -2.12 -1.44 7.21
N ALA A 77 -1.62 -1.54 5.99
CA ALA A 77 -2.43 -2.02 4.90
C ALA A 77 -2.24 -3.52 4.65
N THR A 78 -1.02 -4.00 4.83
CA THR A 78 -0.76 -5.41 4.63
C THR A 78 -1.31 -6.20 5.82
N ALA A 79 -1.09 -5.68 7.02
CA ALA A 79 -1.61 -6.31 8.21
C ALA A 79 -2.91 -5.69 8.67
N CYS A 80 -3.33 -4.60 7.99
CA CYS A 80 -4.51 -3.84 8.38
C CYS A 80 -4.38 -3.39 9.83
N ASP A 81 -3.19 -2.84 10.10
CA ASP A 81 -2.77 -2.41 11.43
C ASP A 81 -2.14 -1.01 11.40
N PRO A 82 -2.92 0.06 11.39
CA PRO A 82 -2.39 1.41 11.52
C PRO A 82 -2.12 1.78 12.97
N GLU A 83 -2.11 0.74 13.83
CA GLU A 83 -1.49 0.85 15.14
C GLU A 83 0.01 0.73 14.92
N ALA A 84 0.32 0.45 13.66
CA ALA A 84 1.65 0.27 13.13
C ALA A 84 2.26 -1.02 13.65
N HIS A 85 2.05 -2.10 12.92
CA HIS A 85 2.48 -3.43 13.33
C HIS A 85 3.98 -3.61 13.08
N HIS A 86 4.77 -2.72 13.69
CA HIS A 86 6.23 -2.71 13.53
C HIS A 86 6.62 -2.44 12.09
N GLU A 87 6.52 -1.17 11.70
CA GLU A 87 6.71 -0.76 10.32
C GLU A 87 8.16 -0.38 10.04
N HIS A 88 8.86 0.08 11.06
CA HIS A 88 10.23 0.56 10.91
C HIS A 88 11.23 -0.58 10.89
N ASP A 89 11.20 -1.34 9.81
CA ASP A 89 12.10 -2.48 9.63
C ASP A 89 13.50 -2.00 9.23
N HIS A 90 14.46 -2.91 9.34
CA HIS A 90 15.83 -2.62 8.94
C HIS A 90 16.43 -3.85 8.26
#